data_8FFU
#
_entry.id   8FFU
#
_cell.length_a   61.062
_cell.length_b   158.489
_cell.length_c   73.600
_cell.angle_alpha   90.000
_cell.angle_beta   90.020
_cell.angle_gamma   90.000
#
_symmetry.space_group_name_H-M   'P 1 21 1'
#
loop_
_entity.id
_entity.type
_entity.pdbx_description
1 polymer 'Aminotransferase class I/II-fold pyridoxal phosphate-dependent enzyme'
2 polymer 'Aminotransferase class I/II-fold pyridoxal phosphate-dependent enzyme'
3 non-polymer 'MAGNESIUM ION'
4 non-polymer '(2S,4S)-5-carbamimidamido-4-hydroxy-2-[(E)-({3-hydroxy-2-methyl-5-[(phosphonooxy)methyl]pyridin-4-yl}methylidene)amino]pentanoic acid (non-preferred name)'
5 water water
#
loop_
_entity_poly.entity_id
_entity_poly.type
_entity_poly.pdbx_seq_one_letter_code
_entity_poly.pdbx_strand_id
1 'polypeptide(L)'
;MKIQPALLEMWLSEYERVPYNLGESSVDNFTLGELLNLTGDRDALDQLSLMNNDTHGSLRLREAIASLDKSVSPDDILVT
AGTTEAILIYFKVRYRSGANVVVPVPTFHVLYETPAFLGYEVRYLQLRAENGFRIDPQELAKLVDDNTEVIVLNTPQNPS
GVVCSETEIQSIIEIAEKHNAEILADEHYRFLPHDQDTEILPSLYGLSPKIISLGSTGKCFGCIGLRIGWLIGNPEIIKA
CHFFKDYTTHTVCVLNDYIAAGVLLHKGKILPRYRQMIQHNIQQFETFIKQQRGLIDWVKPEAGTIAFPFFTDPNINSKI
VAKRLVEDHGVLLLPGEAFDRPSHFRIALGVEPSLFQYALEKLAIVIETS
;
A,C
2 'polypeptide(L)'
;MKIQPALLEMWLSEYERVPYNLGESSVDNFTLGELLNLTGDRDALDQLSLMNNDTHGSLRLREAIASLDKSVSPDDILVT
AGTTEAILIYFKVRYRSGANVVVPVPTFHVLYETPAFLGYEVRYLQLRAENGFRIDPQELAKLVDDNTEVIVLNTPQNPS
GVVCSETEIQSIIEIAEKHNAEILADEHYRFLPHDQDTEILPSLYGLSPKIISLGSTG(LLP)CFGCIGLRIGWLIGNPE
IIKACHFFKDYTTHTVCVLNDYIAAGVLLHKGKILPRYRQMIQHNIQQFETFIKQQRGLIDWVKPEAGTIAFPFFTDPNI
NSKIVAKRLVEDHGVLLLPGEAFDRPSHFRIALGVEPSLFQYALEKLAIVIETS
;
B,D
#
# COMPACT_ATOMS: atom_id res chain seq x y z
N LEU A 7 -25.75 34.15 5.86
CA LEU A 7 -26.40 34.62 4.64
C LEU A 7 -25.94 33.81 3.44
N LEU A 8 -24.66 33.42 3.44
CA LEU A 8 -24.18 32.52 2.40
C LEU A 8 -24.87 31.17 2.51
N GLU A 9 -25.01 30.64 3.72
CA GLU A 9 -25.75 29.40 3.91
C GLU A 9 -27.25 29.62 3.77
N MET A 10 -27.75 30.81 4.14
CA MET A 10 -29.18 31.05 4.01
C MET A 10 -29.63 31.00 2.57
N TRP A 11 -28.84 31.56 1.65
CA TRP A 11 -29.25 31.61 0.25
C TRP A 11 -29.00 30.28 -0.46
N LEU A 12 -27.80 29.71 -0.31
CA LEU A 12 -27.43 28.54 -1.11
C LEU A 12 -28.20 27.29 -0.69
N SER A 13 -28.74 27.24 0.52
CA SER A 13 -29.53 26.10 0.96
C SER A 13 -31.01 26.25 0.61
N GLU A 14 -31.54 27.47 0.72
CA GLU A 14 -32.94 27.70 0.38
C GLU A 14 -33.21 27.47 -1.09
N TYR A 15 -32.22 27.70 -1.95
CA TYR A 15 -32.34 27.52 -3.39
C TYR A 15 -31.35 26.47 -3.89
N GLU A 16 -31.19 25.39 -3.14
CA GLU A 16 -30.21 24.38 -3.51
C GLU A 16 -30.61 23.63 -4.78
N ARG A 17 -31.91 23.52 -5.05
CA ARG A 17 -32.41 22.70 -6.14
C ARG A 17 -32.85 23.49 -7.36
N VAL A 18 -32.58 24.80 -7.39
CA VAL A 18 -32.94 25.61 -8.55
C VAL A 18 -32.19 25.08 -9.76
N PRO A 19 -32.78 25.13 -10.96
CA PRO A 19 -32.11 24.52 -12.11
C PRO A 19 -30.90 25.29 -12.61
N TYR A 20 -30.82 26.59 -12.33
CA TYR A 20 -29.77 27.46 -12.84
C TYR A 20 -29.05 28.11 -11.67
N ASN A 21 -28.13 27.38 -11.07
CA ASN A 21 -27.49 27.77 -9.81
C ASN A 21 -26.10 28.33 -10.11
N LEU A 22 -25.95 29.63 -9.96
CA LEU A 22 -24.66 30.31 -10.11
C LEU A 22 -24.17 30.92 -8.81
N GLY A 23 -24.72 30.52 -7.68
CA GLY A 23 -24.38 31.11 -6.41
C GLY A 23 -23.31 30.40 -5.62
N GLU A 24 -22.80 29.28 -6.10
CA GLU A 24 -21.80 28.49 -5.42
C GLU A 24 -20.41 28.78 -6.00
N SER A 25 -19.39 28.32 -5.28
CA SER A 25 -17.99 28.56 -5.66
C SER A 25 -17.29 27.30 -6.15
N SER A 26 -17.99 26.20 -6.31
CA SER A 26 -17.42 24.99 -6.89
C SER A 26 -17.71 24.93 -8.38
N VAL A 27 -16.91 24.12 -9.08
CA VAL A 27 -17.14 23.87 -10.49
C VAL A 27 -18.15 22.75 -10.62
N ASP A 28 -18.59 22.48 -11.85
CA ASP A 28 -19.56 21.42 -12.12
C ASP A 28 -19.02 20.07 -11.66
N ASN A 29 -19.70 19.47 -10.67
CA ASN A 29 -19.17 18.28 -9.99
C ASN A 29 -19.41 17.01 -10.80
N PHE A 30 -18.41 16.13 -10.79
CA PHE A 30 -18.52 14.83 -11.45
C PHE A 30 -19.44 13.91 -10.67
N THR A 31 -19.88 12.85 -11.33
CA THR A 31 -20.31 11.67 -10.59
C THR A 31 -19.09 10.83 -10.25
N LEU A 32 -19.27 9.89 -9.33
CA LEU A 32 -18.15 9.03 -8.95
C LEU A 32 -17.66 8.23 -10.14
N GLY A 33 -18.57 7.74 -10.97
CA GLY A 33 -18.18 6.96 -12.13
C GLY A 33 -17.42 7.78 -13.17
N GLU A 34 -17.86 9.01 -13.39
CA GLU A 34 -17.16 9.90 -14.32
C GLU A 34 -15.74 10.16 -13.86
N LEU A 35 -15.56 10.49 -12.58
CA LEU A 35 -14.24 10.81 -12.07
C LEU A 35 -13.32 9.59 -12.10
N LEU A 36 -13.85 8.40 -11.79
CA LEU A 36 -13.01 7.20 -11.79
C LEU A 36 -12.60 6.81 -13.20
N ASN A 37 -13.40 7.17 -14.20
CA ASN A 37 -13.00 6.91 -15.58
C ASN A 37 -11.81 7.79 -15.99
N LEU A 38 -11.56 8.88 -15.29
CA LEU A 38 -10.43 9.75 -15.56
C LEU A 38 -9.20 9.40 -14.72
N THR A 39 -9.40 8.98 -13.48
CA THR A 39 -8.29 8.67 -12.60
C THR A 39 -7.87 7.19 -12.64
N GLY A 40 -8.76 6.30 -13.05
CA GLY A 40 -8.41 4.90 -13.14
C GLY A 40 -8.29 4.18 -11.81
N ASP A 41 -8.85 4.75 -10.74
CA ASP A 41 -8.72 4.19 -9.39
C ASP A 41 -9.81 3.20 -9.02
N ARG A 42 -10.68 2.80 -9.96
CA ARG A 42 -11.87 2.03 -9.60
C ARG A 42 -11.51 0.64 -9.08
N ASP A 43 -10.70 -0.12 -9.83
CA ASP A 43 -10.43 -1.50 -9.46
C ASP A 43 -9.65 -1.62 -8.16
N ALA A 44 -8.96 -0.57 -7.74
CA ALA A 44 -8.19 -0.60 -6.50
C ALA A 44 -9.04 -0.34 -5.26
N LEU A 45 -10.26 0.15 -5.43
CA LEU A 45 -11.06 0.59 -4.28
C LEU A 45 -11.53 -0.58 -3.42
N ASP A 46 -11.88 -1.71 -4.05
CA ASP A 46 -12.47 -2.82 -3.29
C ASP A 46 -11.49 -3.47 -2.32
N GLN A 47 -10.19 -3.34 -2.55
CA GLN A 47 -9.19 -3.90 -1.66
C GLN A 47 -8.78 -2.95 -0.55
N LEU A 48 -9.37 -1.75 -0.50
CA LEU A 48 -9.06 -0.79 0.55
C LEU A 48 -9.74 -1.21 1.83
N SER A 49 -8.99 -1.18 2.94
CA SER A 49 -9.55 -1.58 4.23
C SER A 49 -10.37 -0.46 4.86
N LEU A 50 -11.50 -0.82 5.46
CA LEU A 50 -12.35 0.15 6.13
C LEU A 50 -11.98 0.33 7.59
N MET A 51 -10.81 -0.15 8.00
CA MET A 51 -10.24 0.24 9.26
C MET A 51 -9.84 1.72 9.21
N ASN A 52 -9.43 2.26 10.35
CA ASN A 52 -9.05 3.66 10.41
C ASN A 52 -7.91 3.96 9.45
N ASN A 53 -8.04 5.08 8.74
CA ASN A 53 -7.00 5.58 7.86
C ASN A 53 -5.81 6.06 8.68
N ASP A 54 -4.68 6.26 8.02
CA ASP A 54 -3.59 7.01 8.61
C ASP A 54 -4.12 8.33 9.13
N THR A 55 -3.80 8.65 10.39
CA THR A 55 -4.39 9.82 11.02
C THR A 55 -3.81 11.13 10.48
N HIS A 56 -2.79 11.06 9.63
CA HIS A 56 -2.31 12.21 8.88
C HIS A 56 -2.87 12.25 7.46
N GLY A 57 -3.64 11.25 7.08
CA GLY A 57 -3.89 10.98 5.67
C GLY A 57 -2.91 9.98 5.12
N SER A 58 -3.35 9.22 4.13
CA SER A 58 -2.49 8.19 3.57
C SER A 58 -1.26 8.83 2.92
N LEU A 59 -0.18 8.04 2.84
CA LEU A 59 1.04 8.51 2.17
C LEU A 59 0.78 8.84 0.71
N ARG A 60 -0.07 8.04 0.05
CA ARG A 60 -0.39 8.29 -1.35
C ARG A 60 -0.95 9.70 -1.56
N LEU A 61 -1.87 10.13 -0.69
CA LEU A 61 -2.42 11.48 -0.83
C LEU A 61 -1.39 12.54 -0.46
N ARG A 62 -0.63 12.31 0.60
CA ARG A 62 0.35 13.30 1.05
C ARG A 62 1.50 13.44 0.06
N GLU A 63 1.86 12.36 -0.64
CA GLU A 63 2.89 12.45 -1.68
C GLU A 63 2.38 13.21 -2.89
N ALA A 64 1.14 12.98 -3.30
CA ALA A 64 0.56 13.70 -4.43
C ALA A 64 0.45 15.19 -4.14
N ILE A 65 0.11 15.54 -2.89
CA ILE A 65 0.08 16.94 -2.50
C ILE A 65 1.50 17.51 -2.47
N ALA A 66 2.43 16.77 -1.87
CA ALA A 66 3.80 17.25 -1.76
C ALA A 66 4.46 17.38 -3.12
N SER A 67 4.08 16.52 -4.07
CA SER A 67 4.70 16.56 -5.39
C SER A 67 4.39 17.85 -6.14
N LEU A 68 3.36 18.59 -5.73
CA LEU A 68 2.97 19.80 -6.44
C LEU A 68 3.95 20.95 -6.23
N ASP A 69 4.73 20.93 -5.15
CA ASP A 69 5.64 22.03 -4.86
C ASP A 69 6.93 21.46 -4.28
N LYS A 70 8.06 21.97 -4.78
CA LYS A 70 9.36 21.53 -4.26
C LYS A 70 9.54 21.93 -2.81
N SER A 71 8.87 23.00 -2.38
CA SER A 71 8.98 23.43 -0.99
C SER A 71 8.20 22.55 -0.02
N VAL A 72 7.40 21.59 -0.52
CA VAL A 72 6.52 20.78 0.31
C VAL A 72 7.01 19.34 0.30
N SER A 73 7.15 18.76 1.50
CA SER A 73 7.48 17.36 1.70
C SER A 73 6.27 16.60 2.25
N PRO A 74 6.19 15.29 2.03
CA PRO A 74 4.99 14.54 2.49
C PRO A 74 4.71 14.64 3.98
N ASP A 75 5.74 14.80 4.81
CA ASP A 75 5.53 14.89 6.26
C ASP A 75 5.06 16.26 6.74
N ASP A 76 4.96 17.24 5.85
CA ASP A 76 4.49 18.58 6.23
C ASP A 76 2.97 18.70 6.20
N ILE A 77 2.26 17.64 5.82
CA ILE A 77 0.86 17.71 5.42
C ILE A 77 0.00 16.96 6.43
N LEU A 78 -1.15 17.56 6.76
CA LEU A 78 -2.18 16.93 7.58
C LEU A 78 -3.49 17.00 6.83
N VAL A 79 -3.96 15.86 6.31
CA VAL A 79 -5.22 15.83 5.58
C VAL A 79 -6.38 15.99 6.55
N THR A 80 -7.37 16.78 6.15
CA THR A 80 -8.53 17.09 6.98
C THR A 80 -9.81 16.88 6.17
N ALA A 81 -10.95 16.96 6.85
CA ALA A 81 -12.24 16.81 6.21
C ALA A 81 -12.62 18.18 5.64
N GLY A 82 -12.04 18.48 4.49
CA GLY A 82 -12.14 19.83 3.94
C GLY A 82 -11.26 20.79 4.70
N THR A 83 -11.03 21.98 4.13
CA THR A 83 -10.31 23.00 4.87
C THR A 83 -11.17 23.60 5.98
N THR A 84 -12.48 23.36 5.98
CA THR A 84 -13.32 23.82 7.09
C THR A 84 -12.84 23.23 8.42
N GLU A 85 -12.50 21.94 8.42
CA GLU A 85 -11.94 21.32 9.62
C GLU A 85 -10.54 21.86 9.91
N ALA A 86 -9.73 22.05 8.85
CA ALA A 86 -8.37 22.54 9.03
C ALA A 86 -8.34 23.94 9.63
N ILE A 87 -9.26 24.81 9.18
CA ILE A 87 -9.36 26.14 9.76
C ILE A 87 -9.71 26.07 11.24
N LEU A 88 -10.64 25.16 11.59
CA LEU A 88 -11.08 25.04 12.98
C LEU A 88 -9.94 24.59 13.90
N ILE A 89 -9.23 23.53 13.51
CA ILE A 89 -8.18 23.01 14.37
C ILE A 89 -7.02 23.99 14.46
N TYR A 90 -6.67 24.65 13.35
CA TYR A 90 -5.55 25.59 13.36
C TYR A 90 -5.82 26.75 14.32
N PHE A 91 -6.99 27.38 14.21
CA PHE A 91 -7.31 28.48 15.10
C PHE A 91 -7.46 28.03 16.55
N LYS A 92 -7.93 26.80 16.77
CA LYS A 92 -8.00 26.30 18.14
C LYS A 92 -6.60 26.21 18.74
N VAL A 93 -5.67 25.63 17.99
CA VAL A 93 -4.30 25.43 18.49
C VAL A 93 -3.61 26.76 18.75
N ARG A 94 -3.89 27.79 17.95
CA ARG A 94 -3.21 29.06 18.08
C ARG A 94 -3.86 30.00 19.09
N TYR A 95 -5.04 29.67 19.60
CA TYR A 95 -5.74 30.60 20.47
C TYR A 95 -5.00 30.78 21.79
N ARG A 96 -4.92 32.02 22.23
CA ARG A 96 -4.51 32.36 23.59
C ARG A 96 -5.29 33.60 23.97
N SER A 97 -5.39 33.85 25.27
CA SER A 97 -6.16 34.99 25.74
C SER A 97 -5.49 36.29 25.30
N GLY A 98 -6.30 37.22 24.79
CA GLY A 98 -5.77 38.47 24.29
C GLY A 98 -5.24 38.43 22.88
N ALA A 99 -5.43 37.31 22.16
CA ALA A 99 -4.95 37.22 20.79
C ALA A 99 -5.97 37.81 19.83
N ASN A 100 -5.46 38.35 18.72
CA ASN A 100 -6.32 38.82 17.65
C ASN A 100 -5.86 38.22 16.33
N VAL A 101 -6.76 38.27 15.34
CA VAL A 101 -6.47 37.85 13.98
C VAL A 101 -6.92 38.93 13.02
N VAL A 102 -6.20 39.05 11.90
CA VAL A 102 -6.50 40.03 10.86
C VAL A 102 -7.09 39.28 9.67
N VAL A 103 -8.29 39.67 9.26
CA VAL A 103 -8.99 39.00 8.17
C VAL A 103 -9.41 40.03 7.12
N PRO A 104 -8.84 39.99 5.92
CA PRO A 104 -9.35 40.83 4.84
C PRO A 104 -10.73 40.34 4.39
N VAL A 105 -11.63 41.29 4.20
CA VAL A 105 -12.98 40.98 3.72
C VAL A 105 -13.26 41.83 2.49
N PRO A 106 -14.10 41.37 1.54
CA PRO A 106 -14.86 40.11 1.53
C PRO A 106 -14.02 38.84 1.43
N THR A 107 -14.44 37.82 2.16
CA THR A 107 -13.80 36.51 2.09
C THR A 107 -14.83 35.46 2.52
N PHE A 108 -14.38 34.21 2.57
CA PHE A 108 -15.22 33.13 3.08
C PHE A 108 -15.51 33.33 4.56
N HIS A 109 -16.79 33.26 4.92
CA HIS A 109 -17.22 33.69 6.25
C HIS A 109 -16.57 32.88 7.37
N VAL A 110 -16.23 31.62 7.12
CA VAL A 110 -15.65 30.78 8.16
C VAL A 110 -14.31 31.34 8.64
N LEU A 111 -13.58 32.03 7.76
CA LEU A 111 -12.24 32.50 8.09
C LEU A 111 -12.25 33.53 9.21
N TYR A 112 -13.34 34.27 9.39
CA TYR A 112 -13.46 35.17 10.53
C TYR A 112 -14.52 34.76 11.54
N GLU A 113 -15.46 33.89 11.18
CA GLU A 113 -16.48 33.49 12.15
C GLU A 113 -15.98 32.39 13.08
N THR A 114 -15.19 31.44 12.57
CA THR A 114 -14.59 30.44 13.45
C THR A 114 -13.71 31.08 14.53
N PRO A 115 -12.81 32.02 14.21
CA PRO A 115 -12.03 32.67 15.29
C PRO A 115 -12.89 33.41 16.29
N ALA A 116 -14.01 33.99 15.85
CA ALA A 116 -14.90 34.67 16.79
C ALA A 116 -15.52 33.67 17.76
N PHE A 117 -15.91 32.50 17.25
CA PHE A 117 -16.43 31.43 18.10
C PHE A 117 -15.39 30.99 19.12
N LEU A 118 -14.10 31.00 18.73
CA LEU A 118 -13.01 30.57 19.60
C LEU A 118 -12.51 31.66 20.53
N GLY A 119 -13.10 32.86 20.51
CA GLY A 119 -12.70 33.91 21.42
C GLY A 119 -11.69 34.91 20.90
N TYR A 120 -11.22 34.76 19.66
CA TYR A 120 -10.28 35.71 19.08
C TYR A 120 -10.91 37.10 18.94
N GLU A 121 -10.07 38.13 19.02
CA GLU A 121 -10.42 39.44 18.51
C GLU A 121 -10.19 39.45 16.99
N VAL A 122 -11.20 39.83 16.23
CA VAL A 122 -11.11 39.80 14.77
C VAL A 122 -11.06 41.22 14.23
N ARG A 123 -9.98 41.54 13.51
CA ARG A 123 -9.76 42.86 12.90
C ARG A 123 -9.92 42.74 11.39
N TYR A 124 -10.87 43.48 10.83
CA TYR A 124 -11.20 43.40 9.42
C TYR A 124 -10.46 44.45 8.60
N LEU A 125 -9.83 44.00 7.52
CA LEU A 125 -9.27 44.88 6.50
C LEU A 125 -10.24 44.88 5.33
N GLN A 126 -11.04 45.94 5.24
CA GLN A 126 -12.06 46.04 4.20
C GLN A 126 -11.39 46.23 2.85
N LEU A 127 -11.53 45.24 1.97
CA LEU A 127 -11.09 45.37 0.59
C LEU A 127 -12.22 45.96 -0.24
N ARG A 128 -11.85 46.74 -1.26
CA ARG A 128 -12.83 47.49 -2.03
C ARG A 128 -12.56 47.36 -3.51
N ALA A 129 -13.65 47.36 -4.29
CA ALA A 129 -13.52 47.22 -5.74
C ALA A 129 -12.83 48.43 -6.36
N GLU A 130 -13.01 49.61 -5.77
CA GLU A 130 -12.30 50.80 -6.22
C GLU A 130 -10.79 50.56 -6.23
N ASN A 131 -10.28 49.86 -5.21
CA ASN A 131 -8.86 49.55 -5.12
C ASN A 131 -8.53 48.17 -5.70
N GLY A 132 -9.39 47.63 -6.55
CA GLY A 132 -9.16 46.34 -7.16
C GLY A 132 -9.19 45.17 -6.20
N PHE A 133 -9.82 45.33 -5.04
CA PHE A 133 -9.86 44.30 -4.00
C PHE A 133 -8.45 43.86 -3.59
N ARG A 134 -7.48 44.76 -3.65
CA ARG A 134 -6.12 44.41 -3.32
C ARG A 134 -5.78 44.81 -1.89
N ILE A 135 -4.87 44.06 -1.29
CA ILE A 135 -4.43 44.30 0.07
C ILE A 135 -3.32 45.35 0.05
N ASP A 136 -3.56 46.47 0.72
CA ASP A 136 -2.56 47.52 0.86
C ASP A 136 -1.74 47.23 2.11
N PRO A 137 -0.45 46.87 1.99
CA PRO A 137 0.31 46.48 3.18
C PRO A 137 0.45 47.58 4.21
N GLN A 138 0.40 48.86 3.79
CA GLN A 138 0.44 49.93 4.78
C GLN A 138 -0.84 49.99 5.58
N GLU A 139 -1.96 49.59 4.98
CA GLU A 139 -3.21 49.51 5.73
C GLU A 139 -3.29 48.21 6.52
N LEU A 140 -2.63 47.16 6.05
CA LEU A 140 -2.55 45.91 6.81
C LEU A 140 -1.66 46.09 8.04
N ALA A 141 -0.55 46.82 7.89
CA ALA A 141 0.36 47.04 9.00
C ALA A 141 -0.27 47.83 10.14
N LYS A 142 -1.37 48.53 9.88
CA LYS A 142 -2.07 49.24 10.95
C LYS A 142 -2.84 48.31 11.87
N LEU A 143 -3.14 47.09 11.42
CA LEU A 143 -3.97 46.16 12.18
C LEU A 143 -3.19 45.11 12.95
N VAL A 144 -1.88 45.01 12.76
CA VAL A 144 -1.09 43.89 13.28
C VAL A 144 -0.41 44.29 14.60
N ASP A 145 -0.78 43.59 15.68
CA ASP A 145 -0.19 43.74 17.00
C ASP A 145 0.84 42.65 17.27
N ASP A 146 1.51 42.75 18.42
CA ASP A 146 2.19 41.58 18.95
C ASP A 146 1.20 40.54 19.45
N ASN A 147 -0.06 40.95 19.67
CA ASN A 147 -1.13 40.01 19.97
C ASN A 147 -1.74 39.42 18.71
N THR A 148 -1.41 39.96 17.54
CA THR A 148 -1.87 39.36 16.30
C THR A 148 -1.09 38.07 16.08
N GLU A 149 -1.79 36.95 16.09
CA GLU A 149 -1.14 35.66 15.92
C GLU A 149 -1.33 35.10 14.52
N VAL A 150 -2.44 35.44 13.87
CA VAL A 150 -2.77 34.91 12.55
C VAL A 150 -3.18 36.06 11.64
N ILE A 151 -2.66 36.03 10.42
CA ILE A 151 -3.11 36.89 9.34
C ILE A 151 -3.67 35.99 8.26
N VAL A 152 -4.95 36.19 7.92
CA VAL A 152 -5.60 35.36 6.93
C VAL A 152 -5.28 35.90 5.55
N LEU A 153 -4.82 35.02 4.66
CA LEU A 153 -4.43 35.40 3.30
C LEU A 153 -5.11 34.43 2.34
N ASN A 154 -6.32 34.77 1.91
CA ASN A 154 -7.08 33.96 0.96
C ASN A 154 -6.68 34.41 -0.44
N THR A 155 -5.80 33.64 -1.09
CA THR A 155 -5.38 33.92 -2.45
C THR A 155 -5.30 32.60 -3.24
N PRO A 156 -6.00 32.48 -4.37
CA PRO A 156 -6.94 33.43 -4.98
C PRO A 156 -8.12 33.74 -4.07
N GLN A 157 -8.62 34.97 -4.13
CA GLN A 157 -9.67 35.40 -3.22
C GLN A 157 -11.01 34.81 -3.61
N ASN A 158 -11.78 34.43 -2.61
CA ASN A 158 -13.22 34.24 -2.71
C ASN A 158 -13.85 35.42 -1.99
N PRO A 159 -14.73 36.21 -2.60
CA PRO A 159 -15.36 36.06 -3.92
C PRO A 159 -14.71 36.79 -5.09
N SER A 160 -13.66 37.60 -4.89
CA SER A 160 -13.26 38.50 -5.97
C SER A 160 -12.52 37.78 -7.08
N GLY A 161 -11.69 36.79 -6.75
CA GLY A 161 -10.85 36.14 -7.73
C GLY A 161 -9.48 36.75 -7.87
N VAL A 162 -9.16 37.75 -7.06
CA VAL A 162 -7.90 38.47 -7.13
C VAL A 162 -6.77 37.61 -6.57
N VAL A 163 -5.65 37.60 -7.28
CA VAL A 163 -4.45 36.89 -6.86
C VAL A 163 -3.46 37.90 -6.33
N CYS A 164 -2.94 37.65 -5.12
CA CYS A 164 -1.96 38.56 -4.54
C CYS A 164 -0.70 38.60 -5.38
N SER A 165 -0.16 39.80 -5.56
CA SER A 165 1.06 39.92 -6.35
C SER A 165 2.26 39.49 -5.52
N GLU A 166 3.36 39.22 -6.20
CA GLU A 166 4.57 38.79 -5.51
C GLU A 166 5.08 39.86 -4.55
N THR A 167 4.93 41.13 -4.89
CA THR A 167 5.39 42.18 -4.00
C THR A 167 4.46 42.33 -2.80
N GLU A 168 3.15 42.18 -3.02
CA GLU A 168 2.21 42.20 -1.90
C GLU A 168 2.52 41.09 -0.91
N ILE A 169 2.85 39.90 -1.42
CA ILE A 169 3.20 38.79 -0.55
C ILE A 169 4.43 39.13 0.28
N GLN A 170 5.45 39.72 -0.35
CA GLN A 170 6.68 40.01 0.37
C GLN A 170 6.47 41.02 1.49
N SER A 171 5.61 42.02 1.27
CA SER A 171 5.34 42.98 2.32
C SER A 171 4.56 42.34 3.48
N ILE A 172 3.61 41.47 3.16
CA ILE A 172 2.85 40.78 4.20
C ILE A 172 3.74 39.84 4.98
N ILE A 173 4.65 39.15 4.30
CA ILE A 173 5.66 38.33 4.98
C ILE A 173 6.47 39.18 5.94
N GLU A 174 6.81 40.40 5.54
CA GLU A 174 7.63 41.25 6.39
C GLU A 174 6.85 41.73 7.62
N ILE A 175 5.57 42.04 7.45
CA ILE A 175 4.75 42.46 8.60
C ILE A 175 4.57 41.31 9.57
N ALA A 176 4.32 40.10 9.05
CA ALA A 176 4.12 38.96 9.93
C ALA A 176 5.37 38.64 10.72
N GLU A 177 6.51 38.52 10.03
CA GLU A 177 7.76 38.20 10.72
C GLU A 177 8.14 39.28 11.73
N LYS A 178 7.74 40.53 11.48
CA LYS A 178 8.07 41.61 12.40
C LYS A 178 7.32 41.47 13.72
N HIS A 179 6.05 41.07 13.66
CA HIS A 179 5.24 40.89 14.84
C HIS A 179 5.14 39.43 15.27
N ASN A 180 5.92 38.55 14.64
CA ASN A 180 5.92 37.11 14.91
C ASN A 180 4.52 36.54 14.79
N ALA A 181 3.81 36.94 13.74
CA ALA A 181 2.49 36.43 13.45
C ALA A 181 2.57 35.42 12.33
N GLU A 182 1.72 34.40 12.39
CA GLU A 182 1.67 33.41 11.33
C GLU A 182 0.69 33.85 10.25
N ILE A 183 0.91 33.33 9.05
CA ILE A 183 0.08 33.64 7.89
C ILE A 183 -0.65 32.37 7.51
N LEU A 184 -1.98 32.41 7.58
CA LEU A 184 -2.80 31.27 7.18
C LEU A 184 -3.20 31.52 5.74
N ALA A 185 -2.48 30.89 4.82
CA ALA A 185 -2.66 31.11 3.38
C ALA A 185 -3.65 30.07 2.88
N ASP A 186 -4.89 30.50 2.64
CA ASP A 186 -5.93 29.61 2.11
C ASP A 186 -5.80 29.60 0.60
N GLU A 187 -5.10 28.60 0.07
CA GLU A 187 -4.80 28.45 -1.35
C GLU A 187 -5.79 27.52 -2.05
N HIS A 188 -7.08 27.64 -1.70
CA HIS A 188 -8.11 26.76 -2.24
C HIS A 188 -8.08 26.73 -3.77
N TYR A 189 -8.03 27.90 -4.41
CA TYR A 189 -8.25 28.04 -5.84
C TYR A 189 -6.97 28.09 -6.66
N ARG A 190 -5.85 27.67 -6.09
CA ARG A 190 -4.56 27.73 -6.79
C ARG A 190 -4.54 26.89 -8.06
N PHE A 191 -5.47 25.95 -8.21
CA PHE A 191 -5.43 25.03 -9.34
C PHE A 191 -6.02 25.59 -10.63
N LEU A 192 -6.71 26.74 -10.58
CA LEU A 192 -7.36 27.32 -11.75
C LEU A 192 -6.88 28.74 -11.99
N PRO A 193 -5.65 28.93 -12.49
CA PRO A 193 -5.27 30.25 -13.01
C PRO A 193 -6.05 30.54 -14.29
N HIS A 194 -6.24 31.82 -14.55
CA HIS A 194 -6.96 32.23 -15.75
C HIS A 194 -6.00 32.67 -16.87
N THR A 198 0.29 29.80 -16.78
CA THR A 198 0.82 28.86 -15.80
C THR A 198 -0.18 27.72 -15.59
N GLU A 199 0.33 26.52 -15.26
CA GLU A 199 -0.59 25.40 -15.03
C GLU A 199 -1.32 25.57 -13.70
N ILE A 200 -0.57 25.75 -12.61
CA ILE A 200 -1.15 26.02 -11.31
C ILE A 200 -0.33 27.11 -10.64
N LEU A 201 -0.96 27.82 -9.73
CA LEU A 201 -0.21 28.82 -9.00
C LEU A 201 0.67 28.12 -7.97
N PRO A 202 1.89 28.60 -7.75
CA PRO A 202 2.75 27.96 -6.74
C PRO A 202 2.26 28.22 -5.34
N SER A 203 2.52 27.26 -4.46
CA SER A 203 2.15 27.42 -3.06
C SER A 203 3.10 28.39 -2.37
N LEU A 204 2.56 29.15 -1.44
CA LEU A 204 3.33 30.08 -0.63
C LEU A 204 4.06 29.43 0.53
N TYR A 205 3.98 28.11 0.68
CA TYR A 205 4.49 27.48 1.89
C TYR A 205 6.00 27.64 2.05
N GLY A 206 6.74 27.68 0.95
CA GLY A 206 8.17 27.83 1.10
C GLY A 206 8.67 29.24 1.36
N LEU A 207 7.83 30.26 1.18
CA LEU A 207 8.34 31.64 1.17
C LEU A 207 8.68 32.20 2.54
N SER A 208 8.18 31.62 3.63
CA SER A 208 8.47 32.14 4.96
C SER A 208 8.15 31.06 5.98
N PRO A 209 8.88 31.01 7.09
CA PRO A 209 8.57 30.01 8.12
C PRO A 209 7.24 30.23 8.79
N LYS A 210 6.68 31.43 8.69
CA LYS A 210 5.42 31.76 9.34
C LYS A 210 4.20 31.43 8.49
N ILE A 211 4.37 30.83 7.31
CA ILE A 211 3.27 30.57 6.39
C ILE A 211 2.76 29.16 6.60
N ILE A 212 1.45 29.04 6.84
CA ILE A 212 0.74 27.78 6.87
C ILE A 212 -0.23 27.78 5.69
N SER A 213 -0.21 26.72 4.91
CA SER A 213 -0.98 26.64 3.67
C SER A 213 -2.16 25.69 3.83
N LEU A 214 -3.29 26.07 3.26
CA LEU A 214 -4.48 25.24 3.15
C LEU A 214 -4.71 24.94 1.69
N GLY A 215 -5.09 23.68 1.39
CA GLY A 215 -5.43 23.30 0.04
C GLY A 215 -6.57 22.31 0.04
N SER A 216 -7.10 22.06 -1.15
CA SER A 216 -8.21 21.12 -1.28
C SER A 216 -8.45 20.83 -2.75
N THR A 217 -8.95 19.63 -3.02
CA THR A 217 -9.38 19.24 -4.36
C THR A 217 -10.80 19.67 -4.67
N GLY A 218 -11.57 20.08 -3.66
CA GLY A 218 -13.00 20.21 -3.78
C GLY A 218 -13.55 21.17 -4.83
N LYS A 219 -13.16 22.43 -4.76
CA LYS A 219 -13.73 23.43 -5.64
C LYS A 219 -13.17 23.33 -7.06
N CYS A 220 -11.88 23.06 -7.18
CA CYS A 220 -11.21 23.13 -8.48
C CYS A 220 -11.38 21.87 -9.32
N PHE A 221 -11.70 20.72 -8.72
CA PHE A 221 -11.67 19.46 -9.44
C PHE A 221 -13.05 18.83 -9.64
N GLY A 222 -14.12 19.51 -9.25
CA GLY A 222 -15.44 18.93 -9.45
C GLY A 222 -15.76 17.80 -8.51
N CYS A 223 -15.28 17.86 -7.27
CA CYS A 223 -15.52 16.81 -6.29
C CYS A 223 -15.58 17.42 -4.90
N ILE A 224 -16.40 18.47 -4.73
CA ILE A 224 -16.49 19.13 -3.45
C ILE A 224 -16.99 18.18 -2.37
N GLY A 225 -17.82 17.20 -2.77
CA GLY A 225 -18.45 16.30 -1.81
C GLY A 225 -17.53 15.26 -1.20
N LEU A 226 -16.34 15.05 -1.77
CA LEU A 226 -15.41 14.10 -1.17
C LEU A 226 -14.98 14.51 0.22
N ARG A 227 -15.04 15.82 0.53
CA ARG A 227 -14.62 16.37 1.81
C ARG A 227 -13.18 16.01 2.12
N ILE A 228 -12.28 16.47 1.24
CA ILE A 228 -10.85 16.26 1.41
C ILE A 228 -10.15 17.60 1.31
N GLY A 229 -9.41 17.96 2.37
CA GLY A 229 -8.57 19.14 2.38
C GLY A 229 -7.26 18.82 3.06
N TRP A 230 -6.41 19.83 3.22
CA TRP A 230 -5.14 19.58 3.88
C TRP A 230 -4.57 20.87 4.44
N LEU A 231 -3.69 20.70 5.42
CA LEU A 231 -2.96 21.78 6.05
C LEU A 231 -1.47 21.47 5.93
N ILE A 232 -0.67 22.50 5.64
CA ILE A 232 0.77 22.35 5.48
C ILE A 232 1.45 23.26 6.49
N GLY A 233 2.41 22.73 7.24
CA GLY A 233 3.04 23.53 8.27
C GLY A 233 4.29 22.88 8.82
N ASN A 234 4.95 23.60 9.73
CA ASN A 234 6.13 23.09 10.40
C ASN A 234 5.76 21.88 11.25
N PRO A 235 6.74 21.06 11.64
CA PRO A 235 6.41 19.85 12.42
C PRO A 235 5.69 20.13 13.72
N GLU A 236 5.92 21.28 14.35
CA GLU A 236 5.30 21.55 15.64
C GLU A 236 3.84 21.92 15.49
N ILE A 237 3.49 22.68 14.44
CA ILE A 237 2.09 23.02 14.23
C ILE A 237 1.33 21.81 13.69
N ILE A 238 2.01 20.93 12.95
CA ILE A 238 1.37 19.72 12.46
C ILE A 238 1.06 18.78 13.61
N LYS A 239 1.98 18.64 14.56
CA LYS A 239 1.75 17.80 15.73
C LYS A 239 0.60 18.34 16.57
N ALA A 240 0.53 19.66 16.71
CA ALA A 240 -0.51 20.25 17.54
C ALA A 240 -1.88 20.14 16.86
N CYS A 241 -1.92 20.31 15.54
CA CYS A 241 -3.20 20.16 14.85
C CYS A 241 -3.62 18.70 14.78
N HIS A 242 -2.65 17.80 14.57
CA HIS A 242 -2.95 16.37 14.55
C HIS A 242 -3.50 15.90 15.89
N PHE A 243 -2.97 16.45 16.99
CA PHE A 243 -3.47 16.08 18.30
C PHE A 243 -4.94 16.46 18.47
N PHE A 244 -5.28 17.70 18.11
CA PHE A 244 -6.64 18.16 18.35
C PHE A 244 -7.65 17.61 17.36
N LYS A 245 -7.22 17.12 16.20
CA LYS A 245 -8.16 16.51 15.26
C LYS A 245 -8.78 15.24 15.83
N ASP A 246 -8.14 14.65 16.85
CA ASP A 246 -8.72 13.51 17.55
C ASP A 246 -10.06 13.85 18.18
N TYR A 247 -10.31 15.14 18.42
CA TYR A 247 -11.52 15.62 19.06
C TYR A 247 -12.45 16.31 18.07
N THR A 248 -12.20 16.18 16.76
CA THR A 248 -13.10 16.72 15.74
C THR A 248 -13.68 15.59 14.89
N THR A 249 -12.87 14.91 14.08
CA THR A 249 -13.33 13.76 13.30
C THR A 249 -12.38 12.58 13.36
N HIS A 250 -11.22 12.73 14.01
CA HIS A 250 -10.20 11.70 14.16
C HIS A 250 -9.52 11.36 12.83
N THR A 251 -10.25 10.79 11.87
CA THR A 251 -9.69 10.45 10.57
C THR A 251 -10.70 10.78 9.47
N VAL A 252 -10.21 10.81 8.23
CA VAL A 252 -11.09 10.82 7.06
C VAL A 252 -11.06 9.42 6.45
N CYS A 253 -12.10 9.10 5.68
CA CYS A 253 -12.22 7.77 5.12
C CYS A 253 -11.12 7.48 4.10
N VAL A 254 -10.63 6.24 4.10
CA VAL A 254 -9.59 5.82 3.17
C VAL A 254 -10.06 5.94 1.72
N LEU A 255 -11.37 5.85 1.47
CA LEU A 255 -11.87 5.98 0.09
C LEU A 255 -11.80 7.41 -0.39
N ASN A 256 -12.33 8.36 0.39
CA ASN A 256 -12.27 9.77 0.03
C ASN A 256 -10.82 10.19 -0.17
N ASP A 257 -9.96 9.78 0.78
CA ASP A 257 -8.53 10.01 0.69
C ASP A 257 -7.97 9.46 -0.62
N TYR A 258 -8.29 8.20 -0.92
CA TYR A 258 -7.71 7.54 -2.09
C TYR A 258 -8.22 8.17 -3.38
N ILE A 259 -9.50 8.52 -3.43
CA ILE A 259 -10.05 9.08 -4.65
C ILE A 259 -9.47 10.46 -4.91
N ALA A 260 -9.31 11.26 -3.85
CA ALA A 260 -8.69 12.57 -3.99
C ALA A 260 -7.23 12.48 -4.42
N ALA A 261 -6.52 11.44 -3.98
CA ALA A 261 -5.12 11.27 -4.40
C ALA A 261 -5.03 11.03 -5.90
N GLY A 262 -5.89 10.18 -6.44
CA GLY A 262 -5.90 9.95 -7.88
C GLY A 262 -6.32 11.17 -8.66
N VAL A 263 -7.15 12.02 -8.05
CA VAL A 263 -7.55 13.26 -8.71
C VAL A 263 -6.34 14.16 -8.94
N LEU A 264 -5.52 14.37 -7.92
CA LEU A 264 -4.33 15.20 -8.08
C LEU A 264 -3.32 14.57 -9.03
N LEU A 265 -3.17 13.25 -8.98
CA LEU A 265 -2.24 12.56 -9.86
C LEU A 265 -2.71 12.53 -11.30
N HIS A 266 -3.98 12.86 -11.56
CA HIS A 266 -4.52 12.95 -12.90
C HIS A 266 -5.12 14.33 -13.15
N LYS A 267 -4.55 15.36 -12.52
CA LYS A 267 -5.08 16.71 -12.66
C LYS A 267 -5.08 17.17 -14.11
N GLY A 268 -4.14 16.67 -14.91
CA GLY A 268 -4.07 17.04 -16.31
C GLY A 268 -5.25 16.57 -17.15
N LYS A 269 -6.01 15.60 -16.66
CA LYS A 269 -7.25 15.20 -17.32
C LYS A 269 -8.46 16.00 -16.87
N ILE A 270 -8.30 16.92 -15.92
CA ILE A 270 -9.45 17.56 -15.30
C ILE A 270 -9.35 19.08 -15.38
N LEU A 271 -8.25 19.63 -14.89
CA LEU A 271 -8.15 21.08 -14.78
C LEU A 271 -8.17 21.82 -16.13
N PRO A 272 -7.50 21.35 -17.19
CA PRO A 272 -7.57 22.09 -18.46
C PRO A 272 -8.99 22.25 -19.00
N ARG A 273 -9.82 21.21 -18.89
CA ARG A 273 -11.19 21.32 -19.39
C ARG A 273 -11.97 22.37 -18.63
N TYR A 274 -11.77 22.46 -17.31
CA TYR A 274 -12.46 23.48 -16.54
C TYR A 274 -11.88 24.86 -16.81
N ARG A 275 -10.58 24.95 -17.08
CA ARG A 275 -9.98 26.23 -17.44
C ARG A 275 -10.63 26.79 -18.70
N GLN A 276 -10.83 25.94 -19.71
CA GLN A 276 -11.50 26.37 -20.93
C GLN A 276 -12.94 26.79 -20.66
N MET A 277 -13.62 26.09 -19.73
CA MET A 277 -14.98 26.47 -19.36
C MET A 277 -15.01 27.84 -18.71
N ILE A 278 -14.06 28.11 -17.82
CA ILE A 278 -14.01 29.40 -17.14
C ILE A 278 -13.66 30.51 -18.13
N GLN A 279 -12.72 30.25 -19.03
CA GLN A 279 -12.28 31.27 -19.97
C GLN A 279 -13.39 31.70 -20.92
N HIS A 280 -14.22 30.76 -21.37
CA HIS A 280 -15.39 31.12 -22.19
C HIS A 280 -16.37 31.97 -21.39
N ASN A 281 -16.58 31.65 -20.11
CA ASN A 281 -17.54 32.39 -19.31
C ASN A 281 -17.03 33.78 -18.94
N ILE A 282 -15.71 33.92 -18.76
CA ILE A 282 -15.14 35.25 -18.58
C ILE A 282 -15.39 36.10 -19.82
N GLN A 283 -15.26 35.51 -21.01
CA GLN A 283 -15.60 36.23 -22.24
C GLN A 283 -17.09 36.57 -22.28
N GLN A 284 -17.94 35.62 -21.91
CA GLN A 284 -19.38 35.88 -21.90
C GLN A 284 -19.75 37.00 -20.95
N PHE A 285 -19.03 37.13 -19.84
CA PHE A 285 -19.36 38.21 -18.92
C PHE A 285 -18.81 39.55 -19.39
N GLU A 286 -17.66 39.55 -20.06
CA GLU A 286 -17.17 40.79 -20.64
C GLU A 286 -18.08 41.29 -21.76
N THR A 287 -18.65 40.37 -22.54
CA THR A 287 -19.71 40.76 -23.46
C THR A 287 -20.89 41.37 -22.72
N PHE A 288 -21.27 40.75 -21.60
CA PHE A 288 -22.41 41.26 -20.82
C PHE A 288 -22.11 42.65 -20.26
N ILE A 289 -20.87 42.88 -19.84
CA ILE A 289 -20.51 44.19 -19.29
C ILE A 289 -20.62 45.26 -20.37
N LYS A 290 -20.18 44.95 -21.58
CA LYS A 290 -20.27 45.90 -22.69
C LYS A 290 -21.72 46.21 -23.04
N GLN A 291 -22.57 45.18 -23.09
CA GLN A 291 -23.98 45.40 -23.42
C GLN A 291 -24.67 46.26 -22.37
N GLN A 292 -24.30 46.12 -21.10
CA GLN A 292 -24.94 46.85 -20.01
C GLN A 292 -24.54 48.31 -19.94
N ARG A 293 -23.48 48.72 -20.64
CA ARG A 293 -23.11 50.11 -20.82
C ARG A 293 -22.96 50.85 -19.49
N GLY A 294 -22.05 50.33 -18.66
CA GLY A 294 -21.70 50.99 -17.42
C GLY A 294 -22.54 50.62 -16.21
N LEU A 295 -23.66 49.91 -16.42
CA LEU A 295 -24.46 49.50 -15.27
C LEU A 295 -23.77 48.41 -14.48
N ILE A 296 -23.08 47.49 -15.16
CA ILE A 296 -22.36 46.39 -14.53
C ILE A 296 -20.87 46.61 -14.74
N ASP A 297 -20.10 46.46 -13.67
CA ASP A 297 -18.65 46.50 -13.74
C ASP A 297 -18.11 45.42 -12.83
N TRP A 298 -16.80 45.17 -12.93
CA TRP A 298 -16.19 44.19 -12.05
C TRP A 298 -14.70 44.46 -11.94
N VAL A 299 -14.10 43.96 -10.86
CA VAL A 299 -12.67 43.74 -10.82
C VAL A 299 -12.42 42.38 -11.48
N LYS A 300 -11.74 42.39 -12.63
CA LYS A 300 -11.58 41.17 -13.40
C LYS A 300 -10.82 40.12 -12.58
N PRO A 301 -11.36 38.90 -12.45
CA PRO A 301 -10.66 37.87 -11.68
C PRO A 301 -9.45 37.32 -12.41
N GLU A 302 -8.45 36.91 -11.62
CA GLU A 302 -7.22 36.34 -12.16
C GLU A 302 -7.11 34.83 -11.98
N ALA A 303 -7.78 34.25 -10.99
CA ALA A 303 -7.74 32.81 -10.79
C ALA A 303 -8.93 32.39 -9.94
N GLY A 304 -9.25 31.11 -10.02
CA GLY A 304 -10.31 30.55 -9.21
C GLY A 304 -11.57 30.25 -10.00
N THR A 305 -12.68 30.18 -9.26
CA THR A 305 -13.95 29.70 -9.78
C THR A 305 -15.06 30.72 -9.71
N ILE A 306 -14.80 31.93 -9.19
CA ILE A 306 -15.84 32.92 -8.92
C ILE A 306 -15.40 34.30 -9.38
N ALA A 307 -16.39 35.19 -9.52
CA ALA A 307 -16.19 36.61 -9.74
C ALA A 307 -17.19 37.37 -8.89
N PHE A 308 -16.90 38.65 -8.63
CA PHE A 308 -17.71 39.48 -7.74
C PHE A 308 -18.07 40.80 -8.41
N PRO A 309 -18.85 40.77 -9.50
CA PRO A 309 -19.23 42.00 -10.18
C PRO A 309 -20.21 42.81 -9.34
N PHE A 310 -20.50 44.02 -9.82
CA PHE A 310 -21.35 44.93 -9.07
C PHE A 310 -22.13 45.84 -10.02
N PHE A 311 -23.20 46.42 -9.49
CA PHE A 311 -23.86 47.52 -10.16
C PHE A 311 -23.10 48.80 -9.82
N THR A 312 -22.90 49.65 -10.82
CA THR A 312 -22.20 50.90 -10.56
C THR A 312 -23.09 51.94 -9.91
N ASP A 313 -24.40 51.77 -9.94
CA ASP A 313 -25.31 52.62 -9.20
C ASP A 313 -25.27 52.21 -7.73
N PRO A 314 -24.89 53.10 -6.81
CA PRO A 314 -24.83 52.72 -5.39
C PRO A 314 -26.19 52.47 -4.78
N ASN A 315 -27.29 52.81 -5.47
CA ASN A 315 -28.61 52.66 -4.89
C ASN A 315 -29.18 51.26 -5.07
N ILE A 316 -28.70 50.50 -6.05
CA ILE A 316 -29.28 49.21 -6.36
C ILE A 316 -28.83 48.18 -5.35
N ASN A 317 -29.79 47.42 -4.81
CA ASN A 317 -29.54 46.33 -3.89
C ASN A 317 -29.55 45.02 -4.69
N SER A 318 -28.44 44.29 -4.65
CA SER A 318 -28.37 43.05 -5.40
C SER A 318 -29.36 42.02 -4.88
N LYS A 319 -29.69 42.06 -3.59
CA LYS A 319 -30.63 41.11 -3.02
C LYS A 319 -32.01 41.25 -3.66
N ILE A 320 -32.42 42.47 -3.98
CA ILE A 320 -33.72 42.65 -4.62
C ILE A 320 -33.68 42.12 -6.04
N VAL A 321 -32.60 42.39 -6.77
CA VAL A 321 -32.47 41.84 -8.11
C VAL A 321 -32.27 40.33 -8.07
N ALA A 322 -31.48 39.84 -7.12
CA ALA A 322 -31.26 38.40 -7.01
C ALA A 322 -32.54 37.66 -6.66
N LYS A 323 -33.39 38.27 -5.84
CA LYS A 323 -34.64 37.61 -5.46
C LYS A 323 -35.56 37.45 -6.66
N ARG A 324 -35.78 38.54 -7.41
CA ARG A 324 -36.63 38.47 -8.59
C ARG A 324 -36.08 37.51 -9.63
N LEU A 325 -34.75 37.42 -9.75
CA LEU A 325 -34.15 36.57 -10.77
C LEU A 325 -34.39 35.08 -10.47
N VAL A 326 -34.34 34.68 -9.20
CA VAL A 326 -34.47 33.27 -8.87
C VAL A 326 -35.93 32.82 -8.84
N GLU A 327 -36.86 33.71 -8.47
CA GLU A 327 -38.25 33.29 -8.38
C GLU A 327 -38.92 33.29 -9.75
N ASP A 328 -38.61 34.27 -10.60
CA ASP A 328 -39.22 34.35 -11.92
C ASP A 328 -38.48 33.53 -12.97
N HIS A 329 -37.20 33.23 -12.78
CA HIS A 329 -36.43 32.53 -13.81
C HIS A 329 -35.70 31.29 -13.30
N GLY A 330 -35.60 31.08 -12.00
CA GLY A 330 -34.90 29.93 -11.48
C GLY A 330 -33.39 30.08 -11.48
N VAL A 331 -32.90 31.30 -11.60
CA VAL A 331 -31.46 31.58 -11.71
C VAL A 331 -30.99 32.17 -10.39
N LEU A 332 -29.98 31.53 -9.79
CA LEU A 332 -29.46 31.96 -8.50
C LEU A 332 -28.10 32.63 -8.66
N LEU A 333 -28.00 33.87 -8.22
CA LEU A 333 -26.75 34.55 -7.98
C LEU A 333 -26.65 34.83 -6.48
N LEU A 334 -25.43 34.84 -5.96
CA LEU A 334 -25.23 35.08 -4.53
C LEU A 334 -25.16 36.58 -4.27
N PRO A 335 -26.16 37.18 -3.62
CA PRO A 335 -26.10 38.63 -3.38
C PRO A 335 -24.96 39.00 -2.45
N GLY A 336 -24.35 40.14 -2.74
CA GLY A 336 -23.14 40.60 -2.05
C GLY A 336 -23.31 40.90 -0.58
N GLU A 337 -24.55 40.97 -0.08
CA GLU A 337 -24.74 41.16 1.36
C GLU A 337 -24.10 40.04 2.16
N ALA A 338 -23.98 38.85 1.58
CA ALA A 338 -23.24 37.76 2.21
C ALA A 338 -21.79 38.12 2.47
N PHE A 339 -21.30 39.21 1.87
CA PHE A 339 -19.95 39.70 2.09
C PHE A 339 -19.94 41.14 2.57
N ASP A 340 -21.09 41.67 2.98
CA ASP A 340 -21.22 43.05 3.40
C ASP A 340 -20.87 44.01 2.25
N ARG A 341 -21.22 43.60 1.03
CA ARG A 341 -21.04 44.41 -0.18
C ARG A 341 -22.35 44.42 -0.96
N PRO A 342 -23.29 45.27 -0.57
CA PRO A 342 -24.65 45.15 -1.12
C PRO A 342 -24.77 45.40 -2.62
N SER A 343 -23.85 46.15 -3.23
CA SER A 343 -23.95 46.38 -4.66
C SER A 343 -23.33 45.26 -5.50
N HIS A 344 -22.52 44.40 -4.90
CA HIS A 344 -21.92 43.31 -5.63
C HIS A 344 -22.82 42.09 -5.65
N PHE A 345 -22.43 41.12 -6.46
CA PHE A 345 -22.99 39.78 -6.40
C PHE A 345 -21.93 38.82 -6.89
N ARG A 346 -21.98 37.59 -6.41
CA ARG A 346 -21.01 36.57 -6.77
C ARG A 346 -21.61 35.66 -7.82
N ILE A 347 -20.82 35.37 -8.85
CA ILE A 347 -21.26 34.53 -9.96
C ILE A 347 -20.24 33.42 -10.13
N ALA A 348 -20.75 32.22 -10.43
CA ALA A 348 -19.90 31.04 -10.60
C ALA A 348 -19.39 30.97 -12.03
N LEU A 349 -18.08 30.73 -12.18
CA LEU A 349 -17.46 30.64 -13.50
C LEU A 349 -17.27 29.22 -14.00
N GLY A 350 -17.30 28.23 -13.11
CA GLY A 350 -17.02 26.87 -13.53
C GLY A 350 -18.24 26.08 -13.92
N VAL A 351 -19.20 26.75 -14.55
CA VAL A 351 -20.42 26.11 -15.02
C VAL A 351 -20.37 26.02 -16.54
N GLU A 352 -21.27 25.22 -17.09
CA GLU A 352 -21.35 25.10 -18.55
C GLU A 352 -21.67 26.46 -19.15
N PRO A 353 -20.98 26.88 -20.21
CA PRO A 353 -21.25 28.22 -20.78
C PRO A 353 -22.69 28.44 -21.24
N SER A 354 -23.40 27.40 -21.68
CA SER A 354 -24.82 27.58 -21.98
C SER A 354 -25.60 27.97 -20.74
N LEU A 355 -25.27 27.37 -19.60
CA LEU A 355 -25.91 27.72 -18.35
C LEU A 355 -25.50 29.11 -17.90
N PHE A 356 -24.20 29.44 -18.02
CA PHE A 356 -23.73 30.77 -17.67
C PHE A 356 -24.41 31.84 -18.51
N GLN A 357 -24.57 31.59 -19.80
CA GLN A 357 -25.18 32.60 -20.68
C GLN A 357 -26.68 32.71 -20.44
N TYR A 358 -27.34 31.57 -20.21
CA TYR A 358 -28.76 31.60 -19.85
C TYR A 358 -29.00 32.51 -18.65
N ALA A 359 -28.11 32.43 -17.65
CA ALA A 359 -28.25 33.27 -16.46
C ALA A 359 -28.09 34.74 -16.80
N LEU A 360 -27.15 35.08 -17.68
CA LEU A 360 -26.97 36.46 -18.07
C LEU A 360 -28.18 36.96 -18.84
N GLU A 361 -28.74 36.10 -19.69
CA GLU A 361 -29.93 36.48 -20.46
C GLU A 361 -31.12 36.77 -19.57
N LYS A 362 -31.28 35.99 -18.50
CA LYS A 362 -32.38 36.28 -17.59
C LYS A 362 -32.05 37.46 -16.69
N LEU A 363 -30.77 37.63 -16.32
CA LEU A 363 -30.36 38.82 -15.59
C LEU A 363 -30.59 40.08 -16.39
N ALA A 364 -30.39 40.02 -17.72
CA ALA A 364 -30.68 41.16 -18.56
C ALA A 364 -32.16 41.49 -18.54
N ILE A 365 -33.01 40.45 -18.55
CA ILE A 365 -34.45 40.66 -18.51
C ILE A 365 -34.86 41.37 -17.22
N VAL A 366 -34.29 40.97 -16.10
CA VAL A 366 -34.63 41.60 -14.82
C VAL A 366 -34.13 43.04 -14.79
N ILE A 367 -32.97 43.31 -15.39
CA ILE A 367 -32.45 44.67 -15.42
C ILE A 367 -33.37 45.57 -16.22
N GLU A 368 -33.80 45.12 -17.39
CA GLU A 368 -34.71 45.91 -18.22
C GLU A 368 -35.99 46.25 -17.46
N THR A 369 -36.68 45.21 -16.98
CA THR A 369 -37.95 45.39 -16.30
C THR A 369 -37.75 45.70 -14.82
N ARG B 17 0.32 -0.39 15.19
CA ARG B 17 0.45 -0.99 13.87
C ARG B 17 0.90 -2.44 13.94
N VAL B 18 0.95 -2.98 15.16
CA VAL B 18 1.31 -4.37 15.39
C VAL B 18 0.29 -5.26 14.69
N PRO B 19 0.69 -6.44 14.20
CA PRO B 19 -0.25 -7.27 13.42
C PRO B 19 -1.38 -7.89 14.23
N TYR B 20 -1.25 -8.02 15.54
CA TYR B 20 -2.24 -8.73 16.35
C TYR B 20 -2.81 -7.72 17.35
N ASN B 21 -3.75 -6.91 16.90
CA ASN B 21 -4.24 -5.78 17.68
C ASN B 21 -5.58 -6.15 18.33
N LEU B 22 -5.55 -6.30 19.65
CA LEU B 22 -6.73 -6.53 20.48
C LEU B 22 -7.01 -5.31 21.34
N GLY B 23 -6.40 -4.18 21.00
CA GLY B 23 -6.48 -2.94 21.74
C GLY B 23 -7.51 -1.96 21.25
N GLU B 24 -8.21 -2.29 20.16
CA GLU B 24 -9.22 -1.42 19.58
C GLU B 24 -10.60 -1.80 20.08
N SER B 25 -11.56 -0.90 19.85
CA SER B 25 -12.94 -1.12 20.27
C SER B 25 -13.85 -1.35 19.07
N SER B 26 -13.30 -1.45 17.88
CA SER B 26 -14.04 -1.82 16.69
C SER B 26 -13.93 -3.32 16.48
N VAL B 27 -14.84 -3.86 15.69
CA VAL B 27 -14.75 -5.26 15.30
C VAL B 27 -13.86 -5.36 14.07
N ASP B 28 -13.56 -6.59 13.65
CA ASP B 28 -12.71 -6.79 12.49
C ASP B 28 -13.30 -6.11 11.26
N ASN B 29 -12.58 -5.12 10.75
CA ASN B 29 -13.11 -4.26 9.71
C ASN B 29 -13.03 -4.91 8.33
N PHE B 30 -14.08 -4.72 7.55
CA PHE B 30 -14.11 -5.20 6.18
C PHE B 30 -13.18 -4.39 5.28
N THR B 31 -12.92 -4.94 4.10
CA THR B 31 -12.53 -4.11 2.99
C THR B 31 -13.81 -3.54 2.36
N LEU B 32 -13.65 -2.56 1.46
CA LEU B 32 -14.82 -1.97 0.81
C LEU B 32 -15.56 -3.00 -0.03
N GLY B 33 -14.83 -3.85 -0.73
CA GLY B 33 -15.47 -4.87 -1.55
C GLY B 33 -16.21 -5.91 -0.72
N GLU B 34 -15.63 -6.32 0.41
CA GLU B 34 -16.29 -7.29 1.28
C GLU B 34 -17.59 -6.73 1.82
N LEU B 35 -17.59 -5.47 2.26
CA LEU B 35 -18.80 -4.88 2.80
C LEU B 35 -19.88 -4.73 1.73
N LEU B 36 -19.48 -4.36 0.51
CA LEU B 36 -20.45 -4.15 -0.56
C LEU B 36 -21.06 -5.47 -1.04
N ASN B 37 -20.33 -6.58 -0.93
CA ASN B 37 -20.89 -7.87 -1.31
C ASN B 37 -22.02 -8.29 -0.39
N LEU B 38 -22.08 -7.74 0.82
CA LEU B 38 -23.18 -8.05 1.74
C LEU B 38 -24.33 -7.07 1.62
N THR B 39 -24.04 -5.79 1.34
CA THR B 39 -25.11 -4.80 1.23
C THR B 39 -25.62 -4.64 -0.19
N GLY B 40 -24.82 -5.00 -1.20
CA GLY B 40 -25.24 -4.92 -2.59
C GLY B 40 -25.30 -3.52 -3.18
N ASP B 41 -24.64 -2.54 -2.56
CA ASP B 41 -24.70 -1.15 -2.99
C ASP B 41 -23.61 -0.76 -4.00
N ARG B 42 -22.85 -1.72 -4.54
CA ARG B 42 -21.67 -1.37 -5.33
C ARG B 42 -22.03 -0.62 -6.61
N ASP B 43 -22.95 -1.17 -7.41
CA ASP B 43 -23.24 -0.59 -8.71
C ASP B 43 -23.92 0.76 -8.62
N ALA B 44 -24.51 1.10 -7.47
CA ALA B 44 -25.21 2.36 -7.32
C ALA B 44 -24.28 3.53 -7.02
N LEU B 45 -23.04 3.24 -6.63
CA LEU B 45 -22.13 4.30 -6.20
C LEU B 45 -21.70 5.18 -7.36
N ASP B 46 -21.55 4.61 -8.56
CA ASP B 46 -21.03 5.37 -9.69
C ASP B 46 -21.99 6.45 -10.18
N GLN B 47 -23.29 6.35 -9.93
CA GLN B 47 -24.23 7.39 -10.33
C GLN B 47 -24.38 8.49 -9.29
N LEU B 48 -23.67 8.40 -8.17
CA LEU B 48 -23.76 9.42 -7.14
C LEU B 48 -22.98 10.66 -7.55
N SER B 49 -23.60 11.82 -7.39
CA SER B 49 -22.97 13.09 -7.71
C SER B 49 -22.06 13.49 -6.56
N LEU B 50 -20.90 14.06 -6.90
CA LEU B 50 -19.93 14.50 -5.91
C LEU B 50 -20.19 15.93 -5.46
N MET B 51 -21.38 16.46 -5.74
CA MET B 51 -21.83 17.70 -5.12
C MET B 51 -22.06 17.45 -3.63
N ASN B 52 -22.31 18.54 -2.91
CA ASN B 52 -22.50 18.45 -1.47
C ASN B 52 -23.67 17.53 -1.11
N ASN B 53 -23.47 16.72 -0.09
CA ASN B 53 -24.53 15.89 0.47
C ASN B 53 -25.57 16.77 1.15
N ASP B 54 -26.74 16.19 1.40
CA ASP B 54 -27.71 16.83 2.29
C ASP B 54 -27.01 17.22 3.59
N THR B 55 -27.22 18.46 4.02
CA THR B 55 -26.52 18.94 5.21
C THR B 55 -27.06 18.33 6.50
N HIS B 56 -28.16 17.59 6.44
CA HIS B 56 -28.62 16.77 7.56
C HIS B 56 -28.25 15.30 7.42
N GLY B 57 -27.62 14.92 6.32
CA GLY B 57 -27.55 13.51 5.94
C GLY B 57 -28.67 13.14 4.99
N SER B 58 -28.39 12.16 4.14
CA SER B 58 -29.35 11.78 3.11
C SER B 58 -30.63 11.25 3.74
N LEU B 59 -31.72 11.37 2.99
CA LEU B 59 -32.99 10.81 3.46
C LEU B 59 -32.89 9.29 3.58
N ARG B 60 -32.23 8.63 2.63
CA ARG B 60 -32.07 7.19 2.69
C ARG B 60 -31.37 6.77 3.98
N LEU B 61 -30.33 7.50 4.36
CA LEU B 61 -29.65 7.19 5.61
C LEU B 61 -30.49 7.59 6.82
N ARG B 62 -31.13 8.76 6.78
CA ARG B 62 -31.92 9.19 7.93
C ARG B 62 -33.16 8.33 8.13
N GLU B 63 -33.76 7.83 7.04
CA GLU B 63 -34.88 6.91 7.17
C GLU B 63 -34.43 5.55 7.70
N ALA B 64 -33.27 5.07 7.24
CA ALA B 64 -32.76 3.79 7.74
C ALA B 64 -32.43 3.86 9.22
N ILE B 65 -31.89 5.00 9.68
CA ILE B 65 -31.63 5.17 11.11
C ILE B 65 -32.94 5.25 11.89
N ALA B 66 -33.89 6.05 11.39
CA ALA B 66 -35.15 6.22 12.10
C ALA B 66 -35.93 4.92 12.20
N SER B 67 -35.82 4.06 11.19
CA SER B 67 -36.59 2.81 11.17
C SER B 67 -36.23 1.90 12.32
N LEU B 68 -35.08 2.11 12.96
CA LEU B 68 -34.61 1.23 14.03
C LEU B 68 -35.42 1.39 15.31
N ASP B 69 -36.08 2.52 15.53
CA ASP B 69 -36.82 2.78 16.75
C ASP B 69 -38.09 3.57 16.44
N LYS B 70 -39.20 3.15 17.04
CA LYS B 70 -40.47 3.81 16.80
C LYS B 70 -40.48 5.24 17.31
N SER B 71 -39.66 5.55 18.31
CA SER B 71 -39.59 6.90 18.85
C SER B 71 -38.77 7.87 17.99
N VAL B 72 -38.11 7.39 16.94
CA VAL B 72 -37.19 8.21 16.15
C VAL B 72 -37.80 8.43 14.77
N SER B 73 -37.86 9.71 14.35
CA SER B 73 -38.32 10.07 13.02
C SER B 73 -37.16 10.57 12.18
N PRO B 74 -37.27 10.46 10.85
CA PRO B 74 -36.15 10.88 9.98
C PRO B 74 -35.75 12.33 10.19
N ASP B 75 -36.68 13.19 10.57
CA ASP B 75 -36.37 14.61 10.75
C ASP B 75 -35.70 14.91 12.08
N ASP B 76 -35.54 13.92 12.95
CA ASP B 76 -34.90 14.12 14.24
C ASP B 76 -33.39 13.95 14.20
N ILE B 77 -32.82 13.61 13.05
CA ILE B 77 -31.48 13.05 12.95
C ILE B 77 -30.55 14.01 12.22
N LEU B 78 -29.32 14.14 12.73
CA LEU B 78 -28.26 14.90 12.08
C LEU B 78 -27.05 13.99 11.90
N VAL B 79 -26.79 13.60 10.65
CA VAL B 79 -25.66 12.74 10.35
C VAL B 79 -24.35 13.53 10.46
N THR B 80 -23.34 12.92 11.08
CA THR B 80 -22.07 13.57 11.34
C THR B 80 -20.92 12.65 10.93
N ALA B 81 -19.71 13.22 10.96
CA ALA B 81 -18.48 12.48 10.63
C ALA B 81 -17.99 11.77 11.88
N GLY B 82 -18.59 10.62 12.15
CA GLY B 82 -18.40 9.93 13.42
C GLY B 82 -19.13 10.64 14.54
N THR B 83 -19.27 9.94 15.66
CA THR B 83 -19.84 10.59 16.83
C THR B 83 -18.86 11.58 17.45
N THR B 84 -17.58 11.51 17.07
CA THR B 84 -16.61 12.48 17.55
C THR B 84 -17.04 13.90 17.17
N GLU B 85 -17.51 14.08 15.93
CA GLU B 85 -18.01 15.38 15.50
C GLU B 85 -19.32 15.72 16.21
N ALA B 86 -20.19 14.73 16.40
CA ALA B 86 -21.44 14.96 17.11
C ALA B 86 -21.18 15.37 18.55
N ILE B 87 -20.21 14.74 19.20
CA ILE B 87 -19.86 15.14 20.57
C ILE B 87 -19.33 16.57 20.59
N LEU B 88 -18.49 16.92 19.60
CA LEU B 88 -17.90 18.25 19.58
C LEU B 88 -18.96 19.33 19.39
N ILE B 89 -19.85 19.12 18.41
CA ILE B 89 -20.84 20.15 18.11
C ILE B 89 -21.86 20.28 19.24
N TYR B 90 -22.31 19.16 19.80
CA TYR B 90 -23.31 19.21 20.87
C TYR B 90 -22.79 19.97 22.09
N PHE B 91 -21.59 19.62 22.56
CA PHE B 91 -21.02 20.31 23.71
C PHE B 91 -20.70 21.77 23.41
N LYS B 92 -20.33 22.09 22.17
CA LYS B 92 -20.03 23.47 21.81
C LYS B 92 -21.26 24.36 21.94
N VAL B 93 -22.38 23.93 21.34
CA VAL B 93 -23.58 24.77 21.33
C VAL B 93 -24.15 24.94 22.74
N ARG B 94 -23.97 23.94 23.62
CA ARG B 94 -24.54 23.99 24.96
C ARG B 94 -23.65 24.71 25.96
N TYR B 95 -22.43 25.08 25.59
CA TYR B 95 -21.52 25.66 26.55
C TYR B 95 -21.98 27.03 27.00
N ARG B 96 -21.85 27.28 28.29
CA ARG B 96 -21.98 28.60 28.88
C ARG B 96 -21.04 28.70 30.05
N SER B 97 -20.73 29.92 30.46
CA SER B 97 -19.80 30.13 31.55
C SER B 97 -20.40 29.62 32.85
N GLY B 98 -19.60 28.88 33.62
CA GLY B 98 -20.08 28.31 34.86
C GLY B 98 -20.80 26.99 34.71
N ALA B 99 -20.79 26.39 33.52
CA ALA B 99 -21.46 25.11 33.31
C ALA B 99 -20.54 23.95 33.71
N ASN B 100 -21.16 22.85 34.13
CA ASN B 100 -20.43 21.63 34.40
C ASN B 100 -21.10 20.47 33.69
N VAL B 101 -20.34 19.39 33.51
CA VAL B 101 -20.86 18.13 32.96
C VAL B 101 -20.39 17.00 33.85
N VAL B 102 -21.24 15.98 33.97
CA VAL B 102 -20.97 14.80 34.80
C VAL B 102 -20.65 13.62 33.88
N VAL B 103 -19.49 13.01 34.11
CA VAL B 103 -19.00 11.92 33.26
C VAL B 103 -18.67 10.71 34.11
N PRO B 104 -19.40 9.60 33.98
CA PRO B 104 -18.96 8.35 34.62
C PRO B 104 -17.71 7.81 33.92
N VAL B 105 -16.73 7.43 34.72
CA VAL B 105 -15.47 6.89 34.18
C VAL B 105 -15.18 5.55 34.84
N PRO B 106 -14.50 4.62 34.16
CA PRO B 106 -13.89 4.70 32.82
C PRO B 106 -14.89 4.82 31.66
N THR B 107 -14.53 5.62 30.65
CA THR B 107 -15.34 5.75 29.44
C THR B 107 -14.43 6.17 28.29
N PHE B 108 -15.03 6.41 27.13
CA PHE B 108 -14.29 6.92 25.99
C PHE B 108 -13.80 8.34 26.30
N HIS B 109 -12.48 8.57 26.10
CA HIS B 109 -11.85 9.78 26.62
C HIS B 109 -12.46 11.06 26.05
N VAL B 110 -12.97 11.02 24.81
CA VAL B 110 -13.53 12.23 24.21
C VAL B 110 -14.73 12.73 25.01
N LEU B 111 -15.46 11.82 25.66
CA LEU B 111 -16.68 12.22 26.35
C LEU B 111 -16.42 13.19 27.51
N TYR B 112 -15.23 13.16 28.08
CA TYR B 112 -14.86 14.16 29.07
C TYR B 112 -13.76 15.11 28.62
N GLU B 113 -12.97 14.75 27.61
CA GLU B 113 -11.88 15.62 27.20
C GLU B 113 -12.36 16.76 26.31
N THR B 114 -13.27 16.47 25.38
CA THR B 114 -13.84 17.55 24.57
C THR B 114 -14.55 18.60 25.41
N PRO B 115 -15.39 18.27 26.40
CA PRO B 115 -15.94 19.32 27.26
C PRO B 115 -14.88 20.09 28.02
N ALA B 116 -13.76 19.44 28.36
CA ALA B 116 -12.69 20.15 29.05
C ALA B 116 -12.03 21.18 28.13
N PHE B 117 -11.79 20.81 26.87
CA PHE B 117 -11.26 21.78 25.92
C PHE B 117 -12.22 22.94 25.72
N LEU B 118 -13.53 22.68 25.77
CA LEU B 118 -14.54 23.70 25.56
C LEU B 118 -14.83 24.54 26.80
N GLY B 119 -14.11 24.30 27.90
CA GLY B 119 -14.27 25.13 29.08
C GLY B 119 -15.23 24.62 30.13
N TYR B 120 -15.86 23.47 29.90
CA TYR B 120 -16.75 22.90 30.91
C TYR B 120 -15.98 22.53 32.16
N GLU B 121 -16.66 22.61 33.31
CA GLU B 121 -16.18 21.91 34.50
C GLU B 121 -16.59 20.45 34.39
N VAL B 122 -15.65 19.54 34.56
CA VAL B 122 -15.89 18.11 34.40
C VAL B 122 -15.88 17.46 35.77
N ARG B 123 -16.99 16.84 36.13
CA ARG B 123 -17.13 16.12 37.39
C ARG B 123 -17.19 14.63 37.08
N TYR B 124 -16.24 13.87 37.62
CA TYR B 124 -16.12 12.45 37.30
C TYR B 124 -16.86 11.60 38.34
N LEU B 125 -17.65 10.65 37.85
CA LEU B 125 -18.32 9.65 38.68
C LEU B 125 -17.53 8.34 38.56
N GLN B 126 -16.72 8.03 39.57
CA GLN B 126 -15.86 6.87 39.52
C GLN B 126 -16.67 5.59 39.56
N LEU B 127 -16.64 4.82 38.48
CA LEU B 127 -17.21 3.49 38.45
C LEU B 127 -16.15 2.48 38.88
N ARG B 128 -16.60 1.41 39.53
CA ARG B 128 -15.66 0.46 40.11
C ARG B 128 -16.10 -0.97 39.83
N ALA B 129 -15.12 -1.84 39.63
CA ALA B 129 -15.42 -3.24 39.35
C ALA B 129 -16.06 -3.91 40.55
N GLU B 130 -15.70 -3.48 41.77
CA GLU B 130 -16.34 -4.01 42.97
C GLU B 130 -17.85 -3.89 42.88
N ASN B 131 -18.34 -2.78 42.35
CA ASN B 131 -19.76 -2.54 42.14
C ASN B 131 -20.19 -2.84 40.71
N GLY B 132 -19.40 -3.64 39.99
CA GLY B 132 -19.74 -4.00 38.63
C GLY B 132 -19.72 -2.88 37.63
N PHE B 133 -18.99 -1.78 37.92
CA PHE B 133 -18.94 -0.61 37.04
C PHE B 133 -20.34 -0.06 36.76
N ARG B 134 -21.25 -0.17 37.72
CA ARG B 134 -22.62 0.28 37.53
C ARG B 134 -22.81 1.67 38.12
N ILE B 135 -23.80 2.38 37.59
CA ILE B 135 -24.05 3.76 37.99
C ILE B 135 -24.85 3.74 39.29
N ASP B 136 -24.29 4.35 40.33
CA ASP B 136 -25.03 4.52 41.58
C ASP B 136 -25.80 5.83 41.50
N PRO B 137 -27.13 5.80 41.36
CA PRO B 137 -27.88 7.06 41.17
C PRO B 137 -27.85 7.99 42.36
N GLN B 138 -27.75 7.47 43.58
CA GLN B 138 -27.69 8.36 44.74
C GLN B 138 -26.33 9.06 44.83
N GLU B 139 -25.27 8.41 44.35
CA GLU B 139 -23.96 9.07 44.30
C GLU B 139 -23.85 9.97 43.08
N LEU B 140 -24.58 9.63 42.01
CA LEU B 140 -24.60 10.50 40.83
C LEU B 140 -25.32 11.80 41.14
N ALA B 141 -26.43 11.74 41.89
CA ALA B 141 -27.19 12.94 42.22
C ALA B 141 -26.39 13.92 43.06
N LYS B 142 -25.32 13.45 43.71
CA LYS B 142 -24.48 14.36 44.48
C LYS B 142 -23.62 15.24 43.57
N LEU B 143 -23.50 14.89 42.30
CA LEU B 143 -22.67 15.61 41.36
C LEU B 143 -23.44 16.58 40.48
N VAL B 144 -24.77 16.54 40.50
CA VAL B 144 -25.60 17.28 39.55
C VAL B 144 -26.07 18.58 40.19
N ASP B 145 -25.65 19.71 39.62
CA ASP B 145 -26.04 21.04 40.04
C ASP B 145 -27.18 21.57 39.18
N ASP B 146 -27.66 22.77 39.53
CA ASP B 146 -28.44 23.53 38.57
C ASP B 146 -27.55 24.05 37.44
N ASN B 147 -26.24 24.07 37.65
CA ASN B 147 -25.27 24.39 36.61
C ASN B 147 -24.89 23.20 35.75
N THR B 148 -25.30 21.99 36.15
CA THR B 148 -25.04 20.82 35.33
C THR B 148 -25.92 20.88 34.09
N GLU B 149 -25.29 20.91 32.93
CA GLU B 149 -26.03 21.01 31.67
C GLU B 149 -26.14 19.69 30.93
N VAL B 150 -25.16 18.80 31.07
CA VAL B 150 -25.12 17.52 30.38
C VAL B 150 -24.76 16.43 31.37
N ILE B 151 -25.46 15.29 31.27
CA ILE B 151 -25.09 14.06 31.96
C ILE B 151 -24.76 13.01 30.90
N VAL B 152 -23.53 12.52 30.92
CA VAL B 152 -23.10 11.55 29.92
C VAL B 152 -23.51 10.14 30.34
N LEU B 153 -24.17 9.42 29.45
CA LEU B 153 -24.66 8.07 29.70
C LEU B 153 -24.23 7.17 28.54
N ASN B 154 -23.05 6.59 28.64
CA ASN B 154 -22.51 5.71 27.60
C ASN B 154 -22.97 4.29 27.91
N THR B 155 -23.98 3.82 27.18
CA THR B 155 -24.50 2.47 27.35
C THR B 155 -24.77 1.87 25.98
N PRO B 156 -24.21 0.68 25.67
CA PRO B 156 -23.28 -0.13 26.47
C PRO B 156 -21.95 0.56 26.78
N GLN B 157 -21.34 0.27 27.93
CA GLN B 157 -20.13 0.97 28.34
C GLN B 157 -18.92 0.49 27.55
N ASN B 158 -18.08 1.46 27.20
CA ASN B 158 -16.70 1.22 26.81
C ASN B 158 -15.84 1.69 27.97
N PRO B 159 -14.98 0.86 28.57
CA PRO B 159 -14.56 -0.50 28.22
C PRO B 159 -15.28 -1.68 28.87
N SER B 160 -16.20 -1.48 29.82
CA SER B 160 -16.65 -2.59 30.64
C SER B 160 -17.62 -3.51 29.89
N GLY B 161 -18.48 -2.96 29.04
CA GLY B 161 -19.54 -3.73 28.43
C GLY B 161 -20.85 -3.68 29.18
N VAL B 162 -20.95 -2.84 30.21
CA VAL B 162 -22.15 -2.78 31.02
C VAL B 162 -23.28 -2.07 30.28
N VAL B 163 -24.48 -2.62 30.37
CA VAL B 163 -25.69 -2.01 29.83
C VAL B 163 -26.49 -1.45 30.99
N CYS B 164 -26.88 -0.18 30.88
CA CYS B 164 -27.68 0.45 31.91
C CYS B 164 -29.05 -0.23 32.01
N SER B 165 -29.49 -0.51 33.24
CA SER B 165 -30.77 -1.17 33.44
C SER B 165 -31.92 -0.19 33.34
N GLU B 166 -33.13 -0.75 33.18
CA GLU B 166 -34.32 0.08 33.04
C GLU B 166 -34.55 0.95 34.27
N THR B 167 -34.24 0.42 35.46
CA THR B 167 -34.43 1.21 36.67
C THR B 167 -33.32 2.24 36.85
N GLU B 168 -32.08 1.88 36.48
CA GLU B 168 -30.98 2.84 36.53
C GLU B 168 -31.26 4.02 35.61
N ILE B 169 -31.81 3.77 34.42
CA ILE B 169 -32.11 4.84 33.47
C ILE B 169 -33.12 5.80 34.08
N GLN B 170 -34.18 5.26 34.68
CA GLN B 170 -35.23 6.11 35.24
C GLN B 170 -34.70 6.95 36.38
N SER B 171 -33.77 6.42 37.16
CA SER B 171 -33.17 7.21 38.22
C SER B 171 -32.34 8.35 37.63
N ILE B 172 -31.58 8.08 36.57
CA ILE B 172 -30.78 9.11 35.93
C ILE B 172 -31.68 10.15 35.26
N ILE B 173 -32.76 9.69 34.61
CA ILE B 173 -33.76 10.60 34.07
C ILE B 173 -34.28 11.51 35.17
N GLU B 174 -34.47 10.96 36.36
CA GLU B 174 -35.05 11.72 37.47
C GLU B 174 -34.12 12.81 37.96
N ILE B 175 -32.83 12.51 38.06
CA ILE B 175 -31.86 13.50 38.51
C ILE B 175 -31.70 14.62 37.49
N ALA B 176 -31.64 14.26 36.21
CA ALA B 176 -31.45 15.26 35.16
C ALA B 176 -32.64 16.21 35.09
N GLU B 177 -33.85 15.67 34.97
CA GLU B 177 -35.04 16.52 34.87
C GLU B 177 -35.24 17.37 36.12
N LYS B 178 -34.76 16.88 37.28
CA LYS B 178 -34.93 17.65 38.51
C LYS B 178 -34.02 18.88 38.51
N HIS B 179 -32.80 18.75 37.96
CA HIS B 179 -31.88 19.86 37.85
C HIS B 179 -31.89 20.49 36.45
N ASN B 180 -32.83 20.10 35.60
CA ASN B 180 -32.94 20.61 34.23
C ASN B 180 -31.63 20.43 33.45
N ALA B 181 -31.07 19.23 33.56
CA ALA B 181 -29.88 18.84 32.82
C ALA B 181 -30.27 17.88 31.69
N GLU B 182 -29.54 17.97 30.58
CA GLU B 182 -29.77 17.05 29.47
C GLU B 182 -28.91 15.80 29.66
N ILE B 183 -29.33 14.72 29.02
CA ILE B 183 -28.64 13.44 29.08
C ILE B 183 -28.08 13.12 27.70
N LEU B 184 -26.76 13.00 27.61
CA LEU B 184 -26.09 12.63 26.36
C LEU B 184 -25.80 11.14 26.39
N ALA B 185 -26.65 10.36 25.72
CA ALA B 185 -26.55 8.90 25.73
C ALA B 185 -25.72 8.45 24.54
N ASP B 186 -24.49 8.02 24.80
CA ASP B 186 -23.62 7.50 23.75
C ASP B 186 -23.94 6.02 23.58
N GLU B 187 -24.82 5.72 22.63
CA GLU B 187 -25.33 4.38 22.35
C GLU B 187 -24.61 3.72 21.18
N HIS B 188 -23.29 3.91 21.10
CA HIS B 188 -22.51 3.37 20.01
C HIS B 188 -22.75 1.88 19.80
N TYR B 189 -22.70 1.09 20.88
CA TYR B 189 -22.65 -0.36 20.79
C TYR B 189 -24.02 -1.02 20.91
N ARG B 190 -25.10 -0.27 20.68
CA ARG B 190 -26.45 -0.82 20.79
C ARG B 190 -26.69 -1.95 19.80
N PHE B 191 -25.84 -2.08 18.77
CA PHE B 191 -26.07 -3.08 17.73
C PHE B 191 -25.58 -4.47 18.11
N LEU B 192 -24.80 -4.61 19.19
CA LEU B 192 -24.26 -5.90 19.59
C LEU B 192 -24.62 -6.21 21.04
N PRO B 193 -25.87 -6.57 21.30
CA PRO B 193 -26.19 -7.22 22.57
C PRO B 193 -25.55 -8.60 22.59
N HIS B 194 -25.35 -9.14 23.79
CA HIS B 194 -24.77 -10.46 23.89
C HIS B 194 -25.80 -11.56 24.09
N ASP B 195 -27.02 -11.23 24.52
CA ASP B 195 -28.07 -12.22 24.70
C ASP B 195 -28.68 -12.62 23.35
N GLN B 196 -29.05 -13.90 23.24
CA GLN B 196 -29.44 -14.44 21.95
C GLN B 196 -30.79 -13.91 21.47
N ASP B 197 -31.69 -13.57 22.39
CA ASP B 197 -33.06 -13.28 21.99
C ASP B 197 -33.15 -11.97 21.22
N THR B 198 -32.84 -10.85 21.85
CA THR B 198 -32.98 -9.56 21.17
C THR B 198 -31.87 -9.38 20.14
N GLU B 199 -32.20 -8.75 19.01
CA GLU B 199 -31.19 -8.51 17.99
C GLU B 199 -30.34 -7.29 18.31
N ILE B 200 -30.96 -6.14 18.58
CA ILE B 200 -30.23 -4.93 18.95
C ILE B 200 -30.96 -4.26 20.11
N LEU B 201 -30.21 -3.48 20.88
CA LEU B 201 -30.78 -2.77 22.02
C LEU B 201 -31.62 -1.57 21.56
N PRO B 202 -32.71 -1.27 22.27
CA PRO B 202 -33.55 -0.11 21.90
C PRO B 202 -32.86 1.21 22.20
N SER B 203 -33.20 2.23 21.42
CA SER B 203 -32.66 3.56 21.67
C SER B 203 -33.34 4.19 22.87
N LEU B 204 -32.56 4.93 23.67
CA LEU B 204 -33.09 5.63 24.82
C LEU B 204 -33.72 6.98 24.49
N TYR B 205 -33.74 7.37 23.21
CA TYR B 205 -34.17 8.73 22.86
C TYR B 205 -35.63 8.99 23.19
N GLY B 206 -36.49 7.98 23.10
CA GLY B 206 -37.88 8.24 23.37
C GLY B 206 -38.25 8.38 24.83
N LEU B 207 -37.35 8.04 25.76
CA LEU B 207 -37.71 7.94 27.16
C LEU B 207 -37.89 9.28 27.86
N SER B 208 -37.32 10.37 27.33
CA SER B 208 -37.45 11.65 28.01
C SER B 208 -37.07 12.77 27.06
N PRO B 209 -37.64 13.97 27.24
CA PRO B 209 -37.20 15.11 26.42
C PRO B 209 -35.77 15.53 26.68
N LYS B 210 -35.18 15.13 27.80
CA LYS B 210 -33.80 15.52 28.12
C LYS B 210 -32.77 14.58 27.53
N ILE B 211 -33.18 13.59 26.75
CA ILE B 211 -32.26 12.58 26.22
C ILE B 211 -31.90 12.96 24.78
N ILE B 212 -30.60 13.07 24.53
CA ILE B 212 -30.05 13.20 23.18
C ILE B 212 -29.20 11.97 22.92
N SER B 213 -29.44 11.30 21.79
CA SER B 213 -28.82 10.02 21.49
C SER B 213 -27.76 10.16 20.40
N LEU B 214 -26.65 9.46 20.59
CA LEU B 214 -25.60 9.34 19.59
C LEU B 214 -25.53 7.88 19.13
N GLY B 215 -25.39 7.68 17.82
CA GLY B 215 -25.22 6.36 17.28
C GLY B 215 -24.23 6.38 16.12
N SER B 216 -23.87 5.19 15.67
CA SER B 216 -22.91 5.06 14.57
C SER B 216 -22.86 3.61 14.11
N THR B 217 -22.53 3.43 12.84
CA THR B 217 -22.27 2.12 12.26
C THR B 217 -20.84 1.65 12.46
N GLY B 218 -19.94 2.54 12.88
CA GLY B 218 -18.52 2.29 12.79
C GLY B 218 -17.95 1.10 13.53
N CYS B 220 -19.46 -1.36 15.28
CA CYS B 220 -20.24 -2.60 15.36
C CYS B 220 -20.35 -3.34 14.03
N PHE B 221 -20.17 -2.64 12.91
CA PHE B 221 -20.41 -3.22 11.59
C PHE B 221 -19.13 -3.45 10.79
N GLY B 222 -17.96 -3.24 11.39
CA GLY B 222 -16.72 -3.48 10.67
C GLY B 222 -16.38 -2.44 9.64
N CYS B 223 -16.72 -1.18 9.89
CA CYS B 223 -16.44 -0.11 8.94
C CYS B 223 -16.18 1.19 9.70
N ILE B 224 -15.26 1.15 10.67
CA ILE B 224 -14.99 2.33 11.49
C ILE B 224 -14.49 3.48 10.63
N GLY B 225 -13.82 3.17 9.52
CA GLY B 225 -13.21 4.19 8.68
C GLY B 225 -14.19 4.98 7.83
N LEU B 226 -15.45 4.55 7.71
CA LEU B 226 -16.42 5.32 6.93
C LEU B 226 -16.65 6.71 7.50
N ARG B 227 -16.44 6.88 8.81
CA ARG B 227 -16.70 8.14 9.52
C ARG B 227 -18.16 8.57 9.36
N ILE B 228 -19.06 7.70 9.82
CA ILE B 228 -20.49 8.00 9.80
C ILE B 228 -21.06 7.77 11.20
N GLY B 229 -21.64 8.82 11.78
CA GLY B 229 -22.35 8.75 13.03
C GLY B 229 -23.60 9.61 12.92
N TRP B 230 -24.35 9.78 14.01
CA TRP B 230 -25.53 10.63 13.97
C TRP B 230 -25.89 11.08 15.37
N LEU B 231 -26.63 12.18 15.44
CA LEU B 231 -27.15 12.72 16.68
C LEU B 231 -28.66 12.84 16.55
N ILE B 232 -29.37 12.49 17.63
CA ILE B 232 -30.82 12.55 17.67
C ILE B 232 -31.24 13.48 18.79
N GLY B 233 -32.13 14.42 18.49
CA GLY B 233 -32.57 15.39 19.47
C GLY B 233 -33.80 16.12 18.97
N ASN B 234 -34.36 16.95 19.85
CA ASN B 234 -35.50 17.76 19.49
C ASN B 234 -35.10 18.78 18.43
N PRO B 235 -36.09 19.40 17.75
CA PRO B 235 -35.74 20.31 16.65
C PRO B 235 -34.82 21.48 17.03
N GLU B 236 -34.85 21.97 18.27
CA GLU B 236 -33.99 23.12 18.55
C GLU B 236 -32.53 22.70 18.67
N ILE B 237 -32.27 21.53 19.27
CA ILE B 237 -30.88 21.09 19.36
C ILE B 237 -30.40 20.60 18.02
N ILE B 238 -31.30 20.05 17.19
CA ILE B 238 -30.90 19.64 15.84
C ILE B 238 -30.60 20.87 14.99
N LYS B 239 -31.42 21.91 15.10
CA LYS B 239 -31.14 23.14 14.37
C LYS B 239 -29.87 23.80 14.87
N ALA B 240 -29.62 23.76 16.18
CA ALA B 240 -28.43 24.41 16.72
C ALA B 240 -27.17 23.64 16.34
N CYS B 241 -27.24 22.31 16.35
CA CYS B 241 -26.07 21.53 15.96
C CYS B 241 -25.82 21.65 14.46
N HIS B 242 -26.88 21.66 13.66
CA HIS B 242 -26.73 21.80 12.22
C HIS B 242 -26.06 23.12 11.86
N PHE B 243 -26.38 24.19 12.61
CA PHE B 243 -25.76 25.49 12.36
C PHE B 243 -24.26 25.42 12.57
N PHE B 244 -23.81 24.88 13.71
CA PHE B 244 -22.39 24.92 14.00
C PHE B 244 -21.59 23.89 13.19
N LYS B 245 -22.25 22.89 12.61
CA LYS B 245 -21.53 21.95 11.75
C LYS B 245 -20.97 22.65 10.53
N ASP B 246 -21.50 23.83 10.19
CA ASP B 246 -20.94 24.63 9.12
C ASP B 246 -19.48 24.99 9.38
N TYR B 247 -19.08 25.02 10.65
CA TYR B 247 -17.73 25.38 11.06
C TYR B 247 -16.90 24.19 11.50
N THR B 248 -17.36 22.97 11.24
CA THR B 248 -16.58 21.77 11.55
C THR B 248 -16.25 21.02 10.27
N THR B 249 -17.23 20.44 9.58
CA THR B 249 -16.99 19.80 8.29
C THR B 249 -18.04 20.13 7.26
N HIS B 250 -19.11 20.85 7.62
CA HIS B 250 -20.22 21.19 6.74
C HIS B 250 -21.03 19.96 6.37
N THR B 251 -20.45 19.02 5.62
CA THR B 251 -21.15 17.80 5.24
C THR B 251 -20.20 16.62 5.31
N VAL B 252 -20.79 15.42 5.28
CA VAL B 252 -20.07 14.19 5.08
C VAL B 252 -20.27 13.78 3.63
N CYS B 253 -19.36 12.95 3.12
CA CYS B 253 -19.42 12.57 1.71
C CYS B 253 -20.69 11.78 1.42
N VAL B 254 -21.30 12.05 0.27
CA VAL B 254 -22.48 11.32 -0.17
C VAL B 254 -22.16 9.84 -0.32
N LEU B 255 -20.89 9.51 -0.58
CA LEU B 255 -20.50 8.11 -0.78
C LEU B 255 -20.51 7.34 0.53
N ASN B 256 -19.81 7.86 1.54
CA ASN B 256 -19.83 7.24 2.87
C ASN B 256 -21.23 7.21 3.44
N ASP B 257 -21.97 8.31 3.27
CA ASP B 257 -23.37 8.37 3.66
C ASP B 257 -24.16 7.22 3.05
N TYR B 258 -23.99 7.00 1.74
CA TYR B 258 -24.76 5.98 1.04
C TYR B 258 -24.37 4.57 1.48
N ILE B 259 -23.08 4.33 1.74
CA ILE B 259 -22.64 3.00 2.12
C ILE B 259 -23.13 2.65 3.53
N ALA B 260 -23.05 3.60 4.46
CA ALA B 260 -23.54 3.35 5.81
C ALA B 260 -25.05 3.09 5.82
N ALA B 261 -25.79 3.76 4.92
CA ALA B 261 -27.22 3.51 4.82
C ALA B 261 -27.49 2.07 4.42
N GLY B 262 -26.76 1.56 3.43
CA GLY B 262 -26.92 0.17 3.03
C GLY B 262 -26.49 -0.82 4.09
N VAL B 263 -25.55 -0.42 4.95
CA VAL B 263 -25.14 -1.25 6.07
C VAL B 263 -26.31 -1.47 7.03
N LEU B 264 -26.99 -0.37 7.41
CA LEU B 264 -28.12 -0.48 8.30
C LEU B 264 -29.27 -1.24 7.66
N LEU B 265 -29.48 -1.07 6.36
CA LEU B 265 -30.56 -1.75 5.67
C LEU B 265 -30.28 -3.23 5.51
N HIS B 266 -29.03 -3.67 5.67
CA HIS B 266 -28.67 -5.08 5.57
C HIS B 266 -27.96 -5.55 6.84
N LYS B 267 -28.35 -5.00 7.99
CA LYS B 267 -27.70 -5.35 9.26
C LYS B 267 -27.77 -6.84 9.54
N GLY B 268 -28.86 -7.50 9.12
CA GLY B 268 -29.01 -8.93 9.31
C GLY B 268 -28.03 -9.76 8.51
N LYS B 269 -27.41 -9.18 7.50
CA LYS B 269 -26.37 -9.85 6.73
C LYS B 269 -24.99 -9.61 7.30
N ILE B 270 -24.86 -8.84 8.39
CA ILE B 270 -23.57 -8.39 8.92
C ILE B 270 -23.42 -8.73 10.39
N LEU B 271 -24.39 -8.32 11.20
CA LEU B 271 -24.26 -8.45 12.65
C LEU B 271 -24.15 -9.88 13.16
N PRO B 272 -24.86 -10.88 12.63
CA PRO B 272 -24.73 -12.23 13.19
C PRO B 272 -23.32 -12.78 13.28
N ARG B 273 -22.48 -12.55 12.25
CA ARG B 273 -21.11 -13.05 12.31
C ARG B 273 -20.34 -12.44 13.47
N TYR B 274 -20.57 -11.15 13.74
CA TYR B 274 -19.87 -10.50 14.83
C TYR B 274 -20.42 -10.91 16.18
N ARG B 275 -21.72 -11.21 16.27
CA ARG B 275 -22.29 -11.74 17.51
C ARG B 275 -21.64 -13.06 17.89
N GLN B 276 -21.51 -13.96 16.92
CA GLN B 276 -20.91 -15.27 17.18
C GLN B 276 -19.45 -15.17 17.58
N MET B 277 -18.69 -14.25 16.96
CA MET B 277 -17.29 -14.08 17.33
C MET B 277 -17.16 -13.58 18.75
N ILE B 278 -18.02 -12.65 19.15
CA ILE B 278 -17.94 -12.08 20.49
C ILE B 278 -18.28 -13.14 21.55
N GLN B 279 -19.36 -13.89 21.35
CA GLN B 279 -19.73 -14.91 22.33
C GLN B 279 -18.72 -16.04 22.36
N HIS B 280 -18.18 -16.42 21.21
CA HIS B 280 -17.14 -17.44 21.17
C HIS B 280 -15.92 -16.99 21.98
N ASN B 281 -15.57 -15.71 21.87
CA ASN B 281 -14.41 -15.20 22.59
C ASN B 281 -14.69 -15.00 24.06
N ILE B 282 -15.91 -14.59 24.42
CA ILE B 282 -16.29 -14.54 25.82
C ILE B 282 -16.20 -15.92 26.45
N GLN B 283 -16.67 -16.94 25.73
CA GLN B 283 -16.54 -18.31 26.23
C GLN B 283 -15.06 -18.70 26.35
N GLN B 284 -14.26 -18.35 25.33
CA GLN B 284 -12.82 -18.64 25.42
C GLN B 284 -12.18 -17.91 26.58
N PHE B 285 -12.67 -16.72 26.91
CA PHE B 285 -12.10 -15.99 28.03
C PHE B 285 -12.58 -16.55 29.36
N GLU B 286 -13.79 -17.08 29.40
CA GLU B 286 -14.25 -17.77 30.61
C GLU B 286 -13.43 -19.04 30.85
N THR B 287 -13.09 -19.76 29.78
CA THR B 287 -12.16 -20.87 29.90
C THR B 287 -10.82 -20.40 30.41
N PHE B 288 -10.33 -19.27 29.90
CA PHE B 288 -9.06 -18.72 30.34
C PHE B 288 -9.11 -18.32 31.81
N ILE B 289 -10.25 -17.80 32.26
CA ILE B 289 -10.40 -17.42 33.66
C ILE B 289 -10.32 -18.67 34.55
N LYS B 290 -10.95 -19.76 34.12
CA LYS B 290 -10.89 -21.00 34.89
C LYS B 290 -9.46 -21.53 34.97
N GLN B 291 -8.73 -21.51 33.86
CA GLN B 291 -7.34 -21.97 33.86
C GLN B 291 -6.46 -21.12 34.77
N GLN B 292 -6.74 -19.82 34.87
CA GLN B 292 -5.92 -18.93 35.68
C GLN B 292 -6.17 -19.09 37.17
N ARG B 293 -7.26 -19.76 37.55
CA ARG B 293 -7.53 -20.17 38.93
C ARG B 293 -7.52 -18.95 39.87
N GLY B 294 -8.37 -17.98 39.55
CA GLY B 294 -8.59 -16.83 40.39
C GLY B 294 -7.68 -15.65 40.15
N LEU B 295 -6.62 -15.81 39.36
CA LEU B 295 -5.74 -14.68 39.07
C LEU B 295 -6.40 -13.67 38.15
N ILE B 296 -7.25 -14.12 37.24
CA ILE B 296 -7.96 -13.27 36.30
C ILE B 296 -9.44 -13.27 36.66
N ASP B 297 -10.04 -12.08 36.71
CA ASP B 297 -11.47 -11.94 36.89
C ASP B 297 -11.98 -10.83 36.00
N TRP B 298 -13.29 -10.73 35.89
CA TRP B 298 -13.92 -9.64 35.16
C TRP B 298 -15.35 -9.45 35.61
N VAL B 299 -15.86 -8.24 35.36
CA VAL B 299 -17.30 -8.03 35.30
C VAL B 299 -17.73 -8.45 33.90
N LYS B 300 -18.50 -9.52 33.81
CA LYS B 300 -18.86 -10.05 32.50
C LYS B 300 -19.65 -9.01 31.73
N PRO B 301 -19.26 -8.71 30.48
CA PRO B 301 -19.99 -7.70 29.70
C PRO B 301 -21.35 -8.21 29.24
N GLU B 302 -22.28 -7.27 29.08
CA GLU B 302 -23.61 -7.60 28.60
C GLU B 302 -23.81 -7.25 27.13
N ALA B 303 -23.06 -6.29 26.59
CA ALA B 303 -23.19 -5.91 25.19
C ALA B 303 -21.94 -5.15 24.76
N GLY B 304 -21.74 -5.08 23.46
CA GLY B 304 -20.68 -4.32 22.87
C GLY B 304 -19.53 -5.18 22.35
N THR B 305 -18.38 -4.54 22.18
CA THR B 305 -17.26 -5.13 21.47
C THR B 305 -16.02 -5.29 22.33
N ILE B 306 -16.07 -4.92 23.61
CA ILE B 306 -14.89 -4.89 24.47
C ILE B 306 -15.23 -5.50 25.82
N ALA B 307 -14.16 -5.86 26.55
CA ALA B 307 -14.27 -6.27 27.94
C ALA B 307 -13.14 -5.60 28.72
N PHE B 308 -13.31 -5.52 30.04
CA PHE B 308 -12.36 -4.83 30.91
C PHE B 308 -11.98 -5.73 32.07
N PRO B 309 -11.33 -6.87 31.81
CA PRO B 309 -10.93 -7.77 32.89
C PRO B 309 -9.81 -7.17 33.69
N PHE B 310 -9.44 -7.87 34.78
CA PHE B 310 -8.40 -7.37 35.66
C PHE B 310 -7.65 -8.53 36.29
N PHE B 311 -6.45 -8.24 36.77
CA PHE B 311 -5.71 -9.17 37.61
C PHE B 311 -6.15 -8.99 39.05
N THR B 312 -6.39 -10.10 39.74
CA THR B 312 -6.72 -10.05 41.15
C THR B 312 -5.49 -9.88 42.03
N ASP B 313 -4.30 -10.10 41.49
CA ASP B 313 -3.07 -9.85 42.21
C ASP B 313 -2.82 -8.35 42.26
N PRO B 314 -2.76 -7.74 43.45
CA PRO B 314 -2.52 -6.29 43.53
C PRO B 314 -1.12 -5.88 43.11
N ASN B 315 -0.21 -6.83 42.90
CA ASN B 315 1.15 -6.53 42.50
C ASN B 315 1.32 -6.38 41.00
N ILE B 316 0.42 -6.96 40.21
CA ILE B 316 0.59 -6.99 38.76
C ILE B 316 0.22 -5.63 38.17
N ASN B 317 1.12 -5.08 37.36
CA ASN B 317 0.86 -3.87 36.59
C ASN B 317 0.52 -4.30 35.18
N SER B 318 -0.68 -3.96 34.71
CA SER B 318 -1.09 -4.37 33.37
C SER B 318 -0.25 -3.68 32.30
N LYS B 319 0.24 -2.47 32.57
CA LYS B 319 1.08 -1.78 31.59
C LYS B 319 2.37 -2.56 31.35
N ILE B 320 2.93 -3.16 32.39
CA ILE B 320 4.15 -3.93 32.25
C ILE B 320 3.87 -5.24 31.52
N VAL B 321 2.76 -5.89 31.87
CA VAL B 321 2.40 -7.14 31.21
C VAL B 321 2.04 -6.89 29.76
N ALA B 322 1.32 -5.79 29.49
CA ALA B 322 0.97 -5.46 28.12
C ALA B 322 2.21 -5.12 27.31
N LYS B 323 3.19 -4.46 27.94
CA LYS B 323 4.42 -4.09 27.23
C LYS B 323 5.20 -5.32 26.83
N ARG B 324 5.44 -6.23 27.78
CA ARG B 324 6.17 -7.46 27.46
C ARG B 324 5.42 -8.30 26.44
N LEU B 325 4.09 -8.26 26.45
CA LEU B 325 3.31 -9.10 25.54
C LEU B 325 3.45 -8.64 24.10
N VAL B 326 3.48 -7.33 23.87
CA VAL B 326 3.52 -6.83 22.50
C VAL B 326 4.93 -6.92 21.94
N GLU B 327 5.96 -6.83 22.79
CA GLU B 327 7.32 -6.88 22.29
C GLU B 327 7.76 -8.30 22.00
N ASP B 328 7.39 -9.24 22.86
CA ASP B 328 7.80 -10.62 22.70
C ASP B 328 6.85 -11.44 21.82
N HIS B 329 5.59 -11.01 21.67
CA HIS B 329 4.61 -11.82 20.96
C HIS B 329 3.85 -11.08 19.87
N GLY B 330 3.92 -9.74 19.82
CA GLY B 330 3.20 -8.99 18.81
C GLY B 330 1.74 -8.76 19.10
N VAL B 331 1.31 -8.96 20.34
CA VAL B 331 -0.09 -8.89 20.73
C VAL B 331 -0.30 -7.62 21.54
N LEU B 332 -1.26 -6.80 21.12
CA LEU B 332 -1.53 -5.53 21.78
C LEU B 332 -2.80 -5.64 22.62
N LEU B 333 -2.67 -5.39 23.92
CA LEU B 333 -3.80 -5.16 24.80
C LEU B 333 -3.72 -3.72 25.30
N LEU B 334 -4.87 -3.12 25.57
CA LEU B 334 -4.92 -1.75 26.05
C LEU B 334 -4.82 -1.77 27.58
N PRO B 335 -3.70 -1.34 28.17
CA PRO B 335 -3.59 -1.39 29.64
C PRO B 335 -4.56 -0.43 30.30
N GLY B 336 -5.09 -0.87 31.45
CA GLY B 336 -6.12 -0.11 32.14
C GLY B 336 -5.68 1.24 32.65
N GLU B 337 -4.37 1.50 32.70
CA GLU B 337 -3.90 2.83 33.09
C GLU B 337 -4.45 3.91 32.17
N ALA B 338 -4.76 3.56 30.91
CA ALA B 338 -5.45 4.47 30.01
C ALA B 338 -6.83 4.86 30.52
N PHE B 339 -7.35 4.16 31.54
CA PHE B 339 -8.62 4.49 32.16
C PHE B 339 -8.47 4.73 33.66
N ASP B 340 -7.23 4.88 34.14
CA ASP B 340 -6.94 5.04 35.57
C ASP B 340 -7.39 3.82 36.38
N ARG B 341 -7.25 2.65 35.78
CA ARG B 341 -7.52 1.37 36.45
C ARG B 341 -6.33 0.47 36.19
N PRO B 342 -5.25 0.62 36.97
CA PRO B 342 -3.96 0.02 36.60
C PRO B 342 -3.95 -1.49 36.56
N SER B 343 -4.83 -2.18 37.29
CA SER B 343 -4.88 -3.63 37.24
C SER B 343 -5.73 -4.14 36.09
N HIS B 344 -6.53 -3.30 35.47
CA HIS B 344 -7.38 -3.73 34.38
C HIS B 344 -6.65 -3.62 33.04
N PHE B 345 -7.25 -4.20 32.01
CA PHE B 345 -6.83 -4.00 30.65
C PHE B 345 -8.04 -4.25 29.77
N ARG B 346 -8.07 -3.62 28.60
CA ARG B 346 -9.18 -3.78 27.67
C ARG B 346 -8.77 -4.74 26.58
N ILE B 347 -9.65 -5.69 26.27
CA ILE B 347 -9.39 -6.69 25.24
C ILE B 347 -10.55 -6.65 24.25
N ALA B 348 -10.24 -6.80 22.97
CA ALA B 348 -11.25 -6.73 21.93
C ALA B 348 -11.91 -8.09 21.73
N LEU B 349 -13.24 -8.09 21.68
CA LEU B 349 -14.01 -9.31 21.47
C LEU B 349 -14.39 -9.54 20.02
N GLY B 350 -14.33 -8.51 19.17
CA GLY B 350 -14.76 -8.61 17.80
C GLY B 350 -13.66 -9.00 16.82
N VAL B 351 -12.75 -9.87 17.25
CA VAL B 351 -11.70 -10.39 16.41
C VAL B 351 -11.97 -11.87 16.15
N GLU B 352 -11.22 -12.44 15.20
CA GLU B 352 -11.32 -13.86 14.93
C GLU B 352 -11.01 -14.67 16.20
N PRO B 353 -11.81 -15.70 16.50
CA PRO B 353 -11.54 -16.51 17.70
C PRO B 353 -10.16 -17.14 17.70
N SER B 354 -9.63 -17.50 16.52
CA SER B 354 -8.27 -18.01 16.45
C SER B 354 -7.26 -16.98 16.91
N LEU B 355 -7.45 -15.72 16.54
CA LEU B 355 -6.56 -14.67 17.03
C LEU B 355 -6.78 -14.42 18.52
N PHE B 356 -8.03 -14.42 18.96
CA PHE B 356 -8.31 -14.25 20.38
C PHE B 356 -7.63 -15.34 21.20
N GLN B 357 -7.63 -16.58 20.70
CA GLN B 357 -7.01 -17.67 21.44
C GLN B 357 -5.49 -17.58 21.41
N TYR B 358 -4.92 -17.17 20.28
CA TYR B 358 -3.48 -16.90 20.23
C TYR B 358 -3.07 -15.89 21.30
N ALA B 359 -3.86 -14.84 21.49
CA ALA B 359 -3.52 -13.83 22.48
C ALA B 359 -3.59 -14.37 23.89
N LEU B 360 -4.59 -15.20 24.20
CA LEU B 360 -4.72 -15.71 25.56
C LEU B 360 -3.58 -16.65 25.93
N GLU B 361 -3.18 -17.54 25.01
CA GLU B 361 -2.08 -18.45 25.30
C GLU B 361 -0.76 -17.70 25.47
N LYS B 362 -0.56 -16.63 24.69
CA LYS B 362 0.65 -15.83 24.84
C LYS B 362 0.58 -14.92 26.06
N LEU B 363 -0.61 -14.43 26.41
CA LEU B 363 -0.74 -13.68 27.66
C LEU B 363 -0.47 -14.60 28.86
N ALA B 364 -0.88 -15.87 28.78
CA ALA B 364 -0.58 -16.81 29.85
C ALA B 364 0.92 -17.03 29.98
N ILE B 365 1.63 -17.11 28.84
CA ILE B 365 3.09 -17.27 28.88
C ILE B 365 3.74 -16.08 29.58
N VAL B 366 3.24 -14.87 29.30
CA VAL B 366 3.79 -13.68 29.92
C VAL B 366 3.46 -13.66 31.41
N ILE B 367 2.28 -14.16 31.78
CA ILE B 367 1.89 -14.19 33.20
C ILE B 367 2.82 -15.09 34.00
N GLU B 368 3.23 -16.23 33.44
CA GLU B 368 4.19 -17.13 34.08
C GLU B 368 5.55 -16.48 34.32
N THR B 369 5.74 -15.20 34.07
CA THR B 369 7.01 -14.54 34.31
C THR B 369 6.75 -13.13 34.83
N LEU C 7 -2.17 -25.90 -15.95
CA LEU C 7 -3.55 -25.89 -15.48
C LEU C 7 -3.70 -25.18 -14.14
N LEU C 8 -2.89 -25.58 -13.17
CA LEU C 8 -2.90 -24.91 -11.87
C LEU C 8 -2.64 -23.42 -12.03
N GLU C 9 -1.61 -23.07 -12.81
CA GLU C 9 -1.20 -21.67 -12.89
C GLU C 9 -2.18 -20.84 -13.69
N MET C 10 -2.72 -21.38 -14.79
CA MET C 10 -3.64 -20.58 -15.59
C MET C 10 -4.97 -20.40 -14.88
N TRP C 11 -5.37 -21.36 -14.04
CA TRP C 11 -6.55 -21.17 -13.21
C TRP C 11 -6.30 -20.07 -12.19
N LEU C 12 -5.17 -20.15 -11.49
CA LEU C 12 -4.84 -19.15 -10.48
C LEU C 12 -4.62 -17.78 -11.09
N SER C 13 -4.34 -17.70 -12.40
CA SER C 13 -4.06 -16.42 -13.05
C SER C 13 -5.32 -15.74 -13.57
N GLU C 14 -6.33 -16.52 -13.97
CA GLU C 14 -7.59 -15.96 -14.43
C GLU C 14 -8.51 -15.53 -13.30
N TYR C 15 -8.21 -15.94 -12.07
CA TYR C 15 -9.05 -15.62 -10.92
C TYR C 15 -8.23 -15.06 -9.75
N GLU C 16 -7.06 -14.47 -10.03
CA GLU C 16 -6.15 -14.06 -8.98
C GLU C 16 -6.69 -12.94 -8.10
N ARG C 17 -7.69 -12.20 -8.57
CA ARG C 17 -8.15 -10.98 -7.89
C ARG C 17 -9.52 -11.12 -7.24
N VAL C 18 -10.06 -12.34 -7.18
CA VAL C 18 -11.35 -12.59 -6.54
C VAL C 18 -11.28 -12.27 -5.05
N PRO C 19 -12.39 -11.82 -4.45
CA PRO C 19 -12.33 -11.40 -3.03
C PRO C 19 -12.20 -12.55 -2.05
N TYR C 20 -12.62 -13.76 -2.40
CA TYR C 20 -12.63 -14.91 -1.49
C TYR C 20 -11.79 -16.02 -2.11
N ASN C 21 -10.48 -15.90 -1.95
CA ASN C 21 -9.53 -16.74 -2.66
C ASN C 21 -9.05 -17.84 -1.73
N LEU C 22 -9.51 -19.07 -2.00
CA LEU C 22 -9.09 -20.26 -1.26
C LEU C 22 -8.29 -21.22 -2.15
N GLY C 23 -7.81 -20.76 -3.29
CA GLY C 23 -7.13 -21.63 -4.23
C GLY C 23 -5.63 -21.69 -4.15
N GLU C 24 -5.00 -20.88 -3.31
CA GLU C 24 -3.55 -20.87 -3.18
C GLU C 24 -3.12 -21.68 -1.97
N SER C 25 -1.82 -21.98 -1.92
CA SER C 25 -1.25 -22.81 -0.88
C SER C 25 -0.40 -22.04 0.11
N SER C 26 -0.38 -20.72 0.04
CA SER C 26 0.26 -19.90 1.05
C SER C 26 -0.78 -19.45 2.06
N VAL C 27 -0.31 -19.07 3.24
CA VAL C 27 -1.20 -18.53 4.26
C VAL C 27 -1.40 -17.05 3.99
N ASP C 28 -2.30 -16.42 4.73
CA ASP C 28 -2.61 -15.00 4.59
C ASP C 28 -1.34 -14.18 4.78
N ASN C 29 -0.88 -13.51 3.73
CA ASN C 29 0.43 -12.88 3.71
C ASN C 29 0.44 -11.55 4.42
N PHE C 30 1.52 -11.29 5.15
CA PHE C 30 1.69 -10.00 5.80
C PHE C 30 1.97 -8.91 4.76
N THR C 31 1.79 -7.67 5.17
CA THR C 31 2.50 -6.59 4.51
C THR C 31 3.90 -6.47 5.10
N LEU C 32 4.77 -5.74 4.40
CA LEU C 32 6.13 -5.59 4.89
C LEU C 32 6.17 -4.93 6.27
N GLY C 33 5.29 -3.95 6.49
CA GLY C 33 5.25 -3.29 7.78
C GLY C 33 4.80 -4.22 8.89
N GLU C 34 3.79 -5.05 8.62
CA GLU C 34 3.32 -6.01 9.62
C GLU C 34 4.43 -6.99 9.99
N LEU C 35 5.12 -7.53 8.99
CA LEU C 35 6.15 -8.52 9.25
C LEU C 35 7.32 -7.92 10.01
N LEU C 36 7.70 -6.68 9.68
CA LEU C 36 8.82 -6.03 10.37
C LEU C 36 8.45 -5.66 11.80
N ASN C 37 7.18 -5.39 12.07
CA ASN C 37 6.77 -5.11 13.45
C ASN C 37 6.92 -6.31 14.35
N LEU C 38 6.99 -7.52 13.78
CA LEU C 38 7.22 -8.73 14.56
C LEU C 38 8.68 -9.14 14.64
N THR C 39 9.45 -8.92 13.57
CA THR C 39 10.83 -9.37 13.54
C THR C 39 11.82 -8.33 14.04
N GLY C 40 11.45 -7.05 14.04
CA GLY C 40 12.35 -6.03 14.53
C GLY C 40 13.51 -5.71 13.61
N ASP C 41 13.43 -6.09 12.34
CA ASP C 41 14.53 -5.91 11.40
C ASP C 41 14.46 -4.57 10.66
N ARG C 42 13.56 -3.67 11.04
CA ARG C 42 13.32 -2.47 10.25
C ARG C 42 14.55 -1.57 10.22
N ASP C 43 15.12 -1.28 11.39
CA ASP C 43 16.21 -0.31 11.49
C ASP C 43 17.49 -0.77 10.81
N ALA C 44 17.70 -2.08 10.65
CA ALA C 44 18.92 -2.59 10.05
C ALA C 44 18.88 -2.61 8.53
N LEU C 45 17.70 -2.48 7.94
CA LEU C 45 17.58 -2.68 6.49
C LEU C 45 18.26 -1.56 5.71
N ASP C 46 18.18 -0.33 6.19
CA ASP C 46 18.73 0.79 5.44
C ASP C 46 20.24 0.73 5.38
N GLN C 47 20.88 -0.01 6.29
CA GLN C 47 22.33 -0.16 6.30
C GLN C 47 22.81 -1.34 5.44
N LEU C 48 21.89 -2.08 4.81
CA LEU C 48 22.28 -3.21 3.98
C LEU C 48 22.84 -2.72 2.66
N SER C 49 23.96 -3.29 2.25
CA SER C 49 24.59 -2.90 0.99
C SER C 49 23.92 -3.59 -0.18
N LEU C 50 23.73 -2.84 -1.27
CA LEU C 50 23.12 -3.41 -2.47
C LEU C 50 24.16 -4.00 -3.40
N MET C 51 25.37 -4.25 -2.90
CA MET C 51 26.30 -5.10 -3.63
C MET C 51 25.77 -6.54 -3.63
N ASN C 52 26.42 -7.39 -4.42
CA ASN C 52 25.97 -8.78 -4.51
C ASN C 52 26.03 -9.47 -3.14
N ASN C 53 24.97 -10.23 -2.84
CA ASN C 53 24.92 -11.05 -1.64
C ASN C 53 25.89 -12.23 -1.77
N ASP C 54 26.16 -12.87 -0.63
CA ASP C 54 26.82 -14.17 -0.64
C ASP C 54 26.09 -15.08 -1.61
N THR C 55 26.86 -15.73 -2.50
CA THR C 55 26.21 -16.56 -3.50
C THR C 55 25.65 -17.86 -2.92
N HIS C 56 25.92 -18.15 -1.65
CA HIS C 56 25.29 -19.26 -0.94
C HIS C 56 24.09 -18.82 -0.12
N GLY C 57 23.80 -17.52 -0.08
CA GLY C 57 22.94 -16.95 0.94
C GLY C 57 23.74 -16.43 2.10
N SER C 58 23.21 -15.39 2.74
CA SER C 58 23.95 -14.74 3.81
C SER C 58 24.16 -15.70 4.97
N LEU C 59 25.21 -15.43 5.73
CA LEU C 59 25.50 -16.24 6.92
C LEU C 59 24.36 -16.18 7.93
N ARG C 60 23.78 -15.00 8.12
CA ARG C 60 22.66 -14.88 9.06
C ARG C 60 21.52 -15.80 8.67
N LEU C 61 21.17 -15.85 7.38
CA LEU C 61 20.08 -16.72 6.95
C LEU C 61 20.47 -18.18 7.03
N ARG C 62 21.69 -18.52 6.60
CA ARG C 62 22.12 -19.92 6.62
C ARG C 62 22.30 -20.43 8.05
N GLU C 63 22.70 -19.56 8.98
CA GLU C 63 22.76 -19.96 10.39
C GLU C 63 21.36 -20.11 10.97
N ALA C 64 20.44 -19.21 10.61
CA ALA C 64 19.06 -19.34 11.07
C ALA C 64 18.40 -20.60 10.52
N ILE C 65 18.69 -20.94 9.26
CA ILE C 65 18.15 -22.18 8.70
C ILE C 65 18.78 -23.39 9.38
N ALA C 66 20.11 -23.36 9.54
CA ALA C 66 20.81 -24.50 10.14
C ALA C 66 20.42 -24.72 11.59
N SER C 67 20.07 -23.67 12.32
CA SER C 67 19.73 -23.83 13.73
C SER C 67 18.48 -24.68 13.93
N LEU C 68 17.69 -24.88 12.88
CA LEU C 68 16.45 -25.65 13.01
C LEU C 68 16.71 -27.14 13.18
N ASP C 69 17.87 -27.64 12.73
CA ASP C 69 18.15 -29.06 12.79
C ASP C 69 19.62 -29.32 13.13
N LYS C 70 19.83 -30.27 14.06
CA LYS C 70 21.20 -30.63 14.45
C LYS C 70 21.96 -31.28 13.31
N SER C 71 21.26 -31.93 12.38
CA SER C 71 21.94 -32.51 11.23
C SER C 71 22.36 -31.47 10.21
N VAL C 72 21.96 -30.21 10.38
CA VAL C 72 22.19 -29.17 9.38
C VAL C 72 23.17 -28.16 9.94
N SER C 73 24.22 -27.89 9.18
CA SER C 73 25.18 -26.84 9.47
C SER C 73 25.07 -25.74 8.42
N PRO C 74 25.50 -24.52 8.74
CA PRO C 74 25.32 -23.41 7.79
C PRO C 74 25.96 -23.67 6.43
N ASP C 75 27.02 -24.46 6.38
CA ASP C 75 27.73 -24.74 5.14
C ASP C 75 27.04 -25.78 4.27
N ASP C 76 25.95 -26.38 4.73
CA ASP C 76 25.21 -27.38 3.96
C ASP C 76 24.12 -26.78 3.09
N ILE C 77 23.92 -25.46 3.14
CA ILE C 77 22.71 -24.81 2.64
C ILE C 77 23.07 -23.92 1.45
N LEU C 78 22.18 -23.91 0.45
CA LEU C 78 22.29 -23.03 -0.71
C LEU C 78 20.98 -22.26 -0.86
N VAL C 79 20.99 -20.97 -0.52
CA VAL C 79 19.77 -20.16 -0.63
C VAL C 79 19.49 -19.85 -2.10
N THR C 80 18.21 -19.96 -2.48
CA THR C 80 17.77 -19.79 -3.85
C THR C 80 16.56 -18.86 -3.90
N ALA C 81 16.16 -18.49 -5.11
CA ALA C 81 15.01 -17.60 -5.33
C ALA C 81 13.74 -18.45 -5.31
N GLY C 82 13.27 -18.75 -4.11
CA GLY C 82 12.23 -19.73 -3.92
C GLY C 82 12.78 -21.13 -4.09
N THR C 83 12.05 -22.16 -3.66
CA THR C 83 12.49 -23.52 -3.93
C THR C 83 12.31 -23.91 -5.39
N THR C 84 11.52 -23.14 -6.16
CA THR C 84 11.39 -23.41 -7.59
C THR C 84 12.75 -23.36 -8.29
N GLU C 85 13.59 -22.38 -7.90
CA GLU C 85 14.94 -22.32 -8.46
C GLU C 85 15.77 -23.51 -7.99
N ALA C 86 15.63 -23.90 -6.71
CA ALA C 86 16.38 -25.03 -6.18
C ALA C 86 16.02 -26.32 -6.92
N ILE C 87 14.75 -26.48 -7.26
CA ILE C 87 14.31 -27.65 -8.02
C ILE C 87 15.00 -27.68 -9.39
N LEU C 88 15.10 -26.52 -10.04
CA LEU C 88 15.69 -26.45 -11.37
C LEU C 88 17.16 -26.84 -11.36
N ILE C 89 17.95 -26.27 -10.43
CA ILE C 89 19.38 -26.55 -10.41
C ILE C 89 19.66 -27.99 -10.02
N TYR C 90 18.94 -28.52 -9.03
CA TYR C 90 19.20 -29.89 -8.60
C TYR C 90 18.96 -30.87 -9.74
N PHE C 91 17.79 -30.79 -10.39
CA PHE C 91 17.51 -31.70 -11.50
C PHE C 91 18.43 -31.46 -12.69
N LYS C 92 18.83 -30.20 -12.93
CA LYS C 92 19.74 -29.92 -14.04
C LYS C 92 21.10 -30.58 -13.83
N VAL C 93 21.71 -30.38 -12.65
CA VAL C 93 23.05 -30.89 -12.43
C VAL C 93 23.07 -32.42 -12.42
N ARG C 94 22.00 -33.06 -11.95
CA ARG C 94 21.98 -34.51 -11.84
C ARG C 94 21.56 -35.23 -13.12
N TYR C 95 21.12 -34.50 -14.14
CA TYR C 95 20.61 -35.17 -15.33
C TYR C 95 21.72 -35.90 -16.08
N ARG C 96 21.41 -37.11 -16.53
CA ARG C 96 22.24 -37.83 -17.49
C ARG C 96 21.29 -38.64 -18.38
N SER C 97 21.82 -39.06 -19.52
CA SER C 97 21.00 -39.77 -20.50
C SER C 97 20.52 -41.12 -19.97
N GLY C 98 19.25 -41.40 -20.17
CA GLY C 98 18.66 -42.64 -19.70
C GLY C 98 18.22 -42.61 -18.26
N ALA C 99 18.27 -41.46 -17.60
CA ALA C 99 17.89 -41.35 -16.21
C ALA C 99 16.39 -41.19 -16.10
N ASN C 100 15.83 -41.66 -14.98
CA ASN C 100 14.43 -41.44 -14.69
C ASN C 100 14.28 -40.88 -13.29
N VAL C 101 13.13 -40.29 -13.03
CA VAL C 101 12.78 -39.80 -11.71
C VAL C 101 11.41 -40.33 -11.37
N VAL C 102 11.19 -40.62 -10.09
CA VAL C 102 9.93 -41.14 -9.59
C VAL C 102 9.26 -40.02 -8.81
N VAL C 103 8.03 -39.70 -9.19
CA VAL C 103 7.27 -38.60 -8.60
C VAL C 103 5.89 -39.09 -8.16
N PRO C 104 5.60 -39.12 -6.86
CA PRO C 104 4.22 -39.39 -6.45
C PRO C 104 3.31 -38.23 -6.81
N VAL C 105 2.14 -38.55 -7.36
CA VAL C 105 1.15 -37.55 -7.75
C VAL C 105 -0.19 -37.89 -7.13
N PRO C 106 -1.07 -36.91 -6.86
CA PRO C 106 -0.94 -35.46 -7.11
C PRO C 106 0.11 -34.75 -6.25
N THR C 107 0.81 -33.79 -6.83
CA THR C 107 1.78 -32.95 -6.12
C THR C 107 1.90 -31.64 -6.88
N PHE C 108 2.83 -30.79 -6.46
CA PHE C 108 3.09 -29.56 -7.19
C PHE C 108 3.67 -29.87 -8.56
N HIS C 109 3.05 -29.30 -9.61
CA HIS C 109 3.31 -29.71 -10.98
C HIS C 109 4.77 -29.55 -11.39
N VAL C 110 5.46 -28.57 -10.81
CA VAL C 110 6.86 -28.34 -11.17
C VAL C 110 7.71 -29.55 -10.83
N LEU C 111 7.33 -30.30 -9.79
CA LEU C 111 8.14 -31.43 -9.34
C LEU C 111 8.24 -32.53 -10.39
N TYR C 112 7.26 -32.63 -11.30
CA TYR C 112 7.38 -33.56 -12.41
C TYR C 112 7.52 -32.89 -13.76
N GLU C 113 7.13 -31.62 -13.89
CA GLU C 113 7.24 -30.96 -15.18
C GLU C 113 8.66 -30.46 -15.43
N THR C 114 9.31 -29.92 -14.40
CA THR C 114 10.70 -29.50 -14.55
C THR C 114 11.61 -30.65 -14.94
N PRO C 115 11.56 -31.85 -14.33
CA PRO C 115 12.40 -32.94 -14.82
C PRO C 115 12.11 -33.36 -16.25
N ALA C 116 10.86 -33.22 -16.70
CA ALA C 116 10.52 -33.60 -18.07
C ALA C 116 11.20 -32.68 -19.08
N PHE C 117 11.24 -31.38 -18.79
CA PHE C 117 11.93 -30.44 -19.67
C PHE C 117 13.41 -30.77 -19.78
N LEU C 118 14.01 -31.26 -18.69
CA LEU C 118 15.43 -31.56 -18.66
C LEU C 118 15.76 -32.91 -19.27
N GLY C 119 14.77 -33.63 -19.79
CA GLY C 119 15.00 -34.88 -20.49
C GLY C 119 14.85 -36.13 -19.67
N TYR C 120 14.54 -36.03 -18.38
CA TYR C 120 14.33 -37.22 -17.57
C TYR C 120 13.13 -38.01 -18.07
N GLU C 121 13.19 -39.32 -17.88
CA GLU C 121 11.96 -40.11 -17.92
C GLU C 121 11.24 -39.94 -16.59
N VAL C 122 9.96 -39.60 -16.65
CA VAL C 122 9.21 -39.32 -15.42
C VAL C 122 8.28 -40.50 -15.16
N ARG C 123 8.46 -41.13 -14.02
CA ARG C 123 7.64 -42.26 -13.59
C ARG C 123 6.76 -41.78 -12.44
N TYR C 124 5.45 -41.86 -12.64
CA TYR C 124 4.49 -41.34 -11.66
C TYR C 124 4.02 -42.47 -10.75
N LEU C 125 4.00 -42.19 -9.44
CA LEU C 125 3.40 -43.08 -8.46
C LEU C 125 2.03 -42.47 -8.11
N GLN C 126 0.98 -43.02 -8.68
CA GLN C 126 -0.36 -42.48 -8.48
C GLN C 126 -0.81 -42.74 -7.06
N LEU C 127 -0.95 -41.67 -6.28
CA LEU C 127 -1.53 -41.74 -4.95
C LEU C 127 -3.04 -41.53 -5.03
N ARG C 128 -3.78 -42.18 -4.14
CA ARG C 128 -5.23 -42.18 -4.22
C ARG C 128 -5.83 -41.98 -2.84
N ALA C 129 -6.96 -41.27 -2.79
CA ALA C 129 -7.58 -40.96 -1.50
C ALA C 129 -8.10 -42.20 -0.79
N GLU C 130 -8.52 -43.23 -1.53
CA GLU C 130 -8.92 -44.49 -0.91
C GLU C 130 -7.82 -45.04 -0.02
N ASN C 131 -6.57 -44.93 -0.44
CA ASN C 131 -5.44 -45.38 0.35
C ASN C 131 -4.81 -44.24 1.15
N GLY C 132 -5.56 -43.17 1.38
CA GLY C 132 -5.09 -42.05 2.17
C GLY C 132 -3.98 -41.22 1.56
N PHE C 133 -3.81 -41.29 0.24
CA PHE C 133 -2.72 -40.59 -0.47
C PHE C 133 -1.36 -40.95 0.10
N ARG C 134 -1.20 -42.19 0.58
CA ARG C 134 0.04 -42.62 1.21
C ARG C 134 0.89 -43.40 0.23
N ILE C 135 2.20 -43.37 0.44
CA ILE C 135 3.15 -44.05 -0.45
C ILE C 135 3.24 -45.51 -0.02
N ASP C 136 2.92 -46.42 -0.96
CA ASP C 136 3.09 -47.84 -0.72
C ASP C 136 4.49 -48.25 -1.15
N PRO C 137 5.39 -48.58 -0.22
CA PRO C 137 6.78 -48.86 -0.61
C PRO C 137 6.94 -50.06 -1.51
N GLN C 138 6.04 -51.05 -1.44
CA GLN C 138 6.15 -52.18 -2.36
C GLN C 138 5.72 -51.80 -3.77
N GLU C 139 4.80 -50.85 -3.90
CA GLU C 139 4.44 -50.36 -5.23
C GLU C 139 5.42 -49.29 -5.71
N LEU C 140 6.03 -48.54 -4.79
CA LEU C 140 7.06 -47.58 -5.17
C LEU C 140 8.33 -48.28 -5.65
N ALA C 141 8.74 -49.35 -4.97
CA ALA C 141 9.95 -50.06 -5.36
C ALA C 141 9.86 -50.65 -6.76
N LYS C 142 8.64 -50.81 -7.29
CA LYS C 142 8.48 -51.31 -8.65
C LYS C 142 8.85 -50.27 -9.70
N LEU C 143 8.93 -49.00 -9.30
CA LEU C 143 9.22 -47.91 -10.23
C LEU C 143 10.69 -47.51 -10.20
N VAL C 144 11.46 -48.03 -9.26
CA VAL C 144 12.84 -47.60 -9.03
C VAL C 144 13.78 -48.58 -9.69
N ASP C 145 14.57 -48.09 -10.65
CA ASP C 145 15.61 -48.84 -11.35
C ASP C 145 16.96 -48.54 -10.73
N ASP C 146 18.00 -49.21 -11.25
CA ASP C 146 19.35 -48.70 -11.04
C ASP C 146 19.58 -47.42 -11.83
N ASN C 147 18.73 -47.14 -12.82
CA ASN C 147 18.75 -45.91 -13.59
C ASN C 147 17.96 -44.78 -12.93
N THR C 148 17.24 -45.06 -11.86
CA THR C 148 16.50 -44.03 -11.15
C THR C 148 17.49 -43.10 -10.45
N GLU C 149 17.44 -41.82 -10.76
CA GLU C 149 18.37 -40.86 -10.18
C GLU C 149 17.75 -40.06 -9.04
N VAL C 150 16.46 -39.76 -9.09
CA VAL C 150 15.80 -38.96 -8.07
C VAL C 150 14.48 -39.61 -7.71
N ILE C 151 14.19 -39.65 -6.41
CA ILE C 151 12.86 -39.99 -5.90
C ILE C 151 12.36 -38.76 -5.17
N VAL C 152 11.24 -38.21 -5.63
CA VAL C 152 10.69 -37.00 -5.03
C VAL C 152 9.83 -37.37 -3.83
N LEU C 153 10.06 -36.70 -2.71
CA LEU C 153 9.32 -36.97 -1.48
C LEU C 153 8.84 -35.63 -0.93
N ASN C 154 7.63 -35.24 -1.32
CA ASN C 154 7.00 -34.01 -0.84
C ASN C 154 6.20 -34.36 0.41
N THR C 155 6.77 -34.05 1.58
CA THR C 155 6.10 -34.27 2.85
C THR C 155 6.38 -33.09 3.78
N PRO C 156 5.35 -32.43 4.32
CA PRO C 156 3.90 -32.63 4.12
C PRO C 156 3.46 -32.44 2.68
N GLN C 157 2.47 -33.22 2.23
CA GLN C 157 2.06 -33.21 0.84
C GLN C 157 1.25 -31.97 0.49
N ASN C 158 1.50 -31.45 -0.70
CA ASN C 158 0.61 -30.54 -1.41
C ASN C 158 -0.01 -31.32 -2.56
N PRO C 159 -1.34 -31.42 -2.68
CA PRO C 159 -2.41 -30.74 -1.94
C PRO C 159 -3.00 -31.49 -0.75
N SER C 160 -2.63 -32.73 -0.47
CA SER C 160 -3.40 -33.52 0.48
C SER C 160 -3.15 -33.11 1.93
N GLY C 161 -1.90 -32.78 2.27
CA GLY C 161 -1.54 -32.51 3.65
C GLY C 161 -1.01 -33.71 4.40
N VAL C 162 -0.80 -34.84 3.72
CA VAL C 162 -0.35 -36.06 4.37
C VAL C 162 1.12 -35.97 4.73
N VAL C 163 1.47 -36.42 5.93
CA VAL C 163 2.84 -36.49 6.41
C VAL C 163 3.31 -37.94 6.41
N CYS C 164 4.47 -38.19 5.82
CA CYS C 164 5.02 -39.55 5.79
C CYS C 164 5.30 -40.06 7.19
N SER C 165 4.95 -41.32 7.44
CA SER C 165 5.17 -41.92 8.75
C SER C 165 6.64 -42.32 8.88
N GLU C 166 7.04 -42.60 10.14
CA GLU C 166 8.42 -42.97 10.39
C GLU C 166 8.83 -44.25 9.66
N THR C 167 7.90 -45.20 9.51
CA THR C 167 8.21 -46.44 8.81
C THR C 167 8.22 -46.26 7.30
N GLU C 168 7.31 -45.43 6.77
CA GLU C 168 7.30 -45.13 5.34
C GLU C 168 8.61 -44.49 4.89
N ILE C 169 9.13 -43.57 5.70
CA ILE C 169 10.38 -42.89 5.36
C ILE C 169 11.53 -43.90 5.28
N GLN C 170 11.62 -44.82 6.25
CA GLN C 170 12.72 -45.77 6.27
C GLN C 170 12.66 -46.71 5.07
N SER C 171 11.46 -47.09 4.63
CA SER C 171 11.34 -47.95 3.47
C SER C 171 11.78 -47.24 2.20
N ILE C 172 11.42 -45.96 2.06
CA ILE C 172 11.85 -45.19 0.91
C ILE C 172 13.37 -45.00 0.91
N ILE C 173 13.94 -44.74 2.10
CA ILE C 173 15.39 -44.64 2.24
C ILE C 173 16.07 -45.93 1.78
N GLU C 174 15.49 -47.08 2.13
CA GLU C 174 16.11 -48.36 1.78
C GLU C 174 16.03 -48.62 0.29
N ILE C 175 14.91 -48.27 -0.34
CA ILE C 175 14.80 -48.42 -1.79
C ILE C 175 15.80 -47.52 -2.48
N ALA C 176 15.95 -46.28 -1.99
CA ALA C 176 16.89 -45.35 -2.58
C ALA C 176 18.33 -45.84 -2.43
N GLU C 177 18.70 -46.22 -1.21
CA GLU C 177 20.06 -46.70 -0.97
C GLU C 177 20.35 -47.99 -1.74
N LYS C 178 19.32 -48.79 -2.01
CA LYS C 178 19.52 -50.04 -2.74
C LYS C 178 19.83 -49.79 -4.21
N HIS C 179 19.16 -48.82 -4.81
CA HIS C 179 19.34 -48.49 -6.22
C HIS C 179 20.26 -47.29 -6.45
N ASN C 180 20.94 -46.82 -5.41
CA ASN C 180 21.84 -45.66 -5.51
C ASN C 180 21.11 -44.45 -6.08
N ALA C 181 19.88 -44.23 -5.63
CA ALA C 181 19.06 -43.10 -6.03
C ALA C 181 19.00 -42.08 -4.90
N GLU C 182 18.94 -40.81 -5.26
CA GLU C 182 18.81 -39.76 -4.26
C GLU C 182 17.34 -39.48 -3.96
N ILE C 183 17.11 -38.91 -2.78
CA ILE C 183 15.78 -38.54 -2.32
C ILE C 183 15.73 -37.02 -2.27
N LEU C 184 14.83 -36.44 -3.05
CA LEU C 184 14.60 -34.99 -3.05
C LEU C 184 13.42 -34.72 -2.13
N ALA C 185 13.71 -34.31 -0.90
CA ALA C 185 12.71 -34.12 0.13
C ALA C 185 12.24 -32.66 0.13
N ASP C 186 11.04 -32.43 -0.41
CA ASP C 186 10.41 -31.12 -0.43
C ASP C 186 9.69 -30.91 0.89
N GLU C 187 10.38 -30.27 1.84
CA GLU C 187 9.87 -30.02 3.18
C GLU C 187 9.30 -28.61 3.33
N HIS C 188 8.63 -28.12 2.29
CA HIS C 188 8.10 -26.76 2.29
C HIS C 188 7.25 -26.47 3.53
N TYR C 189 6.31 -27.37 3.85
CA TYR C 189 5.27 -27.12 4.83
C TYR C 189 5.60 -27.67 6.22
N ARG C 190 6.88 -27.95 6.49
CA ARG C 190 7.29 -28.54 7.76
C ARG C 190 6.97 -27.65 8.95
N PHE C 191 6.71 -26.37 8.73
CA PHE C 191 6.54 -25.43 9.84
C PHE C 191 5.15 -25.45 10.44
N LEU C 192 4.17 -26.10 9.79
CA LEU C 192 2.79 -26.10 10.27
C LEU C 192 2.27 -27.52 10.45
N PRO C 193 2.70 -28.21 11.50
CA PRO C 193 1.98 -29.41 11.92
C PRO C 193 0.63 -29.04 12.49
N HIS C 194 -0.31 -29.97 12.41
CA HIS C 194 -1.65 -29.72 12.94
C HIS C 194 -1.86 -30.33 14.34
N THR C 198 5.46 -30.79 19.11
CA THR C 198 6.59 -30.05 18.55
C THR C 198 6.10 -28.83 17.79
N GLU C 199 6.92 -27.77 17.75
CA GLU C 199 6.54 -26.56 17.03
C GLU C 199 6.60 -26.78 15.52
N ILE C 200 7.68 -27.39 15.03
CA ILE C 200 7.83 -27.68 13.62
C ILE C 200 8.31 -29.12 13.46
N LEU C 201 8.02 -29.69 12.29
CA LEU C 201 8.44 -31.05 11.99
C LEU C 201 9.94 -31.11 11.74
N PRO C 202 10.61 -32.17 12.16
CA PRO C 202 12.05 -32.26 11.94
C PRO C 202 12.36 -32.44 10.46
N SER C 203 13.51 -31.90 10.06
CA SER C 203 13.94 -32.05 8.67
C SER C 203 14.42 -33.46 8.43
N LEU C 204 14.18 -33.96 7.22
CA LEU C 204 14.67 -35.28 6.88
C LEU C 204 16.15 -35.29 6.55
N TYR C 205 16.80 -34.12 6.56
CA TYR C 205 18.20 -34.05 6.18
C TYR C 205 19.03 -34.75 7.23
N GLY C 206 20.05 -35.49 6.77
CA GLY C 206 20.90 -36.26 7.65
C GLY C 206 20.44 -37.67 7.87
N LEU C 207 19.19 -38.00 7.52
CA LEU C 207 18.66 -39.33 7.81
C LEU C 207 19.24 -40.37 6.87
N SER C 208 19.80 -39.94 5.75
CA SER C 208 20.43 -40.80 4.77
C SER C 208 21.30 -39.93 3.88
N PRO C 209 22.42 -40.45 3.37
CA PRO C 209 23.24 -39.66 2.44
C PRO C 209 22.55 -39.35 1.14
N LYS C 210 21.47 -40.07 0.80
CA LYS C 210 20.75 -39.88 -0.44
C LYS C 210 19.68 -38.80 -0.36
N ILE C 211 19.55 -38.12 0.78
CA ILE C 211 18.49 -37.15 0.99
C ILE C 211 19.01 -35.75 0.71
N ILE C 212 18.33 -35.04 -0.18
CA ILE C 212 18.52 -33.61 -0.40
C ILE C 212 17.23 -32.92 0.03
N SER C 213 17.36 -31.92 0.89
CA SER C 213 16.20 -31.30 1.53
C SER C 213 15.93 -29.91 0.96
N LEU C 214 14.65 -29.63 0.71
CA LEU C 214 14.18 -28.32 0.30
C LEU C 214 13.31 -27.72 1.40
N GLY C 215 13.49 -26.43 1.65
CA GLY C 215 12.65 -25.72 2.60
C GLY C 215 12.38 -24.31 2.12
N SER C 216 11.48 -23.63 2.81
CA SER C 216 11.15 -22.26 2.46
C SER C 216 10.30 -21.63 3.54
N THR C 217 10.46 -20.31 3.70
CA THR C 217 9.62 -19.53 4.59
C THR C 217 8.32 -19.07 3.95
N GLY C 218 8.20 -19.18 2.63
CA GLY C 218 7.17 -18.50 1.87
C GLY C 218 5.72 -18.84 2.18
N LYS C 219 5.39 -20.13 2.15
CA LYS C 219 3.99 -20.53 2.30
C LYS C 219 3.57 -20.59 3.76
N CYS C 220 4.49 -20.89 4.67
CA CYS C 220 4.13 -21.06 6.07
C CYS C 220 4.18 -19.78 6.88
N PHE C 221 4.93 -18.76 6.45
CA PHE C 221 5.16 -17.59 7.27
C PHE C 221 4.46 -16.33 6.75
N GLY C 222 3.65 -16.45 5.71
CA GLY C 222 2.94 -15.27 5.24
C GLY C 222 3.81 -14.26 4.52
N CYS C 223 4.83 -14.71 3.80
CA CYS C 223 5.72 -13.82 3.08
C CYS C 223 6.21 -14.53 1.81
N ILE C 224 5.26 -15.05 1.04
CA ILE C 224 5.58 -15.81 -0.17
C ILE C 224 6.32 -14.96 -1.19
N GLY C 225 6.06 -13.65 -1.20
CA GLY C 225 6.63 -12.78 -2.21
C GLY C 225 8.11 -12.51 -2.05
N LEU C 226 8.69 -12.82 -0.89
CA LEU C 226 10.12 -12.60 -0.67
C LEU C 226 10.98 -13.40 -1.63
N ARG C 227 10.48 -14.51 -2.16
CA ARG C 227 11.21 -15.40 -3.07
C ARG C 227 12.51 -15.88 -2.41
N ILE C 228 12.36 -16.56 -1.27
CA ILE C 228 13.47 -17.14 -0.53
C ILE C 228 13.20 -18.61 -0.30
N GLY C 229 14.11 -19.47 -0.77
CA GLY C 229 14.09 -20.88 -0.47
C GLY C 229 15.52 -21.35 -0.22
N TRP C 230 15.66 -22.66 -0.02
CA TRP C 230 17.01 -23.17 0.20
C TRP C 230 17.03 -24.66 -0.10
N LEU C 231 18.23 -25.14 -0.42
CA LEU C 231 18.52 -26.54 -0.65
C LEU C 231 19.61 -26.96 0.32
N ILE C 232 19.45 -28.14 0.92
CA ILE C 232 20.40 -28.68 1.87
C ILE C 232 20.91 -30.00 1.33
N GLY C 233 22.23 -30.17 1.31
CA GLY C 233 22.79 -31.38 0.74
C GLY C 233 24.25 -31.49 1.07
N ASN C 234 24.83 -32.63 0.65
CA ASN C 234 26.23 -32.89 0.84
C ASN C 234 27.07 -31.88 0.06
N PRO C 235 28.36 -31.75 0.38
CA PRO C 235 29.18 -30.73 -0.29
C PRO C 235 29.21 -30.87 -1.81
N GLU C 236 29.04 -32.07 -2.35
CA GLU C 236 29.18 -32.25 -3.78
C GLU C 236 27.97 -31.69 -4.52
N ILE C 237 26.78 -31.87 -3.96
CA ILE C 237 25.59 -31.31 -4.61
C ILE C 237 25.50 -29.80 -4.38
N ILE C 238 25.97 -29.31 -3.22
CA ILE C 238 25.97 -27.87 -3.00
C ILE C 238 26.97 -27.20 -3.92
N LYS C 239 28.16 -27.81 -4.08
CA LYS C 239 29.17 -27.27 -4.98
C LYS C 239 28.68 -27.27 -6.42
N ALA C 240 27.95 -28.31 -6.83
CA ALA C 240 27.46 -28.39 -8.21
C ALA C 240 26.31 -27.41 -8.43
N CYS C 241 25.42 -27.27 -7.44
CA CYS C 241 24.28 -26.38 -7.58
C CYS C 241 24.70 -24.92 -7.53
N HIS C 242 25.68 -24.60 -6.68
CA HIS C 242 26.20 -23.24 -6.59
C HIS C 242 26.80 -22.80 -7.93
N PHE C 243 27.45 -23.72 -8.62
CA PHE C 243 28.03 -23.44 -9.92
C PHE C 243 26.95 -23.06 -10.93
N PHE C 244 25.90 -23.88 -11.04
CA PHE C 244 24.90 -23.65 -12.06
C PHE C 244 23.95 -22.52 -11.72
N LYS C 245 23.88 -22.08 -10.46
CA LYS C 245 23.05 -20.92 -10.15
C LYS C 245 23.56 -19.65 -10.81
N ASP C 246 24.84 -19.63 -11.20
CA ASP C 246 25.37 -18.48 -11.92
C ASP C 246 24.65 -18.22 -13.23
N TYR C 247 24.00 -19.23 -13.81
CA TYR C 247 23.32 -19.08 -15.09
C TYR C 247 21.80 -19.02 -14.94
N THR C 248 21.30 -18.86 -13.71
CA THR C 248 19.87 -18.72 -13.48
C THR C 248 19.56 -17.35 -12.87
N THR C 249 20.01 -17.08 -11.65
CA THR C 249 19.82 -15.77 -11.05
C THR C 249 21.06 -15.24 -10.35
N HIS C 250 22.13 -16.03 -10.28
CA HIS C 250 23.41 -15.68 -9.63
C HIS C 250 23.28 -15.56 -8.11
N THR C 251 22.53 -14.56 -7.63
CA THR C 251 22.34 -14.36 -6.20
C THR C 251 20.90 -13.97 -5.93
N VAL C 252 20.51 -14.04 -4.65
CA VAL C 252 19.28 -13.45 -4.19
C VAL C 252 19.62 -12.14 -3.50
N CYS C 253 18.65 -11.23 -3.45
CA CYS C 253 18.90 -9.92 -2.87
C CYS C 253 19.17 -10.02 -1.37
N VAL C 254 20.14 -9.23 -0.90
CA VAL C 254 20.45 -9.17 0.52
C VAL C 254 19.25 -8.72 1.32
N LEU C 255 18.30 -8.02 0.71
CA LEU C 255 17.14 -7.51 1.42
C LEU C 255 16.17 -8.62 1.76
N ASN C 256 15.72 -9.37 0.75
CA ASN C 256 14.85 -10.52 0.98
C ASN C 256 15.52 -11.55 1.87
N ASP C 257 16.80 -11.84 1.58
CA ASP C 257 17.59 -12.74 2.40
C ASP C 257 17.53 -12.33 3.86
N TYR C 258 17.76 -11.06 4.14
CA TYR C 258 17.82 -10.59 5.52
C TYR C 258 16.46 -10.68 6.20
N ILE C 259 15.39 -10.37 5.47
CA ILE C 259 14.05 -10.37 6.04
C ILE C 259 13.62 -11.80 6.37
N ALA C 260 13.90 -12.74 5.48
CA ALA C 260 13.54 -14.14 5.73
C ALA C 260 14.29 -14.70 6.92
N ALA C 261 15.54 -14.27 7.14
CA ALA C 261 16.28 -14.72 8.31
C ALA C 261 15.60 -14.27 9.60
N GLY C 262 15.16 -13.02 9.65
CA GLY C 262 14.46 -12.54 10.83
C GLY C 262 13.14 -13.25 11.06
N VAL C 263 12.52 -13.72 9.98
CA VAL C 263 11.29 -14.50 10.09
C VAL C 263 11.55 -15.79 10.85
N LEU C 264 12.60 -16.52 10.46
CA LEU C 264 12.96 -17.77 11.14
C LEU C 264 13.38 -17.52 12.58
N LEU C 265 14.11 -16.41 12.83
CA LEU C 265 14.59 -16.10 14.16
C LEU C 265 13.48 -15.70 15.12
N HIS C 266 12.31 -15.33 14.59
CA HIS C 266 11.15 -14.97 15.40
C HIS C 266 9.92 -15.80 15.03
N LYS C 267 10.13 -17.06 14.64
CA LYS C 267 9.05 -17.92 14.20
C LYS C 267 7.93 -18.06 15.23
N GLY C 268 8.26 -17.96 16.52
CA GLY C 268 7.25 -18.08 17.56
C GLY C 268 6.21 -16.97 17.56
N LYS C 269 6.49 -15.86 16.87
CA LYS C 269 5.53 -14.78 16.72
C LYS C 269 4.64 -14.95 15.49
N ILE C 270 4.83 -15.99 14.69
CA ILE C 270 4.15 -16.10 13.41
C ILE C 270 3.44 -17.44 13.28
N LEU C 271 4.17 -18.53 13.44
CA LEU C 271 3.59 -19.86 13.19
C LEU C 271 2.44 -20.19 14.14
N PRO C 272 2.49 -19.89 15.44
CA PRO C 272 1.32 -20.19 16.30
C PRO C 272 0.04 -19.52 15.84
N ARG C 273 0.11 -18.27 15.39
CA ARG C 273 -1.09 -17.57 14.94
C ARG C 273 -1.70 -18.27 13.73
N TYR C 274 -0.87 -18.76 12.81
CA TYR C 274 -1.40 -19.46 11.65
C TYR C 274 -1.90 -20.86 12.00
N ARG C 275 -1.26 -21.52 12.98
CA ARG C 275 -1.74 -22.83 13.43
C ARG C 275 -3.16 -22.73 13.98
N GLN C 276 -3.43 -21.69 14.76
CA GLN C 276 -4.78 -21.49 15.29
C GLN C 276 -5.79 -21.25 14.18
N MET C 277 -5.40 -20.52 13.12
CA MET C 277 -6.32 -20.30 12.00
C MET C 277 -6.60 -21.61 11.29
N ILE C 278 -5.57 -22.42 11.07
CA ILE C 278 -5.75 -23.68 10.37
C ILE C 278 -6.59 -24.64 11.22
N GLN C 279 -6.34 -24.69 12.53
CA GLN C 279 -7.09 -25.61 13.39
C GLN C 279 -8.56 -25.22 13.45
N HIS C 280 -8.86 -23.93 13.49
CA HIS C 280 -10.25 -23.47 13.42
C HIS C 280 -10.89 -23.87 12.08
N ASN C 281 -10.13 -23.77 10.99
CA ASN C 281 -10.68 -24.09 9.68
C ASN C 281 -10.81 -25.58 9.42
N ILE C 282 -9.91 -26.39 9.98
CA ILE C 282 -10.10 -27.84 9.93
C ILE C 282 -11.37 -28.22 10.66
N GLN C 283 -11.62 -27.57 11.80
CA GLN C 283 -12.85 -27.79 12.55
C GLN C 283 -14.07 -27.38 11.74
N GLN C 284 -14.02 -26.20 11.12
CA GLN C 284 -15.15 -25.74 10.31
C GLN C 284 -15.39 -26.65 9.12
N PHE C 285 -14.35 -27.26 8.56
CA PHE C 285 -14.59 -28.12 7.41
C PHE C 285 -15.18 -29.47 7.82
N GLU C 286 -14.80 -29.98 8.99
CA GLU C 286 -15.43 -31.19 9.50
C GLU C 286 -16.90 -30.93 9.82
N THR C 287 -17.21 -29.73 10.33
CA THR C 287 -18.61 -29.33 10.47
C THR C 287 -19.31 -29.33 9.11
N PHE C 288 -18.62 -28.81 8.08
CA PHE C 288 -19.19 -28.77 6.75
C PHE C 288 -19.39 -30.17 6.18
N ILE C 289 -18.46 -31.08 6.47
CA ILE C 289 -18.63 -32.47 6.02
C ILE C 289 -19.85 -33.09 6.67
N LYS C 290 -20.06 -32.80 7.96
CA LYS C 290 -21.25 -33.30 8.64
C LYS C 290 -22.52 -32.73 8.02
N GLN C 291 -22.52 -31.44 7.70
CA GLN C 291 -23.69 -30.83 7.07
C GLN C 291 -23.97 -31.44 5.71
N GLN C 292 -22.92 -31.79 4.97
CA GLN C 292 -23.10 -32.34 3.63
C GLN C 292 -23.52 -33.80 3.65
N ARG C 293 -23.32 -34.49 4.76
CA ARG C 293 -23.86 -35.83 5.00
C ARG C 293 -23.46 -36.80 3.89
N GLY C 294 -22.15 -36.97 3.74
CA GLY C 294 -21.62 -37.97 2.83
C GLY C 294 -21.38 -37.49 1.42
N LEU C 295 -21.85 -36.30 1.05
CA LEU C 295 -21.58 -35.79 -0.30
C LEU C 295 -20.13 -35.36 -0.44
N ILE C 296 -19.54 -34.79 0.62
CA ILE C 296 -18.16 -34.35 0.64
C ILE C 296 -17.38 -35.19 1.64
N ASP C 297 -16.18 -35.63 1.24
CA ASP C 297 -15.28 -36.34 2.13
C ASP C 297 -13.86 -35.84 1.88
N TRP C 298 -12.94 -36.25 2.75
CA TRP C 298 -11.53 -35.92 2.55
C TRP C 298 -10.68 -36.93 3.31
N VAL C 299 -9.42 -37.03 2.88
CA VAL C 299 -8.37 -37.57 3.75
C VAL C 299 -7.90 -36.40 4.61
N LYS C 300 -8.14 -36.49 5.93
CA LYS C 300 -7.83 -35.37 6.79
C LYS C 300 -6.34 -35.05 6.76
N PRO C 301 -5.96 -33.80 6.52
CA PRO C 301 -4.54 -33.44 6.48
C PRO C 301 -3.91 -33.46 7.85
N GLU C 302 -2.61 -33.75 7.88
CA GLU C 302 -1.84 -33.79 9.13
C GLU C 302 -0.94 -32.57 9.32
N ALA C 303 -0.55 -31.89 8.23
CA ALA C 303 0.28 -30.70 8.35
C ALA C 303 0.18 -29.89 7.06
N GLY C 304 0.55 -28.62 7.15
CA GLY C 304 0.59 -27.76 6.00
C GLY C 304 -0.54 -26.75 5.96
N THR C 305 -0.79 -26.24 4.76
CA THR C 305 -1.65 -25.08 4.57
C THR C 305 -2.85 -25.38 3.68
N ILE C 306 -2.99 -26.59 3.16
CA ILE C 306 -4.03 -26.92 2.18
C ILE C 306 -4.63 -28.27 2.53
N ALA C 307 -5.82 -28.52 1.98
CA ALA C 307 -6.48 -29.82 2.05
C ALA C 307 -7.06 -30.13 0.69
N PHE C 308 -7.33 -31.41 0.44
CA PHE C 308 -7.75 -31.89 -0.87
C PHE C 308 -9.03 -32.72 -0.77
N PRO C 309 -10.15 -32.10 -0.37
CA PRO C 309 -11.41 -32.84 -0.29
C PRO C 309 -11.94 -33.21 -1.66
N PHE C 310 -13.02 -34.00 -1.67
CA PHE C 310 -13.58 -34.49 -2.92
C PHE C 310 -15.08 -34.70 -2.79
N PHE C 311 -15.74 -34.73 -3.95
CA PHE C 311 -17.12 -35.18 -4.04
C PHE C 311 -17.18 -36.70 -4.15
N THR C 312 -18.09 -37.32 -3.41
CA THR C 312 -18.32 -38.76 -3.57
C THR C 312 -19.26 -39.07 -4.73
N ASP C 313 -20.01 -38.07 -5.21
CA ASP C 313 -20.86 -38.26 -6.37
C ASP C 313 -20.02 -38.27 -7.65
N PRO C 314 -20.03 -39.36 -8.44
CA PRO C 314 -19.19 -39.40 -9.65
C PRO C 314 -19.62 -38.46 -10.74
N ASN C 315 -20.80 -37.84 -10.63
CA ASN C 315 -21.29 -36.94 -11.66
C ASN C 315 -20.81 -35.52 -11.50
N ILE C 316 -20.42 -35.13 -10.28
CA ILE C 316 -20.09 -33.74 -10.03
C ILE C 316 -18.70 -33.45 -10.57
N ASN C 317 -18.59 -32.38 -11.36
CA ASN C 317 -17.33 -31.92 -11.90
C ASN C 317 -16.83 -30.76 -11.05
N SER C 318 -15.64 -30.91 -10.46
CA SER C 318 -15.09 -29.85 -9.64
C SER C 318 -14.75 -28.62 -10.47
N LYS C 319 -14.41 -28.80 -11.74
CA LYS C 319 -14.09 -27.68 -12.61
C LYS C 319 -15.31 -26.77 -12.80
N ILE C 320 -16.49 -27.37 -12.96
CA ILE C 320 -17.71 -26.59 -13.17
C ILE C 320 -18.17 -25.92 -11.87
N VAL C 321 -18.09 -26.64 -10.75
CA VAL C 321 -18.51 -26.07 -9.49
C VAL C 321 -17.63 -24.90 -9.10
N ALA C 322 -16.31 -25.04 -9.31
CA ALA C 322 -15.41 -23.93 -9.01
C ALA C 322 -15.68 -22.75 -9.92
N LYS C 323 -16.07 -23.00 -11.17
CA LYS C 323 -16.37 -21.92 -12.11
C LYS C 323 -17.61 -21.15 -11.68
N ARG C 324 -18.71 -21.86 -11.39
CA ARG C 324 -19.92 -21.19 -10.93
C ARG C 324 -19.68 -20.46 -9.61
N LEU C 325 -18.88 -21.06 -8.74
CA LEU C 325 -18.64 -20.48 -7.42
C LEU C 325 -17.81 -19.21 -7.51
N VAL C 326 -16.84 -19.17 -8.42
CA VAL C 326 -15.96 -18.00 -8.50
C VAL C 326 -16.64 -16.87 -9.28
N GLU C 327 -17.50 -17.19 -10.24
CA GLU C 327 -18.17 -16.15 -11.04
C GLU C 327 -19.43 -15.62 -10.35
N ASP C 328 -20.18 -16.48 -9.69
CA ASP C 328 -21.41 -16.05 -9.03
C ASP C 328 -21.18 -15.48 -7.64
N HIS C 329 -20.10 -15.88 -6.97
CA HIS C 329 -19.86 -15.48 -5.59
C HIS C 329 -18.47 -14.94 -5.32
N GLY C 330 -17.52 -15.07 -6.25
CA GLY C 330 -16.18 -14.57 -5.99
C GLY C 330 -15.33 -15.45 -5.11
N VAL C 331 -15.71 -16.72 -4.96
CA VAL C 331 -15.05 -17.66 -4.08
C VAL C 331 -14.25 -18.63 -4.94
N LEU C 332 -12.96 -18.71 -4.70
CA LEU C 332 -12.08 -19.52 -5.53
C LEU C 332 -11.68 -20.79 -4.81
N LEU C 333 -12.00 -21.93 -5.39
CA LEU C 333 -11.42 -23.21 -5.02
C LEU C 333 -10.64 -23.72 -6.23
N LEU C 334 -9.55 -24.43 -5.97
CA LEU C 334 -8.74 -24.96 -7.06
C LEU C 334 -9.27 -26.32 -7.48
N PRO C 335 -9.86 -26.46 -8.67
CA PRO C 335 -10.43 -27.75 -9.05
C PRO C 335 -9.38 -28.83 -9.19
N GLY C 336 -9.75 -30.05 -8.79
CA GLY C 336 -8.81 -31.15 -8.77
C GLY C 336 -8.30 -31.58 -10.13
N GLU C 337 -8.95 -31.12 -11.21
CA GLU C 337 -8.41 -31.39 -12.54
C GLU C 337 -7.00 -30.83 -12.69
N ALA C 338 -6.68 -29.78 -11.92
CA ALA C 338 -5.32 -29.27 -11.86
C ALA C 338 -4.33 -30.30 -11.34
N PHE C 339 -4.82 -31.38 -10.74
CA PHE C 339 -3.98 -32.48 -10.26
C PHE C 339 -4.37 -33.82 -10.85
N ASP C 340 -5.19 -33.84 -11.90
CA ASP C 340 -5.69 -35.08 -12.51
C ASP C 340 -6.50 -35.89 -11.50
N ARG C 341 -7.23 -35.18 -10.62
CA ARG C 341 -8.16 -35.76 -9.67
C ARG C 341 -9.47 -34.99 -9.76
N PRO C 342 -10.28 -35.28 -10.79
CA PRO C 342 -11.41 -34.38 -11.11
C PRO C 342 -12.49 -34.28 -10.04
N SER C 343 -12.64 -35.27 -9.17
CA SER C 343 -13.64 -35.14 -8.12
C SER C 343 -13.13 -34.39 -6.90
N HIS C 344 -11.83 -34.18 -6.79
CA HIS C 344 -11.26 -33.44 -5.67
C HIS C 344 -11.22 -31.94 -5.95
N PHE C 345 -10.92 -31.17 -4.90
CA PHE C 345 -10.59 -29.76 -5.05
C PHE C 345 -9.71 -29.36 -3.88
N ARG C 346 -8.87 -28.35 -4.10
CA ARG C 346 -7.93 -27.89 -3.08
C ARG C 346 -8.46 -26.61 -2.43
N ILE C 347 -8.43 -26.58 -1.11
CA ILE C 347 -8.92 -25.45 -0.33
C ILE C 347 -7.82 -25.00 0.61
N ALA C 348 -7.69 -23.69 0.78
CA ALA C 348 -6.65 -23.11 1.62
C ALA C 348 -7.10 -23.08 3.07
N LEU C 349 -6.23 -23.54 3.96
CA LEU C 349 -6.50 -23.56 5.40
C LEU C 349 -5.93 -22.35 6.14
N GLY C 350 -4.95 -21.67 5.55
CA GLY C 350 -4.29 -20.57 6.23
C GLY C 350 -4.89 -19.22 5.96
N VAL C 351 -6.22 -19.17 5.83
CA VAL C 351 -6.93 -17.92 5.66
C VAL C 351 -7.72 -17.63 6.93
N GLU C 352 -8.21 -16.41 7.03
CA GLU C 352 -9.05 -16.05 8.16
C GLU C 352 -10.29 -16.94 8.18
N PRO C 353 -10.68 -17.48 9.33
CA PRO C 353 -11.82 -18.42 9.37
C PRO C 353 -13.15 -17.85 8.87
N SER C 354 -13.39 -16.54 8.99
CA SER C 354 -14.61 -15.96 8.43
C SER C 354 -14.65 -16.11 6.92
N LEU C 355 -13.52 -15.91 6.25
CA LEU C 355 -13.49 -16.12 4.81
C LEU C 355 -13.61 -17.60 4.48
N PHE C 356 -12.92 -18.45 5.25
CA PHE C 356 -13.06 -19.89 5.06
C PHE C 356 -14.51 -20.32 5.21
N GLN C 357 -15.22 -19.77 6.20
CA GLN C 357 -16.61 -20.14 6.42
C GLN C 357 -17.52 -19.53 5.37
N TYR C 358 -17.28 -18.28 4.99
CA TYR C 358 -18.04 -17.66 3.92
C TYR C 358 -17.95 -18.51 2.65
N ALA C 359 -16.77 -19.05 2.36
CA ALA C 359 -16.59 -19.88 1.18
C ALA C 359 -17.39 -21.18 1.27
N LEU C 360 -17.42 -21.81 2.44
CA LEU C 360 -18.15 -23.05 2.60
C LEU C 360 -19.65 -22.84 2.44
N GLU C 361 -20.17 -21.73 2.99
CA GLU C 361 -21.60 -21.46 2.88
C GLU C 361 -22.01 -21.23 1.42
N LYS C 362 -21.16 -20.53 0.65
CA LYS C 362 -21.45 -20.34 -0.77
C LYS C 362 -21.20 -21.59 -1.59
N LEU C 363 -20.22 -22.40 -1.21
CA LEU C 363 -20.06 -23.70 -1.85
C LEU C 363 -21.29 -24.57 -1.64
N ALA C 364 -21.90 -24.49 -0.46
CA ALA C 364 -23.12 -25.24 -0.20
C ALA C 364 -24.26 -24.76 -1.11
N ILE C 365 -24.36 -23.45 -1.31
CA ILE C 365 -25.42 -22.90 -2.15
C ILE C 365 -25.29 -23.38 -3.60
N VAL C 366 -24.06 -23.41 -4.14
CA VAL C 366 -23.93 -23.89 -5.50
C VAL C 366 -24.17 -25.39 -5.57
N ILE C 367 -23.76 -26.13 -4.54
CA ILE C 367 -24.00 -27.57 -4.48
C ILE C 367 -25.50 -27.85 -4.41
N ARG D 17 37.30 -10.67 -2.14
CA ARG D 17 36.88 -9.94 -0.94
C ARG D 17 37.87 -8.84 -0.54
N VAL D 18 38.87 -8.60 -1.40
CA VAL D 18 39.83 -7.52 -1.17
C VAL D 18 39.07 -6.20 -1.18
N PRO D 19 39.53 -5.20 -0.42
CA PRO D 19 38.76 -3.94 -0.34
C PRO D 19 38.79 -3.10 -1.61
N TYR D 20 39.73 -3.33 -2.53
CA TYR D 20 39.87 -2.46 -3.71
C TYR D 20 39.62 -3.29 -4.95
N ASN D 21 38.33 -3.50 -5.26
CA ASN D 21 37.93 -4.41 -6.31
C ASN D 21 37.58 -3.59 -7.55
N LEU D 22 38.44 -3.68 -8.57
CA LEU D 22 38.20 -3.03 -9.85
C LEU D 22 37.96 -4.06 -10.96
N GLY D 23 37.67 -5.30 -10.58
CA GLY D 23 37.47 -6.40 -11.51
C GLY D 23 36.03 -6.67 -11.87
N GLU D 24 35.08 -5.94 -11.28
CA GLU D 24 33.66 -6.10 -11.55
C GLU D 24 33.20 -5.06 -12.56
N SER D 25 31.99 -5.27 -13.09
CA SER D 25 31.43 -4.39 -14.10
C SER D 25 30.28 -3.54 -13.57
N SER D 26 30.03 -3.55 -12.27
CA SER D 26 29.05 -2.67 -11.67
C SER D 26 29.71 -1.39 -11.18
N VAL D 27 28.88 -0.37 -10.95
CA VAL D 27 29.34 0.88 -10.37
C VAL D 27 29.33 0.73 -8.86
N ASP D 28 29.84 1.74 -8.16
CA ASP D 28 29.85 1.74 -6.70
C ASP D 28 28.42 1.60 -6.17
N ASN D 29 28.13 0.48 -5.51
CA ASN D 29 26.75 0.17 -5.14
C ASN D 29 26.34 0.91 -3.88
N PHE D 30 25.09 1.38 -3.87
CA PHE D 30 24.52 2.03 -2.70
C PHE D 30 24.25 1.03 -1.59
N THR D 31 24.05 1.56 -0.39
CA THR D 31 23.27 0.84 0.59
C THR D 31 21.79 1.12 0.32
N LEU D 32 20.91 0.33 0.94
CA LEU D 32 19.48 0.55 0.71
C LEU D 32 19.06 1.93 1.20
N GLY D 33 19.61 2.37 2.33
CA GLY D 33 19.26 3.68 2.85
C GLY D 33 19.72 4.80 1.95
N GLU D 34 20.93 4.70 1.41
CA GLU D 34 21.43 5.72 0.49
C GLU D 34 20.55 5.80 -0.75
N LEU D 35 20.20 4.65 -1.32
CA LEU D 35 19.39 4.63 -2.54
C LEU D 35 17.98 5.16 -2.29
N LEU D 36 17.38 4.80 -1.14
CA LEU D 36 16.03 5.26 -0.87
C LEU D 36 15.99 6.74 -0.56
N ASN D 37 17.08 7.31 -0.05
CA ASN D 37 17.12 8.74 0.19
C ASN D 37 17.07 9.54 -1.10
N LEU D 38 17.40 8.91 -2.24
CA LEU D 38 17.31 9.58 -3.54
C LEU D 38 15.98 9.33 -4.23
N THR D 39 15.40 8.14 -4.07
CA THR D 39 14.14 7.83 -4.72
C THR D 39 12.93 8.18 -3.86
N GLY D 40 13.10 8.27 -2.54
CA GLY D 40 12.01 8.63 -1.66
C GLY D 40 10.97 7.56 -1.44
N ASP D 41 11.29 6.30 -1.77
CA ASP D 41 10.33 5.19 -1.69
C ASP D 41 10.30 4.53 -0.32
N ARG D 42 10.96 5.11 0.68
CA ARG D 42 11.11 4.42 1.96
C ARG D 42 9.76 4.22 2.64
N ASP D 43 8.97 5.29 2.78
CA ASP D 43 7.71 5.21 3.50
C ASP D 43 6.69 4.31 2.81
N ALA D 44 6.81 4.10 1.50
CA ALA D 44 5.82 3.30 0.79
C ALA D 44 6.04 1.81 0.93
N LEU D 45 7.23 1.39 1.38
CA LEU D 45 7.55 -0.04 1.41
C LEU D 45 6.75 -0.79 2.45
N ASP D 46 6.46 -0.17 3.60
CA ASP D 46 5.78 -0.88 4.66
C ASP D 46 4.35 -1.25 4.30
N GLN D 47 3.72 -0.54 3.36
CA GLN D 47 2.36 -0.88 2.97
C GLN D 47 2.29 -1.92 1.87
N LEU D 48 3.44 -2.38 1.36
CA LEU D 48 3.43 -3.38 0.30
C LEU D 48 3.13 -4.76 0.88
N SER D 49 2.21 -5.46 0.23
CA SER D 49 1.85 -6.81 0.66
C SER D 49 2.88 -7.79 0.11
N LEU D 50 3.23 -8.77 0.92
CA LEU D 50 4.19 -9.79 0.53
C LEU D 50 3.51 -10.96 -0.18
N MET D 51 2.30 -10.77 -0.66
CA MET D 51 1.72 -11.72 -1.59
C MET D 51 2.50 -11.66 -2.91
N ASN D 52 2.22 -12.61 -3.78
CA ASN D 52 2.94 -12.68 -5.05
C ASN D 52 2.76 -11.40 -5.87
N ASN D 53 3.87 -10.95 -6.46
CA ASN D 53 3.88 -9.81 -7.37
C ASN D 53 3.21 -10.19 -8.69
N ASP D 54 2.90 -9.17 -9.48
CA ASP D 54 2.52 -9.33 -10.87
C ASP D 54 3.55 -10.22 -11.58
N THR D 55 3.08 -11.22 -12.31
CA THR D 55 3.98 -12.18 -12.92
C THR D 55 4.73 -11.64 -14.14
N HIS D 56 4.38 -10.45 -14.63
CA HIS D 56 5.16 -9.74 -15.64
C HIS D 56 6.05 -8.67 -15.03
N GLY D 57 6.01 -8.50 -13.72
CA GLY D 57 6.49 -7.28 -13.11
C GLY D 57 5.37 -6.29 -12.91
N SER D 58 5.50 -5.45 -11.89
CA SER D 58 4.44 -4.51 -11.60
C SER D 58 4.26 -3.54 -12.76
N LEU D 59 3.05 -3.01 -12.90
CA LEU D 59 2.80 -2.04 -13.96
C LEU D 59 3.64 -0.79 -13.75
N ARG D 60 3.78 -0.36 -12.48
CA ARG D 60 4.62 0.79 -12.18
C ARG D 60 6.03 0.62 -12.73
N LEU D 61 6.61 -0.56 -12.55
CA LEU D 61 7.93 -0.82 -13.12
C LEU D 61 7.86 -0.92 -14.63
N ARG D 62 6.83 -1.59 -15.16
CA ARG D 62 6.72 -1.72 -16.60
C ARG D 62 6.37 -0.39 -17.27
N GLU D 63 5.66 0.50 -16.58
CA GLU D 63 5.44 1.83 -17.13
C GLU D 63 6.73 2.64 -17.12
N ALA D 64 7.51 2.54 -16.03
CA ALA D 64 8.77 3.26 -15.95
C ALA D 64 9.76 2.76 -17.00
N ILE D 65 9.79 1.45 -17.25
CA ILE D 65 10.67 0.92 -18.29
C ILE D 65 10.19 1.37 -19.67
N ALA D 66 8.89 1.26 -19.92
CA ALA D 66 8.35 1.62 -21.23
C ALA D 66 8.51 3.10 -21.52
N SER D 67 8.46 3.95 -20.49
CA SER D 67 8.53 5.38 -20.71
C SER D 67 9.86 5.81 -21.28
N LEU D 68 10.88 4.95 -21.21
CA LEU D 68 12.21 5.32 -21.71
C LEU D 68 12.29 5.38 -23.23
N ASP D 69 11.42 4.67 -23.94
CA ASP D 69 11.45 4.64 -25.39
C ASP D 69 10.02 4.61 -25.93
N LYS D 70 9.74 5.44 -26.93
CA LYS D 70 8.40 5.49 -27.49
C LYS D 70 8.01 4.19 -28.17
N SER D 71 8.97 3.40 -28.62
CA SER D 71 8.66 2.13 -29.26
C SER D 71 8.28 1.03 -28.26
N VAL D 72 8.38 1.30 -26.97
CA VAL D 72 8.16 0.30 -25.92
C VAL D 72 6.89 0.65 -25.17
N SER D 73 6.00 -0.32 -25.05
CA SER D 73 4.77 -0.24 -24.28
C SER D 73 4.85 -1.15 -23.05
N PRO D 74 4.05 -0.88 -22.01
CA PRO D 74 4.13 -1.72 -20.79
C PRO D 74 3.90 -3.19 -21.03
N ASP D 75 3.13 -3.57 -22.05
CA ASP D 75 2.84 -4.98 -22.29
C ASP D 75 3.98 -5.70 -23.01
N ASP D 76 5.02 -5.01 -23.42
CA ASP D 76 6.14 -5.61 -24.13
C ASP D 76 7.22 -6.15 -23.19
N ILE D 77 7.03 -6.00 -21.88
CA ILE D 77 8.10 -6.17 -20.90
C ILE D 77 7.81 -7.37 -20.01
N LEU D 78 8.84 -8.16 -19.73
CA LEU D 78 8.76 -9.24 -18.77
C LEU D 78 9.88 -9.06 -17.76
N VAL D 79 9.53 -8.65 -16.54
CA VAL D 79 10.53 -8.45 -15.49
C VAL D 79 11.06 -9.79 -15.01
N THR D 80 12.36 -9.88 -14.80
CA THR D 80 13.04 -11.11 -14.40
C THR D 80 13.98 -10.81 -13.24
N ALA D 81 14.55 -11.88 -12.67
CA ALA D 81 15.48 -11.77 -11.55
C ALA D 81 16.88 -11.53 -12.12
N GLY D 82 17.14 -10.26 -12.44
CA GLY D 82 18.32 -9.93 -13.21
C GLY D 82 18.11 -10.32 -14.65
N THR D 83 18.95 -9.78 -15.55
CA THR D 83 18.85 -10.20 -16.93
C THR D 83 19.40 -11.61 -17.14
N THR D 84 20.13 -12.16 -16.17
CA THR D 84 20.62 -13.53 -16.26
C THR D 84 19.47 -14.52 -16.41
N GLU D 85 18.37 -14.31 -15.67
CA GLU D 85 17.21 -15.18 -15.82
C GLU D 85 16.57 -15.03 -17.19
N ALA D 86 16.53 -13.80 -17.71
CA ALA D 86 15.98 -13.58 -19.04
C ALA D 86 16.78 -14.30 -20.10
N ILE D 87 18.11 -14.31 -19.95
CA ILE D 87 18.96 -15.04 -20.91
C ILE D 87 18.61 -16.52 -20.88
N LEU D 88 18.42 -17.08 -19.69
CA LEU D 88 18.08 -18.49 -19.57
C LEU D 88 16.74 -18.81 -20.22
N ILE D 89 15.72 -17.99 -19.91
CA ILE D 89 14.37 -18.25 -20.39
C ILE D 89 14.28 -18.07 -21.90
N TYR D 90 14.92 -17.02 -22.43
CA TYR D 90 14.84 -16.77 -23.87
C TYR D 90 15.47 -17.90 -24.66
N PHE D 91 16.71 -18.27 -24.32
CA PHE D 91 17.38 -19.34 -25.04
C PHE D 91 16.68 -20.68 -24.86
N LYS D 92 16.05 -20.88 -23.70
CA LYS D 92 15.25 -22.09 -23.50
C LYS D 92 14.06 -22.11 -24.45
N VAL D 93 13.34 -20.98 -24.53
CA VAL D 93 12.14 -20.90 -25.34
C VAL D 93 12.45 -21.04 -26.83
N ARG D 94 13.60 -20.51 -27.26
CA ARG D 94 13.92 -20.52 -28.69
C ARG D 94 14.64 -21.78 -29.13
N TYR D 95 15.04 -22.65 -28.19
CA TYR D 95 15.83 -23.81 -28.57
C TYR D 95 15.01 -24.77 -29.40
N ARG D 96 15.64 -25.31 -30.44
CA ARG D 96 15.12 -26.44 -31.18
C ARG D 96 16.32 -27.26 -31.65
N SER D 97 16.06 -28.52 -32.02
CA SER D 97 17.13 -29.42 -32.41
C SER D 97 17.78 -28.92 -33.70
N GLY D 98 19.11 -28.90 -33.72
CA GLY D 98 19.83 -28.39 -34.86
C GLY D 98 19.98 -26.88 -34.91
N ALA D 99 19.62 -26.17 -33.85
CA ALA D 99 19.76 -24.73 -33.84
C ALA D 99 21.17 -24.31 -33.44
N ASN D 100 21.59 -23.15 -33.94
CA ASN D 100 22.85 -22.54 -33.55
C ASN D 100 22.62 -21.09 -33.16
N VAL D 101 23.59 -20.53 -32.44
CA VAL D 101 23.57 -19.12 -32.05
C VAL D 101 24.92 -18.51 -32.36
N VAL D 102 24.91 -17.22 -32.73
CA VAL D 102 26.13 -16.47 -33.02
C VAL D 102 26.38 -15.50 -31.88
N VAL D 103 27.54 -15.60 -31.26
CA VAL D 103 27.90 -14.77 -30.11
C VAL D 103 29.25 -14.11 -30.37
N PRO D 104 29.31 -12.79 -30.53
CA PRO D 104 30.62 -12.12 -30.59
C PRO D 104 31.31 -12.16 -29.24
N VAL D 105 32.60 -12.49 -29.26
CA VAL D 105 33.40 -12.56 -28.05
C VAL D 105 34.64 -11.70 -28.22
N PRO D 106 35.20 -11.11 -27.16
CA PRO D 106 34.81 -11.21 -25.74
C PRO D 106 33.46 -10.57 -25.43
N THR D 107 32.69 -11.21 -24.55
CA THR D 107 31.41 -10.69 -24.10
C THR D 107 31.13 -11.27 -22.71
N PHE D 108 29.94 -10.98 -22.19
CA PHE D 108 29.53 -11.57 -20.91
C PHE D 108 29.41 -13.08 -21.07
N HIS D 109 30.08 -13.83 -20.19
CA HIS D 109 30.25 -15.27 -20.40
C HIS D 109 28.92 -16.03 -20.42
N VAL D 110 27.92 -15.55 -19.69
CA VAL D 110 26.63 -16.26 -19.65
C VAL D 110 25.99 -16.28 -21.03
N LEU D 111 26.26 -15.25 -21.85
CA LEU D 111 25.63 -15.14 -23.16
C LEU D 111 26.02 -16.27 -24.09
N TYR D 112 27.18 -16.91 -23.89
CA TYR D 112 27.52 -18.07 -24.69
C TYR D 112 27.51 -19.37 -23.90
N GLU D 113 27.61 -19.31 -22.58
CA GLU D 113 27.62 -20.55 -21.81
C GLU D 113 26.21 -21.11 -21.60
N THR D 114 25.24 -20.24 -21.35
CA THR D 114 23.85 -20.70 -21.24
C THR D 114 23.37 -21.39 -22.52
N PRO D 115 23.58 -20.85 -23.73
CA PRO D 115 23.16 -21.62 -24.92
C PRO D 115 23.87 -22.96 -25.06
N ALA D 116 25.13 -23.05 -24.64
CA ALA D 116 25.84 -24.32 -24.72
C ALA D 116 25.25 -25.35 -23.78
N PHE D 117 24.88 -24.92 -22.57
CA PHE D 117 24.23 -25.82 -21.62
C PHE D 117 22.90 -26.33 -22.14
N LEU D 118 22.17 -25.48 -22.88
CA LEU D 118 20.86 -25.85 -23.40
C LEU D 118 20.93 -26.67 -24.67
N GLY D 119 22.12 -27.01 -25.16
CA GLY D 119 22.26 -27.86 -26.33
C GLY D 119 22.46 -27.12 -27.64
N TYR D 120 22.47 -25.79 -27.63
CA TYR D 120 22.74 -25.03 -28.85
C TYR D 120 24.14 -25.31 -29.36
N GLU D 121 24.30 -25.23 -30.67
CA GLU D 121 25.63 -25.03 -31.24
C GLU D 121 25.97 -23.55 -31.16
N VAL D 122 27.13 -23.24 -30.59
CA VAL D 122 27.54 -21.85 -30.37
C VAL D 122 28.65 -21.52 -31.35
N ARG D 123 28.41 -20.51 -32.19
CA ARG D 123 29.38 -20.04 -33.16
C ARG D 123 29.89 -18.68 -32.70
N TYR D 124 31.19 -18.58 -32.48
CA TYR D 124 31.80 -17.38 -31.92
C TYR D 124 32.34 -16.49 -33.04
N LEU D 125 32.03 -15.20 -32.97
CA LEU D 125 32.63 -14.19 -33.83
C LEU D 125 33.66 -13.45 -32.98
N GLN D 126 34.94 -13.82 -33.14
CA GLN D 126 36.01 -13.26 -32.33
C GLN D 126 36.21 -11.78 -32.68
N LEU D 127 35.92 -10.91 -31.73
CA LEU D 127 36.22 -9.49 -31.86
C LEU D 127 37.62 -9.24 -31.32
N ARG D 128 38.33 -8.30 -31.96
CA ARG D 128 39.72 -8.06 -31.62
C ARG D 128 40.01 -6.56 -31.62
N ALA D 129 40.96 -6.17 -30.77
CA ALA D 129 41.30 -4.76 -30.61
C ALA D 129 41.85 -4.15 -31.90
N GLU D 130 42.46 -4.97 -32.75
CA GLU D 130 42.94 -4.50 -34.05
C GLU D 130 41.86 -3.76 -34.81
N ASN D 131 40.63 -4.29 -34.79
CA ASN D 131 39.49 -3.69 -35.48
C ASN D 131 38.62 -2.87 -34.55
N GLY D 132 39.16 -2.45 -33.39
CA GLY D 132 38.38 -1.67 -32.47
C GLY D 132 37.25 -2.44 -31.79
N PHE D 133 37.35 -3.76 -31.74
CA PHE D 133 36.32 -4.64 -31.18
C PHE D 133 34.96 -4.45 -31.86
N ARG D 134 34.97 -4.08 -33.13
CA ARG D 134 33.73 -3.86 -33.86
C ARG D 134 33.39 -5.09 -34.70
N ILE D 135 32.10 -5.25 -34.97
CA ILE D 135 31.59 -6.41 -35.68
C ILE D 135 31.76 -6.22 -37.19
N ASP D 136 32.48 -7.14 -37.81
CA ASP D 136 32.67 -7.12 -39.26
C ASP D 136 31.52 -7.87 -39.93
N PRO D 137 30.63 -7.19 -40.65
CA PRO D 137 29.45 -7.89 -41.22
C PRO D 137 29.82 -8.98 -42.21
N GLN D 138 30.96 -8.86 -42.90
CA GLN D 138 31.35 -9.93 -43.80
C GLN D 138 31.83 -11.16 -43.04
N GLU D 139 32.40 -10.96 -41.85
CA GLU D 139 32.78 -12.09 -41.01
C GLU D 139 31.58 -12.65 -40.24
N LEU D 140 30.61 -11.79 -39.93
CA LEU D 140 29.40 -12.27 -39.28
C LEU D 140 28.56 -13.11 -40.23
N ALA D 141 28.42 -12.68 -41.48
CA ALA D 141 27.62 -13.42 -42.44
C ALA D 141 28.18 -14.80 -42.71
N LYS D 142 29.46 -15.02 -42.39
CA LYS D 142 30.03 -16.36 -42.54
C LYS D 142 29.55 -17.30 -41.45
N LEU D 143 29.03 -16.77 -40.34
CA LEU D 143 28.60 -17.60 -39.21
C LEU D 143 27.10 -17.82 -39.15
N VAL D 144 26.31 -17.13 -39.97
CA VAL D 144 24.85 -17.15 -39.86
C VAL D 144 24.30 -18.12 -40.90
N ASP D 145 23.65 -19.18 -40.42
CA ASP D 145 22.98 -20.18 -41.24
C ASP D 145 21.49 -19.88 -41.31
N ASP D 146 20.78 -20.67 -42.11
CA ASP D 146 19.33 -20.73 -42.01
C ASP D 146 18.88 -21.39 -40.73
N ASN D 147 19.77 -22.14 -40.07
CA ASN D 147 19.53 -22.76 -38.79
C ASN D 147 19.80 -21.84 -37.61
N THR D 148 20.39 -20.67 -37.86
CA THR D 148 20.67 -19.72 -36.79
C THR D 148 19.38 -19.11 -36.28
N GLU D 149 19.12 -19.26 -34.97
CA GLU D 149 17.93 -18.70 -34.35
C GLU D 149 18.20 -17.43 -33.57
N VAL D 150 19.40 -17.25 -33.01
CA VAL D 150 19.71 -16.09 -32.19
C VAL D 150 21.06 -15.52 -32.61
N ILE D 151 21.12 -14.20 -32.74
CA ILE D 151 22.38 -13.46 -32.86
C ILE D 151 22.48 -12.54 -31.65
N VAL D 152 23.52 -12.74 -30.85
CA VAL D 152 23.69 -11.97 -29.62
C VAL D 152 24.37 -10.64 -29.94
N LEU D 153 23.78 -9.55 -29.45
CA LEU D 153 24.27 -8.19 -29.70
C LEU D 153 24.36 -7.46 -28.35
N ASN D 154 25.55 -7.52 -27.75
CA ASN D 154 25.80 -6.85 -26.47
C ASN D 154 26.28 -5.43 -26.76
N THR D 155 25.38 -4.46 -26.62
CA THR D 155 25.78 -3.06 -26.81
C THR D 155 25.11 -2.19 -25.76
N PRO D 156 25.87 -1.41 -24.98
CA PRO D 156 27.34 -1.28 -24.94
C PRO D 156 28.07 -2.58 -24.60
N GLN D 157 29.25 -2.78 -25.16
CA GLN D 157 29.97 -4.04 -25.01
C GLN D 157 30.58 -4.15 -23.62
N ASN D 158 30.49 -5.35 -23.06
CA ASN D 158 31.30 -5.83 -21.95
C ASN D 158 32.26 -6.85 -22.51
N PRO D 159 33.59 -6.72 -22.33
CA PRO D 159 34.31 -5.75 -21.49
C PRO D 159 34.84 -4.50 -22.19
N SER D 160 34.72 -4.36 -23.50
CA SER D 160 35.46 -3.32 -24.22
C SER D 160 34.86 -1.93 -24.01
N GLY D 161 33.53 -1.84 -23.94
CA GLY D 161 32.85 -0.56 -23.90
C GLY D 161 32.40 -0.02 -25.24
N VAL D 162 32.56 -0.81 -26.31
CA VAL D 162 32.22 -0.36 -27.66
C VAL D 162 30.70 -0.33 -27.85
N VAL D 163 30.21 0.72 -28.48
CA VAL D 163 28.81 0.87 -28.84
C VAL D 163 28.66 0.64 -30.35
N CYS D 164 27.73 -0.24 -30.72
CA CYS D 164 27.45 -0.50 -32.13
C CYS D 164 26.87 0.73 -32.83
N SER D 165 27.35 0.98 -34.05
CA SER D 165 26.93 2.12 -34.84
C SER D 165 25.62 1.84 -35.56
N GLU D 166 25.00 2.91 -36.07
CA GLU D 166 23.72 2.79 -36.78
C GLU D 166 23.85 1.91 -38.02
N THR D 167 25.01 1.95 -38.69
CA THR D 167 25.17 1.13 -39.88
C THR D 167 25.44 -0.33 -39.54
N GLU D 168 26.20 -0.60 -38.48
CA GLU D 168 26.36 -1.98 -38.04
C GLU D 168 25.04 -2.59 -37.63
N ILE D 169 24.21 -1.82 -36.91
CA ILE D 169 22.91 -2.33 -36.47
C ILE D 169 22.04 -2.68 -37.67
N GLN D 170 21.96 -1.77 -38.64
CA GLN D 170 21.12 -2.03 -39.81
C GLN D 170 21.65 -3.20 -40.62
N SER D 171 22.98 -3.36 -40.69
CA SER D 171 23.55 -4.50 -41.39
C SER D 171 23.23 -5.80 -40.67
N ILE D 172 23.30 -5.80 -39.34
CA ILE D 172 22.95 -7.00 -38.58
C ILE D 172 21.47 -7.30 -38.72
N ILE D 173 20.62 -6.26 -38.69
CA ILE D 173 19.19 -6.44 -38.90
C ILE D 173 18.92 -7.14 -40.23
N GLU D 174 19.66 -6.77 -41.28
CA GLU D 174 19.39 -7.35 -42.59
C GLU D 174 19.83 -8.81 -42.66
N ILE D 175 20.97 -9.14 -42.04
CA ILE D 175 21.42 -10.54 -42.01
C ILE D 175 20.45 -11.39 -41.20
N ALA D 176 19.98 -10.86 -40.07
CA ALA D 176 19.04 -11.60 -39.23
C ALA D 176 17.73 -11.84 -39.96
N GLU D 177 17.17 -10.77 -40.54
CA GLU D 177 15.93 -10.92 -41.30
C GLU D 177 16.12 -11.83 -42.50
N LYS D 178 17.34 -11.90 -43.03
CA LYS D 178 17.61 -12.75 -44.19
C LYS D 178 17.55 -14.23 -43.83
N HIS D 179 18.11 -14.59 -42.68
CA HIS D 179 18.10 -15.97 -42.20
C HIS D 179 16.98 -16.24 -41.21
N ASN D 180 16.07 -15.28 -41.04
CA ASN D 180 14.94 -15.40 -40.12
C ASN D 180 15.44 -15.74 -38.72
N ALA D 181 16.52 -15.08 -38.31
CA ALA D 181 17.10 -15.21 -36.99
C ALA D 181 16.73 -14.01 -36.14
N GLU D 182 16.56 -14.24 -34.86
CA GLU D 182 16.26 -13.17 -33.93
C GLU D 182 17.54 -12.55 -33.39
N ILE D 183 17.43 -11.30 -32.94
CA ILE D 183 18.54 -10.54 -32.38
C ILE D 183 18.27 -10.31 -30.91
N LEU D 184 19.15 -10.80 -30.06
CA LEU D 184 19.06 -10.60 -28.61
C LEU D 184 19.93 -9.40 -28.25
N ALA D 185 19.31 -8.25 -28.05
CA ALA D 185 20.03 -7.01 -27.80
C ALA D 185 20.16 -6.80 -26.29
N ASP D 186 21.34 -7.08 -25.76
CA ASP D 186 21.64 -6.86 -24.34
C ASP D 186 22.04 -5.40 -24.16
N GLU D 187 21.07 -4.58 -23.79
CA GLU D 187 21.28 -3.14 -23.59
C GLU D 187 21.49 -2.80 -22.14
N HIS D 188 22.22 -3.67 -21.42
CA HIS D 188 22.44 -3.48 -19.99
C HIS D 188 22.95 -2.08 -19.68
N TYR D 189 23.96 -1.63 -20.43
CA TYR D 189 24.69 -0.42 -20.09
C TYR D 189 24.18 0.82 -20.82
N ARG D 190 22.95 0.76 -21.36
CA ARG D 190 22.40 1.88 -22.09
C ARG D 190 22.24 3.13 -21.24
N PHE D 191 22.26 2.99 -19.91
CA PHE D 191 22.00 4.11 -19.02
C PHE D 191 23.21 5.00 -18.79
N LEU D 192 24.40 4.57 -19.18
CA LEU D 192 25.63 5.34 -18.96
C LEU D 192 26.35 5.55 -20.29
N PRO D 193 25.83 6.43 -21.15
CA PRO D 193 26.65 6.93 -22.24
C PRO D 193 27.76 7.80 -21.68
N HIS D 194 28.84 7.90 -22.43
CA HIS D 194 29.95 8.74 -21.98
C HIS D 194 29.89 10.11 -22.65
N ASP D 195 30.48 10.25 -23.83
CA ASP D 195 30.49 11.53 -24.51
C ASP D 195 29.27 11.77 -25.38
N GLN D 196 28.33 10.83 -25.43
CA GLN D 196 27.05 11.11 -26.07
C GLN D 196 26.35 12.23 -25.33
N ASP D 197 25.71 13.13 -26.07
CA ASP D 197 24.95 14.22 -25.49
C ASP D 197 23.51 13.83 -25.20
N THR D 198 23.30 12.56 -24.87
CA THR D 198 22.02 12.02 -24.41
C THR D 198 22.17 11.55 -22.98
N GLU D 199 21.07 11.53 -22.24
CA GLU D 199 21.13 11.03 -20.87
C GLU D 199 21.37 9.52 -20.87
N ILE D 200 20.61 8.80 -21.69
CA ILE D 200 20.76 7.35 -21.84
C ILE D 200 20.72 7.01 -23.32
N LEU D 201 21.32 5.87 -23.66
CA LEU D 201 21.31 5.43 -25.04
C LEU D 201 19.92 4.92 -25.42
N PRO D 202 19.47 5.16 -26.64
CA PRO D 202 18.15 4.66 -27.06
C PRO D 202 18.16 3.15 -27.21
N SER D 203 17.01 2.54 -26.93
CA SER D 203 16.86 1.11 -27.08
C SER D 203 16.73 0.73 -28.55
N LEU D 204 17.27 -0.43 -28.90
CA LEU D 204 17.12 -0.91 -30.27
C LEU D 204 15.75 -1.53 -30.51
N TYR D 205 14.88 -1.55 -29.50
CA TYR D 205 13.60 -2.22 -29.63
C TYR D 205 12.69 -1.46 -30.59
N GLY D 206 12.20 -2.15 -31.62
CA GLY D 206 11.36 -1.57 -32.63
C GLY D 206 12.01 -1.47 -33.99
N LEU D 207 13.33 -1.63 -34.08
CA LEU D 207 14.05 -1.45 -35.33
C LEU D 207 13.85 -2.63 -36.27
N SER D 208 13.39 -3.77 -35.73
CA SER D 208 13.15 -4.97 -36.50
C SER D 208 12.26 -5.89 -35.67
N PRO D 209 11.41 -6.70 -36.30
CA PRO D 209 10.61 -7.66 -35.52
C PRO D 209 11.47 -8.72 -34.85
N LYS D 210 12.69 -8.93 -35.31
CA LYS D 210 13.58 -9.96 -34.79
C LYS D 210 14.41 -9.50 -33.61
N ILE D 211 14.20 -8.28 -33.11
CA ILE D 211 15.01 -7.73 -32.03
C ILE D 211 14.30 -7.99 -30.71
N ILE D 212 15.02 -8.64 -29.79
CA ILE D 212 14.59 -8.78 -28.40
C ILE D 212 15.59 -8.00 -27.56
N SER D 213 15.09 -7.14 -26.68
CA SER D 213 15.96 -6.26 -25.91
C SER D 213 16.01 -6.68 -24.46
N LEU D 214 17.20 -6.62 -23.87
CA LEU D 214 17.40 -6.83 -22.45
C LEU D 214 17.88 -5.54 -21.81
N GLY D 215 17.32 -5.23 -20.65
CA GLY D 215 17.78 -4.08 -19.89
C GLY D 215 17.76 -4.41 -18.41
N SER D 216 18.37 -3.52 -17.63
CA SER D 216 18.42 -3.72 -16.19
C SER D 216 18.97 -2.46 -15.54
N THR D 217 18.54 -2.23 -14.31
CA THR D 217 19.05 -1.15 -13.48
C THR D 217 20.34 -1.51 -12.76
N GLY D 218 20.72 -2.79 -12.75
CA GLY D 218 21.74 -3.29 -11.85
C GLY D 218 23.10 -2.65 -11.92
N CYS D 220 24.24 -0.09 -13.68
CA CYS D 220 24.34 1.35 -13.92
C CYS D 220 23.87 2.24 -12.77
N PHE D 221 23.04 1.69 -11.89
CA PHE D 221 22.39 2.50 -10.86
C PHE D 221 22.89 2.20 -9.45
N GLY D 222 23.90 1.36 -9.29
CA GLY D 222 24.42 1.08 -7.96
C GLY D 222 23.53 0.20 -7.11
N CYS D 223 22.82 -0.73 -7.73
CA CYS D 223 21.93 -1.63 -7.00
C CYS D 223 21.88 -2.98 -7.71
N ILE D 224 23.06 -3.55 -7.98
CA ILE D 224 23.15 -4.81 -8.70
C ILE D 224 22.47 -5.92 -7.90
N GLY D 225 22.47 -5.81 -6.57
CA GLY D 225 21.93 -6.84 -5.71
C GLY D 225 20.42 -6.94 -5.72
N LEU D 226 19.72 -5.93 -6.27
CA LEU D 226 18.26 -6.00 -6.35
C LEU D 226 17.79 -7.18 -7.18
N ARG D 227 18.62 -7.66 -8.10
CA ARG D 227 18.28 -8.75 -9.02
C ARG D 227 17.00 -8.42 -9.79
N ILE D 228 17.05 -7.31 -10.53
CA ILE D 228 15.94 -6.89 -11.38
C ILE D 228 16.46 -6.66 -12.79
N GLY D 229 15.87 -7.37 -13.74
CA GLY D 229 16.12 -7.13 -15.15
C GLY D 229 14.80 -7.23 -15.89
N TRP D 230 14.88 -7.12 -17.21
CA TRP D 230 13.67 -7.24 -18.01
C TRP D 230 14.02 -7.60 -19.44
N LEU D 231 13.04 -8.19 -20.11
CA LEU D 231 13.13 -8.56 -21.51
C LEU D 231 11.99 -7.87 -22.25
N ILE D 232 12.30 -7.36 -23.44
CA ILE D 232 11.32 -6.65 -24.27
C ILE D 232 11.21 -7.38 -25.60
N GLY D 233 9.97 -7.67 -26.00
CA GLY D 233 9.79 -8.43 -27.22
C GLY D 233 8.34 -8.40 -27.68
N ASN D 234 8.11 -9.04 -28.83
CA ASN D 234 6.75 -9.15 -29.37
C ASN D 234 5.88 -9.99 -28.43
N PRO D 235 4.56 -9.90 -28.58
CA PRO D 235 3.67 -10.63 -27.65
C PRO D 235 3.89 -12.13 -27.61
N GLU D 236 4.36 -12.73 -28.70
CA GLU D 236 4.53 -14.18 -28.72
C GLU D 236 5.76 -14.62 -27.94
N ILE D 237 6.85 -13.85 -28.01
CA ILE D 237 8.03 -14.21 -27.23
C ILE D 237 7.81 -13.88 -25.76
N ILE D 238 7.03 -12.84 -25.45
CA ILE D 238 6.71 -12.54 -24.06
C ILE D 238 5.82 -13.61 -23.46
N LYS D 239 4.81 -14.07 -24.21
CA LYS D 239 3.94 -15.12 -23.72
C LYS D 239 4.72 -16.40 -23.47
N ALA D 240 5.67 -16.72 -24.35
CA ALA D 240 6.44 -17.94 -24.19
C ALA D 240 7.42 -17.83 -23.04
N CYS D 241 8.04 -16.65 -22.85
CA CYS D 241 8.97 -16.49 -21.75
C CYS D 241 8.25 -16.43 -20.40
N HIS D 242 7.09 -15.77 -20.37
CA HIS D 242 6.31 -15.71 -19.14
C HIS D 242 5.88 -17.10 -18.70
N PHE D 243 5.52 -17.95 -19.67
CA PHE D 243 5.11 -19.31 -19.36
C PHE D 243 6.23 -20.10 -18.69
N PHE D 244 7.43 -20.07 -19.27
CA PHE D 244 8.52 -20.90 -18.75
C PHE D 244 9.17 -20.30 -17.51
N LYS D 245 8.96 -19.01 -17.24
CA LYS D 245 9.52 -18.44 -16.01
C LYS D 245 8.90 -19.07 -14.77
N ASP D 246 7.73 -19.70 -14.92
CA ASP D 246 7.13 -20.44 -13.82
C ASP D 246 8.02 -21.58 -13.33
N TYR D 247 8.95 -22.06 -14.16
CA TYR D 247 9.84 -23.16 -13.81
C TYR D 247 11.24 -22.69 -13.48
N THR D 248 11.45 -21.39 -13.31
CA THR D 248 12.75 -20.86 -12.91
C THR D 248 12.64 -20.17 -11.55
N THR D 249 11.92 -19.05 -11.44
CA THR D 249 11.68 -18.40 -10.17
C THR D 249 10.24 -17.94 -9.99
N HIS D 250 9.38 -18.06 -11.00
CA HIS D 250 7.99 -17.65 -10.99
C HIS D 250 7.81 -16.14 -10.94
N THR D 251 8.19 -15.50 -9.83
CA THR D 251 8.06 -14.06 -9.69
C THR D 251 9.28 -13.49 -8.98
N VAL D 252 9.45 -12.18 -9.10
CA VAL D 252 10.39 -11.43 -8.29
C VAL D 252 9.58 -10.70 -7.21
N CYS D 253 10.25 -10.35 -6.12
CA CYS D 253 9.57 -9.73 -4.99
C CYS D 253 9.02 -8.36 -5.35
N VAL D 254 7.84 -8.04 -4.79
CA VAL D 254 7.22 -6.73 -5.00
C VAL D 254 8.14 -5.62 -4.51
N LEU D 255 9.01 -5.91 -3.54
CA LEU D 255 9.89 -4.89 -2.99
C LEU D 255 10.98 -4.52 -3.99
N ASN D 256 11.71 -5.52 -4.50
CA ASN D 256 12.75 -5.28 -5.49
C ASN D 256 12.19 -4.59 -6.72
N ASP D 257 11.06 -5.08 -7.22
CA ASP D 257 10.36 -4.46 -8.33
C ASP D 257 10.07 -2.98 -8.05
N TYR D 258 9.51 -2.68 -6.88
CA TYR D 258 9.11 -1.31 -6.57
C TYR D 258 10.32 -0.40 -6.41
N ILE D 259 11.40 -0.92 -5.81
CA ILE D 259 12.60 -0.11 -5.64
C ILE D 259 13.25 0.18 -6.99
N ALA D 260 13.31 -0.83 -7.86
CA ALA D 260 13.84 -0.60 -9.21
C ALA D 260 12.96 0.36 -9.99
N ALA D 261 11.65 0.31 -9.78
CA ALA D 261 10.77 1.27 -10.45
C ALA D 261 11.07 2.70 -10.00
N GLY D 262 11.24 2.91 -8.70
CA GLY D 262 11.61 4.23 -8.21
C GLY D 262 12.99 4.66 -8.68
N VAL D 263 13.87 3.69 -8.94
CA VAL D 263 15.18 4.00 -9.48
C VAL D 263 15.06 4.62 -10.88
N LEU D 264 14.27 3.98 -11.73
CA LEU D 264 14.07 4.49 -13.09
C LEU D 264 13.32 5.82 -13.08
N LEU D 265 12.36 5.98 -12.16
CA LEU D 265 11.58 7.21 -12.14
C LEU D 265 12.38 8.41 -11.62
N HIS D 266 13.50 8.18 -10.94
CA HIS D 266 14.34 9.27 -10.46
C HIS D 266 15.78 9.09 -10.92
N LYS D 267 15.98 8.52 -12.12
CA LYS D 267 17.33 8.26 -12.61
C LYS D 267 18.17 9.52 -12.67
N GLY D 268 17.55 10.68 -12.91
CA GLY D 268 18.28 11.93 -12.94
C GLY D 268 18.90 12.32 -11.62
N LYS D 269 18.44 11.72 -10.52
CA LYS D 269 19.02 11.93 -9.20
C LYS D 269 20.18 10.97 -8.94
N ILE D 270 20.49 10.07 -9.88
CA ILE D 270 21.44 8.99 -9.68
C ILE D 270 22.49 8.98 -10.80
N LEU D 271 22.01 8.95 -12.05
CA LEU D 271 22.92 8.77 -13.17
C LEU D 271 23.97 9.86 -13.35
N PRO D 272 23.69 11.16 -13.15
CA PRO D 272 24.76 12.16 -13.33
C PRO D 272 26.01 11.89 -12.49
N ARG D 273 25.85 11.46 -11.23
CA ARG D 273 27.01 11.20 -10.38
C ARG D 273 27.92 10.12 -10.94
N TYR D 274 27.34 9.06 -11.50
CA TYR D 274 28.19 8.00 -12.03
C TYR D 274 28.85 8.37 -13.35
N ARG D 275 28.17 9.14 -14.20
CA ARG D 275 28.79 9.58 -15.45
C ARG D 275 30.00 10.45 -15.16
N GLN D 276 29.84 11.44 -14.28
CA GLN D 276 30.95 12.31 -13.93
C GLN D 276 32.05 11.53 -13.24
N MET D 277 31.68 10.54 -12.43
CA MET D 277 32.67 9.68 -11.79
C MET D 277 33.43 8.87 -12.83
N ILE D 278 32.72 8.30 -13.80
CA ILE D 278 33.36 7.51 -14.85
C ILE D 278 34.22 8.38 -15.75
N GLN D 279 33.70 9.54 -16.14
CA GLN D 279 34.43 10.40 -17.07
C GLN D 279 35.72 10.94 -16.45
N HIS D 280 35.69 11.24 -15.15
CA HIS D 280 36.92 11.63 -14.45
C HIS D 280 37.94 10.49 -14.50
N ASN D 281 37.48 9.24 -14.37
CA ASN D 281 38.40 8.11 -14.37
C ASN D 281 38.93 7.82 -15.77
N ILE D 282 38.12 8.09 -16.80
CA ILE D 282 38.61 7.97 -18.18
C ILE D 282 39.78 8.93 -18.40
N GLN D 283 39.69 10.13 -17.87
CA GLN D 283 40.81 11.06 -17.94
C GLN D 283 42.02 10.53 -17.20
N GLN D 284 41.82 9.99 -15.99
CA GLN D 284 42.92 9.48 -15.20
C GLN D 284 43.65 8.34 -15.90
N PHE D 285 42.92 7.50 -16.64
CA PHE D 285 43.59 6.41 -17.33
C PHE D 285 44.30 6.87 -18.58
N GLU D 286 43.76 7.88 -19.29
CA GLU D 286 44.49 8.43 -20.42
C GLU D 286 45.74 9.16 -19.96
N THR D 287 45.66 9.84 -18.81
CA THR D 287 46.88 10.36 -18.19
C THR D 287 47.83 9.23 -17.85
N PHE D 288 47.31 8.11 -17.34
CA PHE D 288 48.13 6.95 -17.05
C PHE D 288 48.73 6.35 -18.32
N ILE D 289 47.96 6.37 -19.42
CA ILE D 289 48.47 5.85 -20.69
C ILE D 289 49.66 6.67 -21.17
N LYS D 290 49.57 8.00 -21.06
CA LYS D 290 50.68 8.86 -21.48
C LYS D 290 51.93 8.59 -20.65
N GLN D 291 51.78 8.46 -19.33
CA GLN D 291 52.93 8.20 -18.48
C GLN D 291 53.58 6.86 -18.79
N GLN D 292 52.80 5.87 -19.20
CA GLN D 292 53.33 4.54 -19.48
C GLN D 292 54.09 4.47 -20.80
N ARG D 293 53.94 5.48 -21.67
CA ARG D 293 54.77 5.66 -22.87
C ARG D 293 54.77 4.42 -23.77
N GLY D 294 53.58 4.07 -24.24
CA GLY D 294 53.42 3.01 -25.21
C GLY D 294 53.24 1.62 -24.65
N LEU D 295 53.47 1.43 -23.35
CA LEU D 295 53.27 0.11 -22.76
C LEU D 295 51.79 -0.21 -22.63
N ILE D 296 50.96 0.79 -22.35
CA ILE D 296 49.53 0.61 -22.16
C ILE D 296 48.80 1.29 -23.31
N ASP D 297 47.85 0.58 -23.91
CA ASP D 297 46.98 1.14 -24.92
C ASP D 297 45.58 0.58 -24.68
N TRP D 298 44.59 1.17 -25.34
CA TRP D 298 43.24 0.66 -25.23
C TRP D 298 42.42 1.10 -26.43
N VAL D 299 41.35 0.36 -26.68
CA VAL D 299 40.23 0.87 -27.47
C VAL D 299 39.39 1.69 -26.49
N LYS D 300 39.32 3.00 -26.72
CA LYS D 300 38.62 3.87 -25.78
C LYS D 300 37.16 3.46 -25.68
N PRO D 301 36.62 3.27 -24.48
CA PRO D 301 35.22 2.87 -24.36
C PRO D 301 34.29 4.01 -24.70
N GLU D 302 33.12 3.65 -25.25
CA GLU D 302 32.14 4.65 -25.63
C GLU D 302 30.96 4.74 -24.66
N ALA D 303 30.67 3.67 -23.92
CA ALA D 303 29.59 3.70 -22.95
C ALA D 303 29.78 2.54 -21.97
N GLY D 304 29.13 2.65 -20.82
CA GLY D 304 29.15 1.58 -19.85
C GLY D 304 30.03 1.88 -18.66
N THR D 305 30.42 0.81 -17.97
CA THR D 305 31.03 0.88 -16.65
C THR D 305 32.44 0.32 -16.61
N ILE D 306 32.97 -0.21 -17.71
CA ILE D 306 34.25 -0.90 -17.70
C ILE D 306 35.09 -0.48 -18.90
N ALA D 307 36.38 -0.77 -18.81
CA ALA D 307 37.30 -0.61 -19.93
C ALA D 307 38.18 -1.85 -20.01
N PHE D 308 38.72 -2.11 -21.19
CA PHE D 308 39.47 -3.33 -21.46
C PHE D 308 40.83 -3.00 -22.07
N PRO D 309 41.68 -2.29 -21.35
CA PRO D 309 42.99 -1.93 -21.91
C PRO D 309 43.89 -3.16 -22.01
N PHE D 310 45.06 -2.97 -22.62
CA PHE D 310 45.95 -4.08 -22.86
C PHE D 310 47.40 -3.61 -22.81
N PHE D 311 48.30 -4.57 -22.60
CA PHE D 311 49.73 -4.35 -22.76
C PHE D 311 50.13 -4.53 -24.21
N THR D 312 51.01 -3.67 -24.70
CA THR D 312 51.47 -3.78 -26.07
C THR D 312 52.48 -4.90 -26.28
N ASP D 313 53.09 -5.41 -25.20
CA ASP D 313 53.90 -6.61 -25.29
C ASP D 313 52.99 -7.83 -25.39
N PRO D 314 53.04 -8.60 -26.48
CA PRO D 314 52.13 -9.74 -26.61
C PRO D 314 52.46 -10.93 -25.72
N ASN D 315 53.64 -10.98 -25.11
CA ASN D 315 54.04 -12.10 -24.26
C ASN D 315 53.65 -11.93 -22.80
N ILE D 316 53.37 -10.71 -22.35
CA ILE D 316 53.17 -10.44 -20.94
C ILE D 316 51.83 -11.02 -20.49
N ASN D 317 51.84 -11.69 -19.34
CA ASN D 317 50.63 -12.26 -18.76
C ASN D 317 50.04 -11.28 -17.76
N SER D 318 48.82 -10.83 -18.03
CA SER D 318 48.13 -9.96 -17.11
C SER D 318 47.75 -10.69 -15.83
N LYS D 319 47.53 -12.00 -15.92
CA LYS D 319 47.19 -12.78 -14.73
C LYS D 319 48.32 -12.74 -13.71
N ILE D 320 49.57 -12.75 -14.18
CA ILE D 320 50.71 -12.64 -13.27
C ILE D 320 50.80 -11.25 -12.69
N VAL D 321 50.57 -10.23 -13.53
CA VAL D 321 50.58 -8.85 -13.04
C VAL D 321 49.41 -8.61 -12.09
N ALA D 322 48.25 -9.17 -12.42
CA ALA D 322 47.08 -9.00 -11.56
C ALA D 322 47.27 -9.64 -10.20
N LYS D 323 47.96 -10.78 -10.15
CA LYS D 323 48.21 -11.42 -8.86
C LYS D 323 49.12 -10.56 -7.99
N ARG D 324 50.25 -10.10 -8.56
CA ARG D 324 51.17 -9.28 -7.77
C ARG D 324 50.47 -8.02 -7.28
N LEU D 325 49.55 -7.47 -8.07
CA LEU D 325 48.85 -6.27 -7.68
C LEU D 325 47.87 -6.53 -6.53
N VAL D 326 47.21 -7.69 -6.55
CA VAL D 326 46.19 -7.93 -5.54
C VAL D 326 46.81 -8.41 -4.22
N GLU D 327 47.94 -9.12 -4.28
CA GLU D 327 48.53 -9.61 -3.03
C GLU D 327 49.40 -8.54 -2.36
N ASP D 328 50.14 -7.76 -3.15
CA ASP D 328 51.02 -6.74 -2.60
C ASP D 328 50.33 -5.42 -2.35
N HIS D 329 49.21 -5.14 -3.02
CA HIS D 329 48.56 -3.84 -2.87
C HIS D 329 47.08 -3.92 -2.57
N GLY D 330 46.45 -5.09 -2.70
CA GLY D 330 45.04 -5.23 -2.44
C GLY D 330 44.12 -4.77 -3.56
N VAL D 331 44.66 -4.60 -4.77
CA VAL D 331 43.90 -4.08 -5.89
C VAL D 331 43.62 -5.22 -6.86
N LEU D 332 42.35 -5.45 -7.15
CA LEU D 332 41.93 -6.56 -8.00
C LEU D 332 41.51 -6.01 -9.36
N LEU D 333 42.19 -6.47 -10.41
CA LEU D 333 41.76 -6.28 -11.78
C LEU D 333 41.44 -7.65 -12.36
N LEU D 334 40.51 -7.68 -13.32
CA LEU D 334 40.14 -8.93 -13.96
C LEU D 334 41.11 -9.18 -15.11
N PRO D 335 42.00 -10.16 -15.02
CA PRO D 335 42.95 -10.38 -16.10
C PRO D 335 42.25 -10.81 -17.39
N GLY D 336 42.79 -10.35 -18.51
CA GLY D 336 42.14 -10.57 -19.80
C GLY D 336 42.05 -12.02 -20.21
N GLU D 337 42.76 -12.92 -19.53
CA GLU D 337 42.63 -14.35 -19.82
C GLU D 337 41.20 -14.82 -19.60
N ALA D 338 40.44 -14.16 -18.72
CA ALA D 338 39.03 -14.46 -18.52
C ALA D 338 38.20 -14.27 -19.78
N PHE D 339 38.74 -13.64 -20.81
CA PHE D 339 38.07 -13.51 -22.10
C PHE D 339 38.91 -14.08 -23.23
N ASP D 340 39.94 -14.87 -22.90
CA ASP D 340 40.87 -15.43 -23.88
C ASP D 340 41.61 -14.32 -24.62
N ARG D 341 41.91 -13.25 -23.90
CA ARG D 341 42.69 -12.12 -24.42
C ARG D 341 43.80 -11.85 -23.40
N PRO D 342 44.87 -12.63 -23.43
CA PRO D 342 45.84 -12.61 -22.31
C PRO D 342 46.56 -11.29 -22.11
N SER D 343 46.65 -10.43 -23.12
CA SER D 343 47.33 -9.16 -22.96
C SER D 343 46.44 -8.08 -22.35
N HIS D 344 45.14 -8.30 -22.30
CA HIS D 344 44.21 -7.32 -21.75
C HIS D 344 43.99 -7.51 -20.26
N PHE D 345 43.31 -6.53 -19.67
CA PHE D 345 42.73 -6.65 -18.34
C PHE D 345 41.54 -5.71 -18.28
N ARG D 346 40.57 -6.04 -17.44
CA ARG D 346 39.36 -5.24 -17.31
C ARG D 346 39.42 -4.42 -16.04
N ILE D 347 39.09 -3.14 -16.14
CA ILE D 347 39.12 -2.20 -15.03
C ILE D 347 37.76 -1.52 -14.94
N ALA D 348 37.29 -1.31 -13.71
CA ALA D 348 35.98 -0.72 -13.47
C ALA D 348 36.11 0.81 -13.48
N LEU D 349 35.18 1.47 -14.19
CA LEU D 349 35.20 2.92 -14.30
C LEU D 349 34.26 3.63 -13.33
N GLY D 350 33.27 2.92 -12.78
CA GLY D 350 32.28 3.56 -11.94
C GLY D 350 32.64 3.55 -10.47
N VAL D 351 33.92 3.68 -10.16
CA VAL D 351 34.42 3.73 -8.80
C VAL D 351 34.91 5.14 -8.48
N GLU D 352 35.15 5.40 -7.20
CA GLU D 352 35.68 6.68 -6.76
C GLU D 352 37.00 7.00 -7.45
N PRO D 353 37.17 8.21 -7.98
CA PRO D 353 38.45 8.56 -8.63
C PRO D 353 39.65 8.45 -7.70
N SER D 354 39.46 8.67 -6.40
CA SER D 354 40.53 8.48 -5.44
C SER D 354 40.98 7.02 -5.40
N LEU D 355 40.01 6.08 -5.43
CA LEU D 355 40.36 4.67 -5.49
C LEU D 355 40.92 4.30 -6.86
N PHE D 356 40.34 4.87 -7.92
CA PHE D 356 40.85 4.63 -9.26
C PHE D 356 42.31 5.05 -9.38
N GLN D 357 42.68 6.18 -8.75
CA GLN D 357 44.05 6.63 -8.85
C GLN D 357 44.98 5.77 -8.01
N TYR D 358 44.55 5.36 -6.82
CA TYR D 358 45.32 4.41 -6.02
C TYR D 358 45.64 3.15 -6.82
N ALA D 359 44.66 2.65 -7.56
CA ALA D 359 44.91 1.45 -8.37
C ALA D 359 45.93 1.74 -9.46
N LEU D 360 45.85 2.91 -10.09
CA LEU D 360 46.79 3.27 -11.13
C LEU D 360 48.19 3.46 -10.57
N GLU D 361 48.30 4.10 -9.40
CA GLU D 361 49.60 4.32 -8.78
C GLU D 361 50.26 3.02 -8.37
N LYS D 362 49.47 2.06 -7.87
CA LYS D 362 50.02 0.76 -7.52
C LYS D 362 50.24 -0.13 -8.74
N LEU D 363 49.39 -0.02 -9.76
CA LEU D 363 49.63 -0.76 -11.00
C LEU D 363 50.95 -0.35 -11.64
N ALA D 364 51.30 0.94 -11.53
CA ALA D 364 52.60 1.40 -12.02
C ALA D 364 53.73 0.74 -11.24
N ILE D 365 53.58 0.57 -9.93
CA ILE D 365 54.60 -0.07 -9.12
C ILE D 365 54.84 -1.50 -9.58
N VAL D 366 53.78 -2.23 -9.91
CA VAL D 366 53.95 -3.58 -10.42
C VAL D 366 54.56 -3.56 -11.82
N ILE D 367 54.24 -2.55 -12.63
CA ILE D 367 54.81 -2.47 -13.97
C ILE D 367 56.32 -2.28 -13.90
N GLU D 368 56.78 -1.28 -13.15
CA GLU D 368 58.21 -1.05 -13.02
C GLU D 368 58.93 -2.31 -12.58
N THR D 369 58.47 -2.92 -11.48
CA THR D 369 59.13 -4.07 -10.89
C THR D 369 58.38 -5.36 -11.20
#